data_7N06
#
_entry.id   7N06
#
_cell.length_a   1.00
_cell.length_b   1.00
_cell.length_c   1.00
_cell.angle_alpha   90.00
_cell.angle_beta   90.00
_cell.angle_gamma   90.00
#
_symmetry.space_group_name_H-M   'P 1'
#
loop_
_entity.id
_entity.type
_entity.pdbx_description
1 polymer 'Uridylate-specific endoribonuclease'
2 polymer "RNA (5'-R(*AP*UP*A)-3')"
3 water water
#
loop_
_entity_poly.entity_id
_entity_poly.type
_entity_poly.pdbx_seq_one_letter_code
_entity_poly.pdbx_strand_id
1 'polypeptide(L)'
;MGSSHHHHHHSSGLVPRGSHMLEENLYFQSLEMSLENVAFNVVNKGHFDGQQGEVPVSIINNTVYTKVDGVDVELFENKT
TLPVNVAFELWAKRNIKPVPEVKILNNLGVDIAANTVIWDYKRDAPAHISTIGVCSMTDIAKKPTETICAPLTVFFDGRV
DGQVDLFRNARNGVLITEGSVKGLQPSVGPKQASLNGVTLIGEAVKTQFNYYKKVDGVVQQLPETYFTQSRNLQEFKPRS
QMEIDFLELAMDEFIERYKLEGYAFEHIVYGDFSHSQLGGLHLLIGLAKRFKESPFELEDFIPMDSTVKNYFITDAQTGS
SKCVCSVIDLLLDDFVEIIKSQDLSVVSKVVKVTIDYTEISFMLWCKDGHVETFYPKL
;
A,B,C,D,E,F
2 'polyribonucleotide' AUA G,H,I,J,K,L
#
# COMPACT_ATOMS: atom_id res chain seq x y z
N GLU A 32 -10.55 29.60 -1.76
CA GLU A 32 -9.79 28.45 -2.25
C GLU A 32 -9.94 27.24 -1.34
N MET A 33 -10.48 26.16 -1.88
CA MET A 33 -10.61 24.90 -1.17
C MET A 33 -9.65 23.90 -1.80
N SER A 34 -8.44 23.84 -1.26
CA SER A 34 -7.41 23.02 -1.86
C SER A 34 -6.50 22.42 -0.80
N LEU A 35 -5.83 21.34 -1.18
CA LEU A 35 -4.94 20.64 -0.28
C LEU A 35 -3.72 21.49 0.09
N GLU A 36 -3.19 22.26 -0.87
CA GLU A 36 -2.00 23.07 -0.60
C GLU A 36 -2.31 24.25 0.31
N ASN A 37 -3.51 24.79 0.22
CA ASN A 37 -3.93 25.86 1.11
C ASN A 37 -4.24 25.33 2.51
N VAL A 38 -4.81 24.14 2.61
CA VAL A 38 -4.99 23.51 3.91
C VAL A 38 -3.63 23.31 4.57
N ALA A 39 -2.63 22.86 3.80
CA ALA A 39 -1.30 22.64 4.35
C ALA A 39 -0.61 23.94 4.71
N PHE A 40 -0.88 25.02 3.97
CA PHE A 40 -0.36 26.32 4.34
C PHE A 40 -0.89 26.75 5.71
N ASN A 41 -2.18 26.54 5.96
CA ASN A 41 -2.77 26.92 7.23
C ASN A 41 -2.21 26.08 8.38
N VAL A 42 -2.01 24.79 8.15
CA VAL A 42 -1.45 23.93 9.20
C VAL A 42 -0.03 24.36 9.53
N VAL A 43 0.78 24.62 8.51
CA VAL A 43 2.18 24.95 8.73
C VAL A 43 2.32 26.31 9.43
N ASN A 44 1.46 27.26 9.12
CA ASN A 44 1.61 28.62 9.64
C ASN A 44 0.70 28.93 10.82
N LYS A 45 -0.42 28.23 10.97
CA LYS A 45 -1.37 28.54 12.02
C LYS A 45 -1.64 27.37 12.95
N GLY A 46 -1.03 26.22 12.72
CA GLY A 46 -1.27 25.04 13.52
C GLY A 46 -2.55 24.29 13.19
N HIS A 47 -3.46 24.88 12.45
CA HIS A 47 -4.73 24.28 12.09
C HIS A 47 -5.32 25.15 10.98
N PHE A 48 -6.43 24.70 10.40
CA PHE A 48 -7.04 25.49 9.34
C PHE A 48 -7.65 26.74 9.92
N ASP A 49 -7.22 27.88 9.39
CA ASP A 49 -7.61 29.18 9.91
C ASP A 49 -8.18 30.08 8.82
N GLY A 50 -8.35 29.57 7.61
CA GLY A 50 -8.84 30.39 6.53
C GLY A 50 -7.87 31.43 6.02
N GLN A 51 -6.57 31.19 6.16
CA GLN A 51 -5.58 32.07 5.57
C GLN A 51 -5.37 31.73 4.11
N GLN A 52 -4.87 32.69 3.35
CA GLN A 52 -4.54 32.49 1.95
C GLN A 52 -3.07 32.16 1.80
N GLY A 53 -2.77 31.26 0.89
CA GLY A 53 -1.41 30.82 0.66
C GLY A 53 -1.35 29.36 0.30
N GLU A 54 -0.20 28.90 -0.17
CA GLU A 54 -0.02 27.51 -0.54
C GLU A 54 1.39 27.08 -0.18
N VAL A 55 1.52 25.82 0.20
CA VAL A 55 2.85 25.20 0.30
C VAL A 55 2.84 23.94 -0.56
N PRO A 56 3.98 23.50 -1.07
CA PRO A 56 4.00 22.23 -1.82
C PRO A 56 3.84 21.03 -0.91
N VAL A 57 3.13 20.03 -1.40
CA VAL A 57 2.75 18.85 -0.63
C VAL A 57 3.07 17.60 -1.43
N SER A 58 3.54 16.57 -0.75
CA SER A 58 3.67 15.24 -1.33
C SER A 58 2.78 14.28 -0.54
N ILE A 59 2.05 13.45 -1.26
CA ILE A 59 1.23 12.41 -0.67
C ILE A 59 1.87 11.07 -1.01
N ILE A 60 2.27 10.34 0.02
CA ILE A 60 2.84 9.01 -0.13
C ILE A 60 2.32 8.16 1.00
N ASN A 61 2.12 6.88 0.71
CA ASN A 61 1.59 5.93 1.69
C ASN A 61 0.24 6.49 2.12
N ASN A 62 -0.03 6.63 3.40
CA ASN A 62 -1.22 7.31 3.88
C ASN A 62 -0.83 8.59 4.61
N THR A 63 0.17 9.30 4.10
CA THR A 63 0.83 10.36 4.83
C THR A 63 0.96 11.61 3.97
N VAL A 64 0.79 12.76 4.58
CA VAL A 64 0.96 14.05 3.92
C VAL A 64 2.30 14.62 4.34
N TYR A 65 3.12 15.00 3.38
CA TYR A 65 4.41 15.61 3.63
C TYR A 65 4.46 17.00 3.03
N THR A 66 5.31 17.83 3.59
CA THR A 66 5.59 19.13 3.04
C THR A 66 7.09 19.35 3.08
N LYS A 67 7.57 20.24 2.23
CA LYS A 67 8.99 20.46 2.06
C LYS A 67 9.43 21.69 2.84
N VAL A 68 10.39 21.52 3.74
CA VAL A 68 10.96 22.60 4.52
C VAL A 68 12.47 22.54 4.36
N ASP A 69 13.05 23.60 3.80
CA ASP A 69 14.48 23.66 3.48
C ASP A 69 14.91 22.46 2.65
N GLY A 70 14.09 22.09 1.68
CA GLY A 70 14.44 21.03 0.76
C GLY A 70 14.28 19.62 1.27
N VAL A 71 13.78 19.41 2.47
CA VAL A 71 13.53 18.04 2.93
C VAL A 71 12.06 17.89 3.28
N ASP A 72 11.59 16.65 3.20
CA ASP A 72 10.19 16.34 3.43
C ASP A 72 9.90 16.19 4.92
N VAL A 73 8.88 16.88 5.39
CA VAL A 73 8.45 16.83 6.78
C VAL A 73 7.03 16.32 6.80
N GLU A 74 6.78 15.31 7.61
CA GLU A 74 5.43 14.76 7.72
C GLU A 74 4.53 15.72 8.47
N LEU A 75 3.38 16.02 7.88
CA LEU A 75 2.35 16.82 8.53
C LEU A 75 1.25 16.00 9.16
N PHE A 76 0.95 14.84 8.60
CA PHE A 76 -0.27 14.12 8.94
C PHE A 76 -0.15 12.68 8.50
N GLU A 77 -0.49 11.76 9.39
CA GLU A 77 -0.59 10.35 9.06
C GLU A 77 -2.05 9.93 9.18
N ASN A 78 -2.61 9.42 8.10
CA ASN A 78 -4.01 9.06 8.07
C ASN A 78 -4.24 7.75 8.83
N LYS A 79 -5.01 7.81 9.90
CA LYS A 79 -5.46 6.63 10.63
C LYS A 79 -6.90 6.29 10.36
N THR A 80 -7.61 7.12 9.59
CA THR A 80 -9.01 6.91 9.32
C THR A 80 -9.20 5.92 8.18
N THR A 81 -10.45 5.59 7.90
CA THR A 81 -10.81 4.82 6.72
C THR A 81 -11.15 5.70 5.53
N LEU A 82 -10.87 6.97 5.60
CA LEU A 82 -11.12 7.94 4.54
C LEU A 82 -9.90 8.08 3.65
N PRO A 83 -10.05 8.66 2.46
CA PRO A 83 -8.87 9.01 1.66
C PRO A 83 -7.99 9.99 2.40
N VAL A 84 -6.69 9.85 2.19
CA VAL A 84 -5.70 10.59 2.99
C VAL A 84 -5.92 12.09 2.90
N ASN A 85 -6.23 12.60 1.70
CA ASN A 85 -6.39 14.03 1.53
C ASN A 85 -7.70 14.53 2.14
N VAL A 86 -8.71 13.67 2.21
CA VAL A 86 -9.97 14.06 2.86
C VAL A 86 -9.79 14.07 4.37
N ALA A 87 -9.15 13.03 4.92
CA ALA A 87 -8.90 12.99 6.35
C ALA A 87 -8.03 14.15 6.80
N PHE A 88 -7.00 14.50 6.02
CA PHE A 88 -6.13 15.62 6.36
C PHE A 88 -6.90 16.92 6.49
N GLU A 89 -7.82 17.20 5.56
CA GLU A 89 -8.58 18.43 5.62
C GLU A 89 -9.56 18.43 6.79
N LEU A 90 -10.21 17.30 7.05
CA LEU A 90 -11.13 17.24 8.19
C LEU A 90 -10.39 17.43 9.50
N TRP A 91 -9.18 16.88 9.61
CA TRP A 91 -8.38 17.06 10.81
C TRP A 91 -7.94 18.51 10.98
N ALA A 92 -7.53 19.15 9.90
CA ALA A 92 -7.12 20.55 9.98
C ALA A 92 -8.28 21.46 10.36
N LYS A 93 -9.51 21.07 10.05
CA LYS A 93 -10.69 21.87 10.33
C LYS A 93 -11.40 21.45 11.60
N ARG A 94 -10.75 20.67 12.45
CA ARG A 94 -11.33 20.24 13.71
C ARG A 94 -11.63 21.43 14.61
N ASN A 95 -12.66 21.28 15.43
CA ASN A 95 -13.00 22.28 16.43
C ASN A 95 -11.91 22.33 17.48
N ILE A 96 -11.34 23.51 17.70
CA ILE A 96 -10.29 23.69 18.69
C ILE A 96 -10.80 24.43 19.92
N LYS A 97 -12.10 24.45 20.13
CA LYS A 97 -12.69 24.94 21.36
C LYS A 97 -13.06 23.76 22.25
N PRO A 98 -13.36 24.01 23.53
CA PRO A 98 -13.89 22.93 24.37
C PRO A 98 -15.21 22.43 23.79
N VAL A 99 -15.27 21.13 23.54
CA VAL A 99 -16.48 20.52 22.99
C VAL A 99 -16.89 19.37 23.88
N PRO A 100 -18.17 18.99 23.84
CA PRO A 100 -18.60 17.80 24.59
C PRO A 100 -17.81 16.57 24.19
N GLU A 101 -17.59 15.69 25.15
CA GLU A 101 -16.95 14.44 24.84
C GLU A 101 -17.79 13.62 23.88
N VAL A 102 -17.10 12.87 23.02
CA VAL A 102 -17.78 12.14 21.95
C VAL A 102 -18.85 11.21 22.50
N LYS A 103 -18.58 10.60 23.66
CA LYS A 103 -19.55 9.69 24.27
C LYS A 103 -20.84 10.40 24.65
N ILE A 104 -20.78 11.68 25.02
CA ILE A 104 -22.00 12.42 25.32
C ILE A 104 -22.81 12.66 24.05
N LEU A 105 -22.14 13.02 22.97
CA LEU A 105 -22.84 13.24 21.70
C LEU A 105 -23.42 11.95 21.16
N ASN A 106 -22.71 10.84 21.33
CA ASN A 106 -23.24 9.55 20.90
C ASN A 106 -24.49 9.18 21.70
N ASN A 107 -24.46 9.40 23.01
CA ASN A 107 -25.61 9.05 23.84
C ASN A 107 -26.82 9.90 23.51
N LEU A 108 -26.62 11.14 23.08
CA LEU A 108 -27.72 12.00 22.68
C LEU A 108 -28.16 11.76 21.25
N GLY A 109 -27.54 10.83 20.55
CA GLY A 109 -27.93 10.51 19.20
C GLY A 109 -27.53 11.50 18.15
N VAL A 110 -26.48 12.30 18.39
CA VAL A 110 -26.01 13.24 17.38
C VAL A 110 -25.52 12.46 16.16
N ASP A 111 -25.92 12.91 14.98
CA ASP A 111 -25.48 12.29 13.74
C ASP A 111 -24.40 13.09 13.03
N ILE A 112 -24.37 14.40 13.23
CA ILE A 112 -23.64 15.30 12.36
C ILE A 112 -23.55 16.65 13.05
N ALA A 113 -22.51 17.41 12.76
CA ALA A 113 -22.33 18.74 13.34
C ALA A 113 -22.60 19.81 12.31
N ALA A 114 -23.20 20.91 12.74
CA ALA A 114 -23.43 22.05 11.87
C ALA A 114 -22.15 22.87 11.76
N ASN A 115 -21.51 22.80 10.60
CA ASN A 115 -20.44 23.72 10.21
C ASN A 115 -19.19 23.58 11.09
N THR A 116 -18.87 22.37 11.51
CA THR A 116 -17.65 22.14 12.25
C THR A 116 -17.34 20.66 12.22
N VAL A 117 -16.11 20.30 12.57
CA VAL A 117 -15.67 18.93 12.67
C VAL A 117 -15.37 18.63 14.11
N ILE A 118 -16.02 17.62 14.66
CA ILE A 118 -15.64 17.07 15.97
C ILE A 118 -14.65 15.96 15.71
N TRP A 119 -13.41 16.17 16.12
CA TRP A 119 -12.41 15.13 15.98
C TRP A 119 -12.50 14.17 17.16
N ASP A 120 -12.47 12.89 16.87
CA ASP A 120 -12.52 11.84 17.88
C ASP A 120 -11.07 11.40 18.12
N TYR A 121 -10.49 11.86 19.21
CA TYR A 121 -9.09 11.57 19.50
C TYR A 121 -8.86 10.15 20.00
N LYS A 122 -9.89 9.48 20.53
CA LYS A 122 -9.73 8.07 20.86
C LYS A 122 -9.53 7.23 19.61
N ARG A 123 -10.30 7.50 18.57
CA ARG A 123 -10.18 6.81 17.31
C ARG A 123 -9.22 7.48 16.35
N ASP A 124 -8.78 8.70 16.64
CA ASP A 124 -7.94 9.50 15.73
C ASP A 124 -8.62 9.66 14.37
N ALA A 125 -9.88 10.05 14.39
CA ALA A 125 -10.72 10.09 13.21
C ALA A 125 -11.83 11.10 13.47
N PRO A 126 -12.58 11.48 12.44
CA PRO A 126 -13.76 12.32 12.68
C PRO A 126 -14.83 11.55 13.44
N ALA A 127 -15.53 12.25 14.33
CA ALA A 127 -16.60 11.64 15.08
C ALA A 127 -17.77 11.25 14.19
N HIS A 128 -18.00 11.96 13.11
CA HIS A 128 -19.19 11.77 12.29
C HIS A 128 -18.81 11.51 10.85
N ILE A 129 -19.64 10.70 10.19
CA ILE A 129 -19.31 10.23 8.85
C ILE A 129 -19.44 11.35 7.82
N SER A 130 -20.40 12.25 7.99
CA SER A 130 -20.67 13.31 7.05
C SER A 130 -20.49 14.67 7.72
N THR A 131 -20.48 15.71 6.91
CA THR A 131 -20.33 17.08 7.39
C THR A 131 -21.39 17.97 6.77
N ILE A 132 -21.49 19.18 7.29
CA ILE A 132 -22.38 20.22 6.79
C ILE A 132 -21.53 21.47 6.64
N GLY A 133 -21.24 21.85 5.40
CA GLY A 133 -20.49 23.07 5.15
C GLY A 133 -19.05 23.05 5.59
N VAL A 134 -18.34 21.96 5.36
CA VAL A 134 -16.97 21.83 5.83
C VAL A 134 -16.04 21.45 4.70
N CYS A 135 -16.37 20.36 4.00
CA CYS A 135 -15.47 19.75 3.02
C CYS A 135 -16.29 19.18 1.88
N SER A 136 -15.85 19.44 0.65
CA SER A 136 -16.65 19.06 -0.52
C SER A 136 -16.80 17.55 -0.61
N MET A 137 -15.76 16.80 -0.24
CA MET A 137 -15.82 15.35 -0.38
C MET A 137 -16.66 14.68 0.69
N THR A 138 -17.06 15.37 1.75
CA THR A 138 -17.89 14.76 2.78
C THR A 138 -19.18 15.52 3.09
N ASP A 139 -19.36 16.72 2.58
CA ASP A 139 -20.58 17.47 2.86
C ASP A 139 -21.78 16.78 2.26
N ILE A 140 -22.87 16.73 3.02
CA ILE A 140 -24.17 16.39 2.49
C ILE A 140 -25.04 17.62 2.28
N ALA A 141 -24.57 18.79 2.71
CA ALA A 141 -25.27 20.06 2.60
C ALA A 141 -24.29 21.14 2.98
N LYS A 142 -24.59 22.37 2.57
CA LYS A 142 -23.80 23.49 3.03
C LYS A 142 -24.38 24.15 4.27
N LYS A 143 -25.68 24.04 4.48
CA LYS A 143 -26.35 24.59 5.63
C LYS A 143 -27.21 23.52 6.28
N PRO A 144 -27.40 23.59 7.60
CA PRO A 144 -28.26 22.62 8.27
C PRO A 144 -29.74 22.79 7.96
N THR A 145 -30.14 23.88 7.30
CA THR A 145 -31.53 24.08 6.94
C THR A 145 -31.96 23.29 5.71
N GLU A 146 -31.03 22.68 5.00
CA GLU A 146 -31.38 21.91 3.82
C GLU A 146 -32.13 20.64 4.20
N THR A 147 -33.04 20.22 3.33
CA THR A 147 -34.02 19.20 3.67
C THR A 147 -33.38 17.85 3.97
N ILE A 148 -32.18 17.58 3.47
CA ILE A 148 -31.54 16.31 3.77
C ILE A 148 -31.07 16.23 5.22
N CYS A 149 -30.99 17.37 5.91
CA CYS A 149 -30.55 17.42 7.29
C CYS A 149 -31.70 17.26 8.28
N ALA A 150 -32.92 17.60 7.87
CA ALA A 150 -34.06 17.58 8.77
C ALA A 150 -34.28 16.26 9.49
N PRO A 151 -34.08 15.08 8.89
CA PRO A 151 -34.20 13.85 9.67
C PRO A 151 -32.97 13.48 10.50
N LEU A 152 -31.87 14.22 10.37
CA LEU A 152 -30.69 13.94 11.16
C LEU A 152 -30.68 14.79 12.42
N THR A 153 -30.14 14.23 13.49
CA THR A 153 -29.94 14.99 14.72
C THR A 153 -28.65 15.79 14.57
N VAL A 154 -28.79 17.08 14.39
CA VAL A 154 -27.67 17.96 14.11
C VAL A 154 -27.21 18.60 15.41
N PHE A 155 -25.91 18.61 15.63
CA PHE A 155 -25.32 19.25 16.80
C PHE A 155 -25.09 20.73 16.51
N PHE A 156 -25.65 21.58 17.35
CA PHE A 156 -25.48 23.02 17.25
C PHE A 156 -24.69 23.55 18.44
N ASP A 157 -24.01 24.67 18.24
CA ASP A 157 -23.10 25.24 19.21
C ASP A 157 -23.46 26.70 19.43
N GLY A 158 -24.05 27.00 20.60
CA GLY A 158 -24.52 28.35 20.88
C GLY A 158 -23.43 29.40 20.95
N ARG A 159 -22.17 28.99 21.05
CA ARG A 159 -21.08 29.96 21.02
C ARG A 159 -20.78 30.49 19.64
N VAL A 160 -21.37 29.92 18.60
CA VAL A 160 -21.24 30.40 17.24
C VAL A 160 -22.49 31.19 16.90
N ASP A 161 -22.32 32.31 16.23
CA ASP A 161 -23.42 33.23 15.96
C ASP A 161 -24.46 32.61 15.05
N GLY A 162 -25.72 32.78 15.41
CA GLY A 162 -26.83 32.31 14.62
C GLY A 162 -27.21 30.87 14.81
N GLN A 163 -26.46 30.10 15.60
CA GLN A 163 -26.73 28.67 15.73
C GLN A 163 -27.79 28.36 16.76
N VAL A 164 -28.03 29.25 17.72
CA VAL A 164 -29.19 29.09 18.58
C VAL A 164 -30.47 29.23 17.78
N ASP A 165 -30.48 30.13 16.80
CA ASP A 165 -31.67 30.29 15.97
C ASP A 165 -31.83 29.14 14.99
N LEU A 166 -30.71 28.60 14.48
CA LEU A 166 -30.79 27.43 13.62
C LEU A 166 -31.37 26.25 14.37
N PHE A 167 -30.98 26.06 15.63
CA PHE A 167 -31.57 25.00 16.43
C PHE A 167 -33.05 25.23 16.67
N ARG A 168 -33.45 26.50 16.88
CA ARG A 168 -34.86 26.81 17.08
C ARG A 168 -35.71 26.36 15.91
N ASN A 169 -35.16 26.41 14.70
CA ASN A 169 -35.89 26.00 13.51
C ASN A 169 -35.58 24.59 13.06
N ALA A 170 -34.53 23.99 13.59
CA ALA A 170 -34.19 22.62 13.23
C ALA A 170 -35.28 21.67 13.67
N ARG A 171 -35.38 20.55 12.98
CA ARG A 171 -36.34 19.52 13.35
C ARG A 171 -35.77 18.62 14.44
N ASN A 172 -34.54 18.15 14.25
CA ASN A 172 -33.87 17.25 15.18
C ASN A 172 -32.49 17.81 15.50
N GLY A 173 -32.28 18.22 16.73
CA GLY A 173 -31.02 18.85 17.07
C GLY A 173 -30.66 18.72 18.52
N VAL A 174 -29.37 18.85 18.78
CA VAL A 174 -28.84 19.02 20.12
C VAL A 174 -28.11 20.36 20.15
N LEU A 175 -28.39 21.16 21.17
CA LEU A 175 -27.79 22.48 21.32
C LEU A 175 -27.05 22.55 22.63
N ILE A 176 -25.83 23.10 22.60
CA ILE A 176 -25.11 23.43 23.82
C ILE A 176 -24.93 24.94 23.89
N THR A 177 -25.08 25.50 25.08
CA THR A 177 -24.75 26.88 25.34
C THR A 177 -23.96 26.99 26.62
N GLU A 178 -23.32 28.13 26.79
CA GLU A 178 -22.70 28.48 28.06
C GLU A 178 -23.67 29.17 29.00
N GLY A 179 -24.60 29.96 28.46
CA GLY A 179 -25.56 30.66 29.28
C GLY A 179 -26.97 30.19 29.09
N SER A 180 -27.94 31.05 29.36
CA SER A 180 -29.35 30.71 29.23
C SER A 180 -29.85 30.99 27.83
N VAL A 181 -30.82 30.20 27.41
CA VAL A 181 -31.53 30.40 26.15
C VAL A 181 -32.93 30.84 26.50
N LYS A 182 -33.34 31.99 25.96
CA LYS A 182 -34.68 32.49 26.23
C LYS A 182 -35.73 31.53 25.70
N GLY A 183 -36.61 31.06 26.57
CA GLY A 183 -37.69 30.19 26.19
C GLY A 183 -37.50 28.73 26.51
N LEU A 184 -36.29 28.28 26.82
CA LEU A 184 -35.99 26.86 26.92
C LEU A 184 -35.45 26.52 28.30
N GLN A 185 -35.88 25.40 28.82
CA GLN A 185 -35.35 24.89 30.08
C GLN A 185 -34.04 24.16 29.83
N PRO A 186 -32.97 24.50 30.53
CA PRO A 186 -31.68 23.86 30.30
C PRO A 186 -31.54 22.56 31.07
N SER A 187 -30.64 21.73 30.57
CA SER A 187 -30.13 20.59 31.31
C SER A 187 -28.65 20.83 31.54
N VAL A 188 -28.24 20.83 32.80
CA VAL A 188 -26.84 21.06 33.13
C VAL A 188 -26.04 19.81 32.81
N GLY A 189 -25.01 19.98 31.99
CA GLY A 189 -24.22 18.85 31.53
C GLY A 189 -23.08 18.53 32.47
N PRO A 190 -22.14 17.70 32.01
CA PRO A 190 -20.97 17.40 32.83
C PRO A 190 -20.09 18.63 33.02
N LYS A 191 -19.26 18.56 34.04
CA LYS A 191 -18.34 19.65 34.33
C LYS A 191 -17.17 19.70 33.35
N GLN A 192 -16.81 18.57 32.79
CA GLN A 192 -15.64 18.49 31.92
C GLN A 192 -16.07 18.54 30.46
N ALA A 193 -15.13 18.98 29.63
CA ALA A 193 -15.28 18.93 28.18
C ALA A 193 -13.93 18.55 27.60
N SER A 194 -13.86 18.47 26.28
CA SER A 194 -12.66 18.05 25.58
C SER A 194 -12.09 19.24 24.82
N LEU A 195 -10.82 19.53 25.05
CA LEU A 195 -10.11 20.61 24.38
C LEU A 195 -8.87 20.04 23.70
N ASN A 196 -8.92 19.93 22.38
CA ASN A 196 -7.83 19.36 21.59
C ASN A 196 -7.45 17.97 22.06
N GLY A 197 -8.44 17.18 22.42
CA GLY A 197 -8.19 15.85 22.91
C GLY A 197 -7.91 15.73 24.39
N VAL A 198 -7.81 16.84 25.11
CA VAL A 198 -7.55 16.83 26.54
C VAL A 198 -8.88 17.04 27.26
N THR A 199 -9.27 16.08 28.08
CA THR A 199 -10.47 16.24 28.89
C THR A 199 -10.12 17.04 30.14
N LEU A 200 -10.84 18.13 30.37
CA LEU A 200 -10.52 18.97 31.50
C LEU A 200 -11.75 19.70 32.01
N ILE A 201 -11.72 20.04 33.28
CA ILE A 201 -12.69 20.95 33.87
C ILE A 201 -12.07 22.34 33.79
N GLY A 202 -12.67 23.21 32.99
CA GLY A 202 -12.00 24.44 32.60
C GLY A 202 -12.02 25.51 33.68
N GLU A 203 -10.93 26.26 33.75
CA GLU A 203 -10.80 27.42 34.62
C GLU A 203 -10.63 28.70 33.84
N ALA A 204 -9.70 28.72 32.89
CA ALA A 204 -9.56 29.85 31.97
C ALA A 204 -10.60 29.84 30.87
N VAL A 205 -11.30 28.71 30.68
CA VAL A 205 -12.33 28.56 29.67
C VAL A 205 -13.48 27.79 30.31
N LYS A 206 -14.67 27.96 29.73
CA LYS A 206 -15.86 27.28 30.23
C LYS A 206 -15.99 25.91 29.58
N THR A 207 -16.15 24.88 30.40
CA THR A 207 -16.37 23.53 29.89
C THR A 207 -17.71 22.96 30.33
N GLN A 208 -18.49 23.70 31.07
CA GLN A 208 -19.77 23.25 31.61
C GLN A 208 -20.89 23.87 30.79
N PHE A 209 -21.58 23.04 30.01
CA PHE A 209 -22.57 23.51 29.05
C PHE A 209 -23.99 23.22 29.54
N ASN A 210 -24.93 24.01 29.06
CA ASN A 210 -26.33 23.63 29.07
C ASN A 210 -26.63 22.83 27.82
N TYR A 211 -27.52 21.86 27.95
CA TYR A 211 -27.89 20.99 26.84
C TYR A 211 -29.39 21.11 26.55
N TYR A 212 -29.72 21.11 25.27
CA TYR A 212 -31.10 21.13 24.80
C TYR A 212 -31.23 20.13 23.67
N LYS A 213 -32.41 19.53 23.55
CA LYS A 213 -32.64 18.54 22.50
C LYS A 213 -34.01 18.75 21.89
N LYS A 214 -34.08 18.62 20.57
CA LYS A 214 -35.34 18.62 19.84
C LYS A 214 -35.49 17.33 19.07
N VAL A 215 -36.68 16.76 19.10
CA VAL A 215 -37.00 15.55 18.35
C VAL A 215 -38.28 15.80 17.58
N ASP A 216 -38.22 15.68 16.25
CA ASP A 216 -39.38 15.85 15.38
C ASP A 216 -40.07 17.18 15.62
N GLY A 217 -39.28 18.21 15.91
CA GLY A 217 -39.77 19.54 16.06
C GLY A 217 -40.14 19.95 17.47
N VAL A 218 -40.14 19.02 18.42
CA VAL A 218 -40.56 19.32 19.80
C VAL A 218 -39.35 19.29 20.71
N VAL A 219 -39.23 20.32 21.55
CA VAL A 219 -38.18 20.34 22.57
C VAL A 219 -38.43 19.24 23.58
N GLN A 220 -37.41 18.44 23.85
CA GLN A 220 -37.48 17.34 24.79
C GLN A 220 -37.01 17.76 26.16
N GLN A 221 -37.47 17.05 27.16
CA GLN A 221 -36.95 17.19 28.52
C GLN A 221 -35.90 16.10 28.73
N LEU A 222 -34.68 16.51 28.92
CA LEU A 222 -33.64 15.52 29.12
C LEU A 222 -33.70 14.96 30.54
N PRO A 223 -33.52 13.65 30.70
CA PRO A 223 -33.66 13.05 32.03
C PRO A 223 -32.56 13.49 32.97
N GLU A 224 -32.85 13.38 34.26
CA GLU A 224 -31.81 13.48 35.26
C GLU A 224 -30.83 12.34 35.10
N THR A 225 -29.57 12.60 35.40
CA THR A 225 -28.52 11.69 34.98
C THR A 225 -27.29 11.88 35.86
N TYR A 226 -26.58 10.79 36.10
CA TYR A 226 -25.21 10.90 36.56
C TYR A 226 -24.29 11.15 35.37
N PHE A 227 -23.07 11.55 35.65
CA PHE A 227 -22.06 11.73 34.62
C PHE A 227 -20.81 10.98 35.02
N THR A 228 -20.24 10.24 34.08
CA THR A 228 -18.90 9.72 34.29
C THR A 228 -17.90 10.86 34.33
N GLN A 229 -16.70 10.56 34.81
CA GLN A 229 -15.72 11.58 35.15
C GLN A 229 -14.58 11.71 34.14
N SER A 230 -14.41 10.74 33.25
CA SER A 230 -13.46 10.82 32.14
C SER A 230 -12.02 10.90 32.62
N ARG A 231 -11.68 10.17 33.67
CA ARG A 231 -10.32 10.15 34.17
C ARG A 231 -9.56 8.96 33.60
N ASN A 232 -8.25 9.00 33.70
CA ASN A 232 -7.43 7.90 33.24
C ASN A 232 -6.63 7.31 34.40
N LEU A 233 -6.06 6.13 34.15
CA LEU A 233 -5.51 5.31 35.21
C LEU A 233 -4.30 5.95 35.87
N GLN A 234 -3.30 6.32 35.08
CA GLN A 234 -2.04 6.78 35.65
C GLN A 234 -2.13 8.19 36.22
N GLU A 235 -3.04 9.02 35.72
CA GLU A 235 -3.17 10.39 36.18
C GLU A 235 -4.36 10.59 37.10
N PHE A 236 -4.80 9.55 37.80
CA PHE A 236 -6.06 9.62 38.51
C PHE A 236 -5.95 10.56 39.70
N LYS A 237 -6.92 11.47 39.81
CA LYS A 237 -6.98 12.40 40.92
C LYS A 237 -8.39 12.40 41.49
N PRO A 238 -8.55 12.31 42.80
CA PRO A 238 -9.89 12.21 43.39
C PRO A 238 -10.63 13.53 43.31
N ARG A 239 -11.96 13.44 43.45
CA ARG A 239 -12.82 14.61 43.33
C ARG A 239 -13.82 14.70 44.47
N SER A 240 -13.57 14.01 45.57
CA SER A 240 -14.36 14.17 46.79
C SER A 240 -13.54 13.65 47.96
N GLN A 241 -14.06 13.88 49.15
CA GLN A 241 -13.40 13.35 50.35
C GLN A 241 -13.46 11.84 50.39
N MET A 242 -14.58 11.26 49.96
CA MET A 242 -14.71 9.81 49.93
C MET A 242 -13.69 9.20 48.98
N GLU A 243 -13.41 9.86 47.87
CA GLU A 243 -12.39 9.34 46.96
C GLU A 243 -10.99 9.58 47.47
N ILE A 244 -10.77 10.63 48.25
CA ILE A 244 -9.49 10.81 48.91
C ILE A 244 -9.30 9.74 49.97
N ASP A 245 -10.34 9.49 50.76
CA ASP A 245 -10.29 8.46 51.78
C ASP A 245 -10.04 7.09 51.15
N PHE A 246 -10.73 6.80 50.05
CA PHE A 246 -10.58 5.51 49.40
C PHE A 246 -9.15 5.26 48.96
N LEU A 247 -8.49 6.29 48.45
CA LEU A 247 -7.15 6.09 47.93
C LEU A 247 -6.08 6.03 49.01
N GLU A 248 -6.38 6.51 50.21
CA GLU A 248 -5.42 6.52 51.31
C GLU A 248 -5.68 5.39 52.30
N LEU A 249 -6.91 5.25 52.76
CA LEU A 249 -7.21 4.29 53.83
C LEU A 249 -7.02 2.86 53.34
N ALA A 250 -6.80 1.98 54.31
CA ALA A 250 -6.88 0.55 54.03
C ALA A 250 -8.32 0.18 53.72
N MET A 251 -8.48 -0.95 53.03
CA MET A 251 -9.80 -1.36 52.57
C MET A 251 -10.78 -1.52 53.72
N ASP A 252 -10.34 -2.14 54.80
CA ASP A 252 -11.24 -2.39 55.94
C ASP A 252 -11.65 -1.09 56.61
N GLU A 253 -10.72 -0.16 56.77
CA GLU A 253 -11.05 1.15 57.34
C GLU A 253 -12.12 1.85 56.52
N PHE A 254 -11.92 1.92 55.20
CA PHE A 254 -12.83 2.66 54.35
C PHE A 254 -14.23 2.10 54.45
N ILE A 255 -14.37 0.78 54.41
CA ILE A 255 -15.69 0.16 54.36
C ILE A 255 -16.46 0.46 55.64
N GLU A 256 -15.78 0.40 56.78
CA GLU A 256 -16.44 0.69 58.05
C GLU A 256 -16.81 2.16 58.15
N ARG A 257 -15.85 3.05 57.87
CA ARG A 257 -16.09 4.47 58.03
C ARG A 257 -17.32 4.93 57.26
N TYR A 258 -17.49 4.46 56.05
CA TYR A 258 -18.62 4.84 55.24
C TYR A 258 -19.75 3.83 55.28
N LYS A 259 -19.67 2.84 56.17
CA LYS A 259 -20.77 1.93 56.47
C LYS A 259 -21.20 1.16 55.22
N LEU A 260 -20.24 0.49 54.61
CA LEU A 260 -20.47 -0.21 53.35
C LEU A 260 -20.51 -1.71 53.51
N GLU A 261 -20.77 -2.21 54.72
CA GLU A 261 -20.92 -3.64 54.92
C GLU A 261 -22.12 -4.17 54.17
N GLY A 262 -21.96 -5.33 53.55
CA GLY A 262 -23.04 -5.97 52.84
C GLY A 262 -23.22 -5.52 51.41
N TYR A 263 -22.36 -4.65 50.89
CA TYR A 263 -22.46 -4.18 49.52
C TYR A 263 -21.35 -4.72 48.63
N ALA A 264 -20.51 -5.62 49.16
CA ALA A 264 -19.49 -6.32 48.38
C ALA A 264 -18.51 -5.36 47.73
N PHE A 265 -18.09 -4.33 48.46
CA PHE A 265 -17.11 -3.39 47.93
C PHE A 265 -15.75 -4.05 47.71
N GLU A 266 -15.39 -4.99 48.60
CA GLU A 266 -14.15 -5.73 48.41
C GLU A 266 -14.10 -6.41 47.06
N HIS A 267 -15.23 -6.97 46.62
CA HIS A 267 -15.29 -7.59 45.31
C HIS A 267 -15.46 -6.56 44.21
N ILE A 268 -16.51 -5.73 44.32
CA ILE A 268 -16.89 -4.86 43.21
C ILE A 268 -15.80 -3.85 42.91
N VAL A 269 -15.35 -3.13 43.94
CA VAL A 269 -14.50 -1.97 43.73
C VAL A 269 -13.02 -2.33 43.87
N TYR A 270 -12.65 -3.05 44.91
CA TYR A 270 -11.23 -3.32 45.15
C TYR A 270 -10.70 -4.40 44.21
N GLY A 271 -11.52 -5.35 43.84
CA GLY A 271 -11.05 -6.42 42.98
C GLY A 271 -10.58 -7.61 43.78
N ASP A 272 -10.81 -8.79 43.23
CA ASP A 272 -10.37 -10.05 43.82
C ASP A 272 -9.34 -10.66 42.87
N PHE A 273 -8.10 -10.77 43.35
CA PHE A 273 -6.98 -11.24 42.53
C PHE A 273 -6.48 -12.60 42.98
N SER A 274 -7.27 -13.35 43.73
CA SER A 274 -6.79 -14.59 44.33
C SER A 274 -7.00 -15.82 43.45
N HIS A 275 -7.90 -15.75 42.47
CA HIS A 275 -8.14 -16.85 41.56
C HIS A 275 -7.61 -16.49 40.18
N SER A 276 -7.55 -17.50 39.31
CA SER A 276 -7.09 -17.27 37.96
C SER A 276 -7.99 -16.30 37.22
N GLN A 277 -9.28 -16.33 37.52
CA GLN A 277 -10.24 -15.40 36.94
C GLN A 277 -10.42 -14.22 37.90
N LEU A 278 -10.13 -13.03 37.41
CA LEU A 278 -10.16 -11.84 38.24
C LEU A 278 -11.60 -11.49 38.62
N GLY A 279 -11.84 -11.31 39.91
CA GLY A 279 -13.18 -11.03 40.40
C GLY A 279 -13.41 -9.55 40.57
N GLY A 280 -14.57 -9.09 40.10
CA GLY A 280 -15.00 -7.72 40.38
C GLY A 280 -14.21 -6.69 39.61
N LEU A 281 -13.93 -5.57 40.28
CA LEU A 281 -13.06 -4.50 39.79
C LEU A 281 -13.72 -3.74 38.63
N HIS A 282 -14.86 -3.12 38.90
CA HIS A 282 -15.67 -2.52 37.85
C HIS A 282 -15.71 -1.00 37.93
N LEU A 283 -15.04 -0.39 38.88
CA LEU A 283 -14.96 1.06 39.00
C LEU A 283 -13.54 1.50 38.69
N LEU A 284 -13.41 2.60 37.95
CA LEU A 284 -12.09 3.05 37.55
C LEU A 284 -11.22 3.42 38.73
N ILE A 285 -11.80 3.93 39.82
CA ILE A 285 -10.98 4.28 40.97
C ILE A 285 -10.38 3.04 41.61
N GLY A 286 -11.05 1.89 41.50
CA GLY A 286 -10.47 0.66 41.99
C GLY A 286 -9.23 0.25 41.21
N LEU A 287 -9.27 0.41 39.89
CA LEU A 287 -8.09 0.15 39.08
C LEU A 287 -6.98 1.11 39.40
N ALA A 288 -7.31 2.37 39.69
CA ALA A 288 -6.29 3.37 39.97
C ALA A 288 -5.57 3.08 41.27
N LYS A 289 -6.30 2.56 42.26
CA LYS A 289 -5.66 2.20 43.52
C LYS A 289 -4.74 1.00 43.34
N ARG A 290 -5.21 -0.03 42.63
CA ARG A 290 -4.39 -1.19 42.34
C ARG A 290 -3.18 -0.81 41.51
N PHE A 291 -3.33 0.14 40.59
CA PHE A 291 -2.25 0.45 39.67
C PHE A 291 -1.12 1.19 40.35
N LYS A 292 -1.44 2.05 41.32
CA LYS A 292 -0.38 2.78 42.01
C LYS A 292 0.50 1.85 42.82
N GLU A 293 -0.03 0.71 43.25
CA GLU A 293 0.75 -0.26 44.00
C GLU A 293 1.30 -1.39 43.13
N SER A 294 0.61 -1.74 42.06
CA SER A 294 1.00 -2.89 41.26
C SER A 294 0.50 -2.72 39.82
N PRO A 295 1.38 -2.46 38.87
CA PRO A 295 0.92 -2.23 37.49
C PRO A 295 0.37 -3.50 36.86
N PHE A 296 -0.58 -3.32 35.95
CA PHE A 296 -1.19 -4.42 35.23
C PHE A 296 -1.39 -4.00 33.78
N GLU A 297 -1.92 -4.92 32.99
CA GLU A 297 -2.13 -4.71 31.58
C GLU A 297 -3.61 -4.52 31.28
N LEU A 298 -3.94 -3.47 30.54
CA LEU A 298 -5.32 -3.16 30.14
C LEU A 298 -5.39 -3.17 28.62
N GLU A 299 -5.91 -4.25 28.05
CA GLU A 299 -6.09 -4.34 26.60
C GLU A 299 -7.46 -3.78 26.25
N ASP A 300 -7.47 -2.63 25.59
CA ASP A 300 -8.69 -1.97 25.15
C ASP A 300 -9.03 -2.48 23.76
N PHE A 301 -9.80 -3.56 23.68
CA PHE A 301 -9.97 -4.22 22.39
C PHE A 301 -11.05 -3.57 21.52
N ILE A 302 -11.81 -2.61 22.03
CA ILE A 302 -12.68 -1.79 21.18
C ILE A 302 -12.36 -0.32 21.44
N PRO A 303 -11.32 0.22 20.85
CA PRO A 303 -10.83 1.53 21.26
C PRO A 303 -11.67 2.71 20.77
N MET A 304 -12.70 3.05 21.53
CA MET A 304 -13.55 4.19 21.25
C MET A 304 -14.05 4.78 22.56
N ASP A 305 -14.62 5.97 22.48
CA ASP A 305 -15.15 6.65 23.65
C ASP A 305 -16.53 6.12 23.96
N SER A 306 -16.72 5.56 25.15
CA SER A 306 -18.05 5.15 25.57
C SER A 306 -18.18 5.27 27.08
N THR A 307 -19.43 5.32 27.53
CA THR A 307 -19.72 5.43 28.96
C THR A 307 -19.17 4.23 29.73
N VAL A 308 -19.37 3.03 29.20
CA VAL A 308 -18.83 1.80 29.76
C VAL A 308 -17.73 1.31 28.84
N LYS A 309 -16.59 0.96 29.42
CA LYS A 309 -15.49 0.38 28.66
C LYS A 309 -15.32 -1.08 29.05
N ASN A 310 -14.87 -1.88 28.08
CA ASN A 310 -14.55 -3.28 28.31
C ASN A 310 -13.06 -3.49 28.13
N TYR A 311 -12.44 -4.17 29.06
CA TYR A 311 -11.00 -4.40 29.01
C TYR A 311 -10.68 -5.86 29.19
N PHE A 312 -9.67 -6.32 28.46
CA PHE A 312 -8.98 -7.55 28.75
C PHE A 312 -7.85 -7.19 29.71
N ILE A 313 -7.99 -7.58 30.97
CA ILE A 313 -7.05 -7.18 32.01
C ILE A 313 -6.24 -8.39 32.46
N THR A 314 -4.94 -8.18 32.65
CA THR A 314 -4.03 -9.17 33.18
C THR A 314 -3.26 -8.53 34.32
N ASP A 315 -3.37 -9.09 35.50
CA ASP A 315 -2.66 -8.59 36.67
C ASP A 315 -1.24 -9.16 36.70
N ALA A 316 -0.25 -8.28 36.67
CA ALA A 316 1.13 -8.73 36.57
C ALA A 316 1.60 -9.39 37.87
N GLN A 317 1.16 -8.89 39.01
CA GLN A 317 1.65 -9.41 40.28
C GLN A 317 1.18 -10.84 40.54
N THR A 318 -0.07 -11.14 40.23
CA THR A 318 -0.63 -12.44 40.56
C THR A 318 -0.91 -13.32 39.36
N GLY A 319 -1.04 -12.76 38.16
CA GLY A 319 -1.49 -13.54 37.03
C GLY A 319 -2.97 -13.76 36.97
N SER A 320 -3.75 -13.06 37.80
CA SER A 320 -5.19 -13.09 37.69
C SER A 320 -5.62 -12.26 36.49
N SER A 321 -6.60 -12.74 35.73
CA SER A 321 -6.96 -12.07 34.49
C SER A 321 -8.43 -12.29 34.18
N LYS A 322 -8.96 -11.40 33.35
CA LYS A 322 -10.35 -11.51 32.88
C LYS A 322 -10.44 -10.95 31.46
N CYS A 323 -11.09 -11.70 30.58
CA CYS A 323 -11.13 -11.33 29.17
C CYS A 323 -12.00 -10.10 28.93
N VAL A 324 -13.15 -10.03 29.58
CA VAL A 324 -14.08 -8.93 29.40
C VAL A 324 -14.36 -8.37 30.79
N CYS A 325 -13.67 -7.31 31.16
CA CYS A 325 -13.92 -6.60 32.41
C CYS A 325 -14.53 -5.26 32.07
N SER A 326 -15.74 -5.04 32.57
CA SER A 326 -16.47 -3.80 32.28
C SER A 326 -16.17 -2.77 33.37
N VAL A 327 -15.72 -1.60 32.94
CA VAL A 327 -15.25 -0.56 33.84
C VAL A 327 -16.02 0.72 33.58
N ILE A 328 -16.44 1.38 34.65
CA ILE A 328 -17.09 2.68 34.55
C ILE A 328 -16.44 3.65 35.53
N ASP A 329 -16.31 4.90 35.11
CA ASP A 329 -15.68 5.93 35.94
C ASP A 329 -16.73 6.88 36.50
N LEU A 330 -17.47 6.38 37.47
CA LEU A 330 -18.37 7.21 38.26
C LEU A 330 -17.64 7.78 39.45
N LEU A 331 -18.04 8.98 39.86
CA LEU A 331 -17.64 9.48 41.16
C LEU A 331 -18.09 8.51 42.24
N LEU A 332 -17.19 8.18 43.16
CA LEU A 332 -17.47 7.14 44.14
C LEU A 332 -18.70 7.47 44.97
N ASP A 333 -18.87 8.75 45.33
CA ASP A 333 -20.09 9.16 46.03
C ASP A 333 -21.34 8.83 45.25
N ASP A 334 -21.28 8.90 43.92
CA ASP A 334 -22.43 8.57 43.08
C ASP A 334 -22.66 7.06 43.07
N PHE A 335 -21.60 6.29 42.91
CA PHE A 335 -21.74 4.84 42.86
C PHE A 335 -22.22 4.27 44.20
N VAL A 336 -21.75 4.85 45.30
CA VAL A 336 -22.26 4.48 46.62
C VAL A 336 -23.76 4.77 46.69
N GLU A 337 -24.16 5.94 46.23
CA GLU A 337 -25.56 6.32 46.26
C GLU A 337 -26.42 5.40 45.39
N ILE A 338 -25.86 4.94 44.27
CA ILE A 338 -26.62 4.05 43.38
C ILE A 338 -26.82 2.69 44.03
N ILE A 339 -25.75 2.09 44.54
CA ILE A 339 -25.85 0.71 45.01
C ILE A 339 -26.64 0.64 46.32
N LYS A 340 -26.67 1.71 47.11
CA LYS A 340 -27.44 1.67 48.34
C LYS A 340 -28.93 1.77 48.11
N SER A 341 -29.37 2.07 46.89
CA SER A 341 -30.79 2.18 46.58
C SER A 341 -31.34 0.92 45.94
N GLN A 342 -30.63 -0.19 46.05
CA GLN A 342 -31.03 -1.44 45.41
C GLN A 342 -31.64 -2.40 46.42
N ASP A 343 -32.69 -3.08 46.02
CA ASP A 343 -33.26 -4.17 46.82
C ASP A 343 -32.30 -5.35 46.82
N LEU A 344 -31.59 -5.53 47.93
CA LEU A 344 -30.69 -6.67 48.08
C LEU A 344 -31.43 -7.97 48.34
N SER A 345 -32.73 -8.02 48.09
CA SER A 345 -33.59 -9.14 48.49
C SER A 345 -33.84 -10.16 47.38
N VAL A 346 -33.80 -9.74 46.13
CA VAL A 346 -34.00 -10.68 45.03
C VAL A 346 -32.65 -11.27 44.67
N VAL A 347 -32.68 -12.41 43.98
CA VAL A 347 -31.44 -13.09 43.62
C VAL A 347 -30.64 -12.26 42.62
N SER A 348 -31.26 -11.93 41.50
CA SER A 348 -30.56 -11.21 40.45
C SER A 348 -31.57 -10.47 39.58
N LYS A 349 -31.11 -9.39 38.96
CA LYS A 349 -31.93 -8.58 38.08
C LYS A 349 -31.05 -7.57 37.37
N VAL A 350 -31.58 -7.01 36.28
CA VAL A 350 -30.92 -5.93 35.57
C VAL A 350 -31.47 -4.61 36.08
N VAL A 351 -30.58 -3.73 36.52
CA VAL A 351 -30.92 -2.40 37.00
C VAL A 351 -30.61 -1.40 35.90
N LYS A 352 -31.47 -0.40 35.76
CA LYS A 352 -31.25 0.69 34.83
C LYS A 352 -30.82 1.92 35.60
N VAL A 353 -29.78 2.58 35.12
CA VAL A 353 -29.29 3.83 35.70
C VAL A 353 -29.01 4.79 34.57
N THR A 354 -29.51 6.02 34.68
CA THR A 354 -29.21 7.04 33.68
C THR A 354 -27.83 7.63 33.94
N ILE A 355 -26.92 7.43 33.00
CA ILE A 355 -25.58 7.94 33.09
C ILE A 355 -25.19 8.50 31.73
N ASP A 356 -24.70 9.74 31.70
CA ASP A 356 -24.32 10.41 30.47
C ASP A 356 -25.48 10.47 29.49
N TYR A 357 -26.68 10.72 30.01
CA TYR A 357 -27.93 10.85 29.26
C TYR A 357 -28.42 9.55 28.63
N THR A 358 -27.85 8.41 28.99
CA THR A 358 -28.29 7.13 28.47
C THR A 358 -28.55 6.17 29.62
N GLU A 359 -29.37 5.15 29.36
CA GLU A 359 -29.71 4.16 30.37
C GLU A 359 -28.68 3.04 30.32
N ILE A 360 -27.92 2.89 31.39
CA ILE A 360 -26.90 1.86 31.51
C ILE A 360 -27.47 0.71 32.32
N SER A 361 -27.31 -0.50 31.81
CA SER A 361 -27.79 -1.70 32.49
C SER A 361 -26.73 -2.23 33.44
N PHE A 362 -27.10 -2.44 34.69
CA PHE A 362 -26.24 -3.06 35.69
C PHE A 362 -26.82 -4.40 36.09
N MET A 363 -26.00 -5.43 36.03
CA MET A 363 -26.39 -6.77 36.47
C MET A 363 -26.13 -6.89 37.97
N LEU A 364 -27.20 -6.95 38.76
CA LEU A 364 -27.10 -7.08 40.20
C LEU A 364 -27.26 -8.55 40.59
N TRP A 365 -26.27 -9.08 41.30
CA TRP A 365 -26.30 -10.44 41.83
C TRP A 365 -26.30 -10.36 43.35
N CYS A 366 -27.38 -10.87 43.96
CA CYS A 366 -27.49 -10.80 45.41
C CYS A 366 -27.62 -12.19 46.01
N LYS A 367 -27.27 -12.30 47.29
CA LYS A 367 -27.33 -13.58 47.98
C LYS A 367 -27.47 -13.31 49.48
N ASP A 368 -28.59 -13.73 50.05
CA ASP A 368 -28.87 -13.62 51.49
C ASP A 368 -28.86 -12.17 51.96
N GLY A 369 -29.59 -11.32 51.24
CA GLY A 369 -29.68 -9.92 51.63
C GLY A 369 -28.36 -9.19 51.53
N HIS A 370 -27.45 -9.65 50.68
CA HIS A 370 -26.18 -8.98 50.47
C HIS A 370 -25.79 -9.12 49.01
N VAL A 371 -25.03 -8.15 48.52
CA VAL A 371 -24.61 -8.15 47.13
C VAL A 371 -23.51 -9.18 46.95
N GLU A 372 -23.63 -10.00 45.90
CA GLU A 372 -22.45 -10.71 45.41
C GLU A 372 -21.62 -9.79 44.54
N THR A 373 -22.21 -9.28 43.46
CA THR A 373 -21.52 -8.31 42.62
C THR A 373 -22.55 -7.43 41.92
N PHE A 374 -22.04 -6.35 41.33
CA PHE A 374 -22.87 -5.33 40.70
C PHE A 374 -22.01 -4.68 39.62
N TYR A 375 -22.26 -5.00 38.37
CA TYR A 375 -21.38 -4.51 37.32
C TYR A 375 -22.18 -4.02 36.13
N PRO A 376 -21.68 -3.00 35.44
CA PRO A 376 -22.35 -2.52 34.23
C PRO A 376 -22.10 -3.45 33.06
N LYS A 377 -22.80 -3.17 31.97
CA LYS A 377 -22.62 -3.91 30.73
C LYS A 377 -22.52 -2.92 29.58
N LEU A 378 -21.70 -3.25 28.59
CA LEU A 378 -21.53 -2.39 27.43
C LEU A 378 -22.44 -2.85 26.29
N GLU B 32 30.88 -5.54 -2.56
CA GLU B 32 29.47 -5.85 -2.78
C GLU B 32 28.55 -4.79 -2.23
N MET B 33 27.76 -4.18 -3.10
CA MET B 33 26.77 -3.19 -2.72
C MET B 33 25.39 -3.79 -2.93
N SER B 34 24.85 -4.42 -1.90
CA SER B 34 23.62 -5.16 -2.04
C SER B 34 22.80 -5.07 -0.77
N LEU B 35 21.50 -5.30 -0.92
CA LEU B 35 20.57 -5.25 0.19
C LEU B 35 20.83 -6.37 1.21
N GLU B 36 21.18 -7.56 0.73
CA GLU B 36 21.42 -8.68 1.64
C GLU B 36 22.69 -8.51 2.44
N ASN B 37 23.70 -7.87 1.86
CA ASN B 37 24.93 -7.58 2.58
C ASN B 37 24.74 -6.44 3.58
N VAL B 38 23.93 -5.44 3.22
CA VAL B 38 23.58 -4.41 4.19
C VAL B 38 22.87 -5.04 5.38
N ALA B 39 21.96 -5.97 5.13
CA ALA B 39 21.23 -6.62 6.22
C ALA B 39 22.13 -7.54 7.03
N PHE B 40 23.13 -8.16 6.40
CA PHE B 40 24.12 -8.92 7.15
C PHE B 40 24.87 -8.05 8.14
N ASN B 41 25.27 -6.85 7.72
CA ASN B 41 26.00 -5.95 8.59
C ASN B 41 25.12 -5.45 9.75
N VAL B 42 23.85 -5.17 9.47
CA VAL B 42 22.96 -4.71 10.53
C VAL B 42 22.74 -5.81 11.56
N VAL B 43 22.51 -7.05 11.09
CA VAL B 43 22.23 -8.14 11.99
C VAL B 43 23.44 -8.49 12.85
N ASN B 44 24.64 -8.40 12.30
CA ASN B 44 25.83 -8.84 13.00
C ASN B 44 26.62 -7.71 13.64
N LYS B 45 26.52 -6.49 13.14
CA LYS B 45 27.31 -5.38 13.64
C LYS B 45 26.48 -4.22 14.16
N GLY B 46 25.16 -4.31 14.09
CA GLY B 46 24.29 -3.23 14.50
C GLY B 46 24.16 -2.09 13.52
N HIS B 47 25.02 -2.01 12.51
CA HIS B 47 25.00 -0.95 11.51
C HIS B 47 25.91 -1.42 10.39
N PHE B 48 25.94 -0.68 9.30
CA PHE B 48 26.81 -1.06 8.19
C PHE B 48 28.26 -0.86 8.57
N ASP B 49 29.03 -1.92 8.47
CA ASP B 49 30.41 -1.94 8.92
C ASP B 49 31.35 -2.42 7.82
N GLY B 50 30.84 -2.65 6.62
CA GLY B 50 31.69 -3.16 5.55
C GLY B 50 32.14 -4.59 5.73
N GLN B 51 31.37 -5.41 6.42
CA GLN B 51 31.66 -6.82 6.50
C GLN B 51 31.10 -7.54 5.29
N GLN B 52 31.67 -8.71 5.00
CA GLN B 52 31.21 -9.55 3.91
C GLN B 52 30.26 -10.61 4.45
N GLY B 53 29.22 -10.89 3.67
CA GLY B 53 28.21 -11.85 4.06
C GLY B 53 26.85 -11.44 3.59
N GLU B 54 25.88 -12.36 3.66
CA GLU B 54 24.52 -12.07 3.24
C GLU B 54 23.55 -12.78 4.17
N VAL B 55 22.40 -12.16 4.39
CA VAL B 55 21.29 -12.85 5.02
C VAL B 55 20.07 -12.72 4.11
N PRO B 56 19.13 -13.64 4.15
CA PRO B 56 17.93 -13.49 3.33
C PRO B 56 17.01 -12.40 3.89
N VAL B 57 16.37 -11.68 2.98
CA VAL B 57 15.57 -10.51 3.31
C VAL B 57 14.23 -10.59 2.59
N SER B 58 13.17 -10.19 3.27
CA SER B 58 11.86 -9.99 2.66
C SER B 58 11.48 -8.52 2.79
N ILE B 59 10.98 -7.96 1.70
CA ILE B 59 10.48 -6.60 1.68
C ILE B 59 8.97 -6.67 1.50
N ILE B 60 8.24 -6.17 2.49
CA ILE B 60 6.79 -6.11 2.45
C ILE B 60 6.37 -4.79 3.07
N ASN B 61 5.29 -4.23 2.56
CA ASN B 61 4.77 -2.95 3.03
C ASN B 61 5.91 -1.95 2.82
N ASN B 62 6.29 -1.18 3.82
CA ASN B 62 7.46 -0.32 3.78
C ASN B 62 8.51 -0.82 4.77
N THR B 63 8.65 -2.13 4.90
CA THR B 63 9.39 -2.74 5.99
C THR B 63 10.35 -3.79 5.46
N VAL B 64 11.52 -3.87 6.08
CA VAL B 64 12.52 -4.87 5.76
C VAL B 64 12.50 -5.92 6.84
N TYR B 65 12.38 -7.18 6.44
CA TYR B 65 12.38 -8.30 7.36
C TYR B 65 13.54 -9.23 7.06
N THR B 66 13.96 -9.97 8.06
CA THR B 66 14.95 -11.01 7.89
C THR B 66 14.47 -12.22 8.67
N LYS B 67 14.98 -13.38 8.29
CA LYS B 67 14.54 -14.64 8.85
C LYS B 67 15.53 -15.12 9.90
N VAL B 68 15.03 -15.34 11.11
CA VAL B 68 15.84 -15.86 12.21
C VAL B 68 15.11 -17.07 12.78
N ASP B 69 15.74 -18.24 12.72
CA ASP B 69 15.14 -19.51 13.13
C ASP B 69 13.79 -19.71 12.45
N GLY B 70 13.73 -19.40 11.17
CA GLY B 70 12.53 -19.67 10.39
C GLY B 70 11.38 -18.69 10.57
N VAL B 71 11.54 -17.62 11.33
CA VAL B 71 10.48 -16.63 11.43
C VAL B 71 11.02 -15.28 11.01
N ASP B 72 10.11 -14.43 10.56
CA ASP B 72 10.47 -13.12 10.05
C ASP B 72 10.62 -12.11 11.18
N VAL B 73 11.73 -11.40 11.19
CA VAL B 73 12.01 -10.38 12.18
C VAL B 73 12.19 -9.06 11.46
N GLU B 74 11.48 -8.04 11.90
CA GLU B 74 11.58 -6.73 11.29
C GLU B 74 12.91 -6.08 11.64
N LEU B 75 13.63 -5.62 10.62
CA LEU B 75 14.86 -4.88 10.79
C LEU B 75 14.67 -3.39 10.71
N PHE B 76 13.71 -2.92 9.92
CA PHE B 76 13.65 -1.53 9.55
C PHE B 76 12.26 -1.21 9.02
N GLU B 77 11.68 -0.13 9.51
CA GLU B 77 10.43 0.40 8.97
C GLU B 77 10.71 1.75 8.33
N ASN B 78 10.39 1.87 7.06
CA ASN B 78 10.67 3.09 6.31
C ASN B 78 9.69 4.18 6.68
N LYS B 79 10.19 5.27 7.26
CA LYS B 79 9.41 6.46 7.51
C LYS B 79 9.71 7.58 6.54
N THR B 80 10.67 7.39 5.66
CA THR B 80 11.08 8.41 4.73
C THR B 80 10.15 8.44 3.51
N THR B 81 10.39 9.39 2.62
CA THR B 81 9.74 9.42 1.33
C THR B 81 10.55 8.73 0.24
N LEU B 82 11.57 8.00 0.61
CA LEU B 82 12.44 7.26 -0.29
C LEU B 82 11.95 5.83 -0.47
N PRO B 83 12.40 5.13 -1.50
CA PRO B 83 12.11 3.69 -1.59
C PRO B 83 12.67 2.96 -0.38
N VAL B 84 11.95 1.92 0.05
CA VAL B 84 12.26 1.24 1.31
C VAL B 84 13.70 0.72 1.32
N ASN B 85 14.16 0.16 0.21
CA ASN B 85 15.50 -0.42 0.17
C ASN B 85 16.57 0.66 0.15
N VAL B 86 16.26 1.82 -0.39
CA VAL B 86 17.21 2.93 -0.39
C VAL B 86 17.32 3.53 1.02
N ALA B 87 16.17 3.75 1.66
CA ALA B 87 16.16 4.28 3.02
C ALA B 87 16.86 3.33 3.98
N PHE B 88 16.63 2.02 3.85
CA PHE B 88 17.28 1.05 4.70
C PHE B 88 18.81 1.14 4.62
N GLU B 89 19.35 1.26 3.42
CA GLU B 89 20.80 1.34 3.27
C GLU B 89 21.34 2.66 3.83
N LEU B 90 20.65 3.76 3.59
CA LEU B 90 21.11 5.04 4.12
C LEU B 90 21.10 5.03 5.64
N TRP B 91 20.09 4.41 6.24
CA TRP B 91 20.02 4.30 7.68
C TRP B 91 21.14 3.43 8.24
N ALA B 92 21.42 2.31 7.57
CA ALA B 92 22.49 1.43 8.04
C ALA B 92 23.86 2.11 7.94
N LYS B 93 24.02 3.06 7.02
CA LYS B 93 25.27 3.75 6.82
C LYS B 93 25.34 5.10 7.53
N ARG B 94 24.45 5.35 8.48
CA ARG B 94 24.45 6.59 9.23
C ARG B 94 25.73 6.74 10.03
N ASN B 95 26.13 7.99 10.23
CA ASN B 95 27.28 8.31 11.07
C ASN B 95 26.96 7.96 12.51
N ILE B 96 27.78 7.13 13.14
CA ILE B 96 27.58 6.73 14.51
C ILE B 96 28.59 7.40 15.45
N LYS B 97 29.20 8.48 15.01
CA LYS B 97 30.02 9.32 15.86
C LYS B 97 29.23 10.53 16.30
N PRO B 98 29.70 11.28 17.29
CA PRO B 98 29.06 12.55 17.62
C PRO B 98 29.12 13.50 16.43
N VAL B 99 27.96 13.98 16.00
CA VAL B 99 27.91 14.89 14.87
C VAL B 99 27.14 16.13 15.29
N PRO B 100 27.35 17.25 14.59
CA PRO B 100 26.56 18.45 14.88
C PRO B 100 25.08 18.17 14.74
N GLU B 101 24.30 18.86 15.56
CA GLU B 101 22.86 18.76 15.43
C GLU B 101 22.40 19.29 14.08
N VAL B 102 21.35 18.68 13.56
CA VAL B 102 20.89 18.97 12.21
C VAL B 102 20.57 20.46 12.06
N LYS B 103 20.03 21.07 13.11
CA LYS B 103 19.71 22.50 13.04
C LYS B 103 20.95 23.36 12.86
N ILE B 104 22.10 22.95 13.38
CA ILE B 104 23.33 23.70 13.17
C ILE B 104 23.76 23.60 11.71
N LEU B 105 23.69 22.41 11.13
CA LEU B 105 24.06 22.23 9.73
C LEU B 105 23.10 22.97 8.81
N ASN B 106 21.81 22.99 9.15
CA ASN B 106 20.86 23.74 8.34
C ASN B 106 21.15 25.23 8.39
N ASN B 107 21.48 25.75 9.57
CA ASN B 107 21.75 27.19 9.69
C ASN B 107 23.01 27.58 8.95
N LEU B 108 23.99 26.69 8.84
CA LEU B 108 25.19 26.97 8.08
C LEU B 108 25.03 26.71 6.60
N GLY B 109 23.85 26.29 6.15
CA GLY B 109 23.60 26.07 4.76
C GLY B 109 24.20 24.83 4.17
N VAL B 110 24.48 23.80 4.98
CA VAL B 110 25.01 22.56 4.46
C VAL B 110 23.98 21.91 3.54
N ASP B 111 24.43 21.46 2.37
CA ASP B 111 23.57 20.79 1.43
C ASP B 111 23.73 19.28 1.44
N ILE B 112 24.90 18.80 1.80
CA ILE B 112 25.30 17.42 1.51
C ILE B 112 26.54 17.11 2.34
N ALA B 113 26.72 15.85 2.69
CA ALA B 113 27.89 15.43 3.46
C ALA B 113 28.86 14.67 2.58
N ALA B 114 30.16 14.87 2.82
CA ALA B 114 31.19 14.14 2.10
C ALA B 114 31.34 12.75 2.73
N ASN B 115 30.87 11.72 2.02
CA ASN B 115 31.19 10.32 2.32
C ASN B 115 30.62 9.86 3.65
N THR B 116 29.43 10.34 4.00
CA THR B 116 28.76 9.88 5.20
C THR B 116 27.30 10.27 5.12
N VAL B 117 26.49 9.65 5.97
CA VAL B 117 25.07 9.95 6.07
C VAL B 117 24.82 10.55 7.44
N ILE B 118 24.25 11.75 7.46
CA ILE B 118 23.75 12.32 8.71
C ILE B 118 22.28 11.92 8.80
N TRP B 119 21.97 11.10 9.78
CA TRP B 119 20.58 10.71 9.99
C TRP B 119 19.89 11.75 10.84
N ASP B 120 18.70 12.14 10.42
CA ASP B 120 17.89 13.11 11.15
C ASP B 120 16.90 12.33 11.99
N TYR B 121 17.16 12.22 13.28
CA TYR B 121 16.31 11.42 14.15
C TYR B 121 14.99 12.10 14.49
N LYS B 122 14.91 13.42 14.38
CA LYS B 122 13.60 14.07 14.56
C LYS B 122 12.64 13.67 13.45
N ARG B 123 13.12 13.64 12.22
CA ARG B 123 12.31 13.23 11.08
C ARG B 123 12.40 11.73 10.79
N ASP B 124 13.32 11.02 11.43
CA ASP B 124 13.58 9.61 11.15
C ASP B 124 13.87 9.39 9.67
N ALA B 125 14.78 10.20 9.14
CA ALA B 125 15.07 10.23 7.72
C ALA B 125 16.48 10.78 7.54
N PRO B 126 17.05 10.68 6.34
CA PRO B 126 18.33 11.34 6.11
C PRO B 126 18.19 12.85 6.15
N ALA B 127 19.21 13.51 6.69
CA ALA B 127 19.22 14.96 6.74
C ALA B 127 19.30 15.59 5.36
N HIS B 128 19.91 14.92 4.41
CA HIS B 128 20.18 15.52 3.10
C HIS B 128 19.64 14.65 1.99
N ILE B 129 19.21 15.31 0.91
CA ILE B 129 18.51 14.61 -0.16
C ILE B 129 19.47 13.72 -0.95
N SER B 130 20.70 14.15 -1.15
CA SER B 130 21.68 13.45 -1.95
C SER B 130 22.87 13.05 -1.09
N THR B 131 23.73 12.20 -1.66
CA THR B 131 24.92 11.73 -0.98
C THR B 131 26.12 11.85 -1.91
N ILE B 132 27.31 11.66 -1.33
CA ILE B 132 28.57 11.64 -2.05
C ILE B 132 29.30 10.40 -1.61
N GLY B 133 29.38 9.40 -2.49
CA GLY B 133 30.11 8.19 -2.20
C GLY B 133 29.52 7.31 -1.12
N VAL B 134 28.21 7.13 -1.13
CA VAL B 134 27.53 6.37 -0.08
C VAL B 134 26.67 5.28 -0.68
N CYS B 135 25.77 5.66 -1.59
CA CYS B 135 24.74 4.76 -2.09
C CYS B 135 24.47 5.07 -3.55
N SER B 136 24.38 4.04 -4.38
CA SER B 136 24.26 4.23 -5.82
C SER B 136 22.98 4.95 -6.18
N MET B 137 21.90 4.67 -5.47
CA MET B 137 20.62 5.27 -5.80
C MET B 137 20.49 6.72 -5.37
N THR B 138 21.39 7.24 -4.55
CA THR B 138 21.32 8.64 -4.13
C THR B 138 22.58 9.43 -4.37
N ASP B 139 23.69 8.80 -4.74
CA ASP B 139 24.92 9.55 -4.97
C ASP B 139 24.78 10.47 -6.17
N ILE B 140 25.29 11.69 -6.02
CA ILE B 140 25.50 12.57 -7.17
C ILE B 140 26.96 12.60 -7.59
N ALA B 141 27.84 11.95 -6.84
CA ALA B 141 29.27 11.89 -7.10
C ALA B 141 29.84 10.85 -6.14
N LYS B 142 31.02 10.36 -6.47
CA LYS B 142 31.74 9.50 -5.56
C LYS B 142 32.69 10.27 -4.67
N LYS B 143 33.19 11.40 -5.13
CA LYS B 143 34.09 12.23 -4.36
C LYS B 143 33.59 13.66 -4.35
N PRO B 144 33.86 14.41 -3.29
CA PRO B 144 33.44 15.81 -3.26
C PRO B 144 34.21 16.72 -4.20
N THR B 145 35.29 16.23 -4.82
CA THR B 145 36.05 17.03 -5.77
C THR B 145 35.41 17.10 -7.15
N GLU B 146 34.38 16.30 -7.41
CA GLU B 146 33.72 16.34 -8.70
C GLU B 146 32.95 17.64 -8.89
N THR B 147 32.90 18.09 -10.14
CA THR B 147 32.44 19.44 -10.46
C THR B 147 30.99 19.68 -10.08
N ILE B 148 30.17 18.63 -9.96
CA ILE B 148 28.79 18.84 -9.58
C ILE B 148 28.66 19.23 -8.10
N CYS B 149 29.71 18.99 -7.31
CA CYS B 149 29.70 19.32 -5.89
C CYS B 149 30.18 20.74 -5.61
N ALA B 150 30.96 21.32 -6.51
CA ALA B 150 31.54 22.64 -6.27
C ALA B 150 30.53 23.73 -5.91
N PRO B 151 29.33 23.78 -6.51
CA PRO B 151 28.35 24.79 -6.06
C PRO B 151 27.59 24.41 -4.81
N LEU B 152 27.74 23.20 -4.29
CA LEU B 152 27.06 22.78 -3.08
C LEU B 152 27.94 23.03 -1.87
N THR B 153 27.31 23.38 -0.75
CA THR B 153 28.03 23.49 0.51
C THR B 153 28.16 22.11 1.11
N VAL B 154 29.36 21.56 1.06
CA VAL B 154 29.62 20.20 1.47
C VAL B 154 30.12 20.21 2.91
N PHE B 155 29.57 19.32 3.72
CA PHE B 155 30.01 19.17 5.10
C PHE B 155 31.20 18.21 5.16
N PHE B 156 32.30 18.67 5.75
CA PHE B 156 33.50 17.88 5.93
C PHE B 156 33.75 17.64 7.41
N ASP B 157 34.43 16.53 7.71
CA ASP B 157 34.63 16.07 9.07
C ASP B 157 36.12 15.83 9.29
N GLY B 158 36.76 16.71 10.05
CA GLY B 158 38.20 16.62 10.26
C GLY B 158 38.67 15.38 10.98
N ARG B 159 37.77 14.63 11.61
CA ARG B 159 38.15 13.38 12.24
C ARG B 159 38.35 12.25 11.25
N VAL B 160 37.99 12.45 10.00
CA VAL B 160 38.22 11.48 8.94
C VAL B 160 39.44 11.93 8.15
N ASP B 161 40.30 10.99 7.81
CA ASP B 161 41.58 11.30 7.18
C ASP B 161 41.39 11.92 5.80
N GLY B 162 42.13 12.98 5.54
CA GLY B 162 42.11 13.64 4.26
C GLY B 162 41.01 14.65 4.05
N GLN B 163 40.07 14.78 4.98
CA GLN B 163 38.93 15.66 4.77
C GLN B 163 39.22 17.11 5.12
N VAL B 164 40.22 17.38 5.96
CA VAL B 164 40.68 18.75 6.13
C VAL B 164 41.28 19.28 4.84
N ASP B 165 42.00 18.42 4.11
CA ASP B 165 42.58 18.86 2.84
C ASP B 165 41.51 18.99 1.76
N LEU B 166 40.49 18.13 1.78
CA LEU B 166 39.39 18.27 0.84
C LEU B 166 38.67 19.59 1.05
N PHE B 167 38.46 19.99 2.30
CA PHE B 167 37.84 21.28 2.58
C PHE B 167 38.74 22.41 2.11
N ARG B 168 40.06 22.28 2.27
CA ARG B 168 40.97 23.32 1.81
C ARG B 168 40.83 23.58 0.33
N ASN B 169 40.50 22.56 -0.45
CA ASN B 169 40.34 22.71 -1.89
C ASN B 169 38.90 22.87 -2.32
N ALA B 170 37.95 22.58 -1.43
CA ALA B 170 36.55 22.74 -1.77
C ALA B 170 36.23 24.20 -2.04
N ARG B 171 35.20 24.41 -2.85
CA ARG B 171 34.74 25.76 -3.11
C ARG B 171 33.79 26.24 -2.02
N ASN B 172 32.82 25.42 -1.65
CA ASN B 172 31.82 25.75 -0.66
C ASN B 172 31.74 24.62 0.35
N GLY B 173 32.14 24.87 1.59
CA GLY B 173 32.18 23.80 2.56
C GLY B 173 32.05 24.29 3.97
N VAL B 174 31.63 23.39 4.84
CA VAL B 174 31.69 23.55 6.28
C VAL B 174 32.58 22.44 6.82
N LEU B 175 33.51 22.80 7.69
CA LEU B 175 34.43 21.85 8.28
C LEU B 175 34.31 21.88 9.80
N ILE B 176 34.27 20.72 10.42
CA ILE B 176 34.38 20.61 11.87
C ILE B 176 35.65 19.87 12.21
N THR B 177 36.32 20.32 13.25
CA THR B 177 37.45 19.60 13.82
C THR B 177 37.33 19.57 15.34
N GLU B 178 38.09 18.68 15.94
CA GLU B 178 38.26 18.67 17.39
C GLU B 178 39.39 19.57 17.82
N GLY B 179 40.45 19.67 17.02
CA GLY B 179 41.58 20.50 17.37
C GLY B 179 41.76 21.69 16.46
N SER B 180 42.99 22.18 16.35
CA SER B 180 43.28 23.35 15.53
C SER B 180 43.61 22.92 14.11
N VAL B 181 43.28 23.80 13.17
CA VAL B 181 43.65 23.64 11.77
C VAL B 181 44.69 24.68 11.46
N LYS B 182 45.83 24.25 10.95
CA LYS B 182 46.90 25.18 10.62
C LYS B 182 46.45 26.13 9.52
N GLY B 183 46.51 27.42 9.80
CA GLY B 183 46.17 28.44 8.83
C GLY B 183 44.81 29.09 9.01
N LEU B 184 43.91 28.49 9.78
CA LEU B 184 42.52 28.93 9.83
C LEU B 184 42.13 29.33 11.24
N GLN B 185 41.36 30.40 11.34
CA GLN B 185 40.80 30.82 12.60
C GLN B 185 39.55 30.02 12.92
N PRO B 186 39.47 29.40 14.09
CA PRO B 186 38.30 28.58 14.41
C PRO B 186 37.15 29.41 14.97
N SER B 187 35.97 28.84 14.85
CA SER B 187 34.80 29.30 15.58
C SER B 187 34.39 28.17 16.52
N VAL B 188 34.34 28.47 17.81
CA VAL B 188 33.96 27.47 18.80
C VAL B 188 32.47 27.24 18.73
N GLY B 189 32.07 25.98 18.53
CA GLY B 189 30.69 25.64 18.36
C GLY B 189 29.98 25.37 19.68
N PRO B 190 28.79 24.79 19.62
CA PRO B 190 28.10 24.43 20.84
C PRO B 190 28.82 23.32 21.60
N LYS B 191 28.50 23.21 22.87
CA LYS B 191 29.10 22.19 23.71
C LYS B 191 28.53 20.81 23.42
N GLN B 192 27.30 20.73 22.96
CA GLN B 192 26.63 19.46 22.75
C GLN B 192 26.71 19.05 21.29
N ALA B 193 26.61 17.74 21.06
CA ALA B 193 26.48 17.18 19.74
C ALA B 193 25.50 16.03 19.82
N SER B 194 25.25 15.38 18.70
CA SER B 194 24.29 14.29 18.60
C SER B 194 25.02 12.98 18.38
N LEU B 195 24.73 12.00 19.23
CA LEU B 195 25.33 10.68 19.13
C LEU B 195 24.21 9.65 19.05
N ASN B 196 24.00 9.10 17.86
CA ASN B 196 22.94 8.12 17.62
C ASN B 196 21.57 8.66 18.03
N GLY B 197 21.33 9.93 17.76
CA GLY B 197 20.09 10.55 18.12
C GLY B 197 20.01 11.11 19.53
N VAL B 198 21.03 10.89 20.35
CA VAL B 198 21.06 11.41 21.71
C VAL B 198 21.89 12.67 21.73
N THR B 199 21.29 13.78 22.13
CA THR B 199 22.05 15.02 22.29
C THR B 199 22.73 15.01 23.64
N LEU B 200 24.04 15.21 23.64
CA LEU B 200 24.77 15.14 24.90
C LEU B 200 26.01 16.02 24.83
N ILE B 201 26.44 16.48 26.00
CA ILE B 201 27.73 17.10 26.18
C ILE B 201 28.69 15.99 26.60
N GLY B 202 29.65 15.69 25.74
CA GLY B 202 30.41 14.46 25.89
C GLY B 202 31.48 14.54 26.95
N GLU B 203 31.68 13.42 27.63
CA GLU B 203 32.75 13.26 28.61
C GLU B 203 33.74 12.19 28.19
N ALA B 204 33.26 11.01 27.80
CA ALA B 204 34.11 9.98 27.23
C ALA B 204 34.45 10.24 25.78
N VAL B 205 33.73 11.16 25.14
CA VAL B 205 33.94 11.52 23.74
C VAL B 205 33.83 13.03 23.63
N LYS B 206 34.45 13.59 22.60
CA LYS B 206 34.40 15.03 22.36
C LYS B 206 33.17 15.40 21.55
N THR B 207 32.40 16.36 22.05
CA THR B 207 31.24 16.86 21.32
C THR B 207 31.37 18.34 20.98
N GLN B 208 32.45 18.98 21.35
CA GLN B 208 32.66 20.41 21.16
C GLN B 208 33.62 20.60 19.98
N PHE B 209 33.11 21.09 18.87
CA PHE B 209 33.86 21.19 17.62
C PHE B 209 34.27 22.62 17.33
N ASN B 210 35.34 22.77 16.58
CA ASN B 210 35.62 24.01 15.87
C ASN B 210 34.91 23.97 14.53
N TYR B 211 34.44 25.13 14.08
CA TYR B 211 33.71 25.26 12.82
C TYR B 211 34.46 26.20 11.89
N TYR B 212 34.47 25.84 10.61
CA TYR B 212 35.04 26.64 9.55
C TYR B 212 34.10 26.62 8.36
N LYS B 213 34.06 27.71 7.62
CA LYS B 213 33.17 27.81 6.47
C LYS B 213 33.90 28.46 5.30
N LYS B 214 33.68 27.94 4.11
CA LYS B 214 34.16 28.54 2.87
C LYS B 214 32.99 28.83 1.96
N VAL B 215 33.00 30.00 1.33
CA VAL B 215 31.99 30.40 0.37
C VAL B 215 32.70 30.89 -0.88
N ASP B 216 32.43 30.25 -2.01
CA ASP B 216 33.00 30.64 -3.30
C ASP B 216 34.52 30.71 -3.23
N GLY B 217 35.11 29.80 -2.47
CA GLY B 217 36.54 29.69 -2.39
C GLY B 217 37.21 30.48 -1.29
N VAL B 218 36.49 31.34 -0.59
CA VAL B 218 37.06 32.20 0.43
C VAL B 218 36.61 31.72 1.80
N VAL B 219 37.55 31.61 2.74
CA VAL B 219 37.22 31.28 4.12
C VAL B 219 36.45 32.44 4.74
N GLN B 220 35.31 32.13 5.34
CA GLN B 220 34.46 33.12 5.97
C GLN B 220 34.77 33.25 7.45
N GLN B 221 34.43 34.39 8.01
CA GLN B 221 34.47 34.59 9.45
C GLN B 221 33.07 34.37 9.99
N LEU B 222 32.90 33.35 10.79
CA LEU B 222 31.58 33.07 11.32
C LEU B 222 31.26 34.06 12.45
N PRO B 223 30.03 34.55 12.50
CA PRO B 223 29.69 35.57 13.50
C PRO B 223 29.70 35.01 14.91
N GLU B 224 29.86 35.90 15.87
CA GLU B 224 29.60 35.54 17.26
C GLU B 224 28.13 35.21 17.42
N THR B 225 27.83 34.28 18.32
CA THR B 225 26.52 33.67 18.33
C THR B 225 26.24 33.09 19.71
N TYR B 226 24.98 33.13 20.11
CA TYR B 226 24.53 32.26 21.18
C TYR B 226 24.23 30.87 20.62
N PHE B 227 24.08 29.91 21.51
CA PHE B 227 23.68 28.57 21.12
C PHE B 227 22.51 28.13 21.96
N THR B 228 21.51 27.55 21.32
CA THR B 228 20.47 26.87 22.06
C THR B 228 21.06 25.62 22.73
N GLN B 229 20.31 25.07 23.68
CA GLN B 229 20.83 24.06 24.58
C GLN B 229 20.34 22.64 24.27
N SER B 230 19.31 22.50 23.44
CA SER B 230 18.85 21.21 22.94
C SER B 230 18.34 20.30 24.06
N ARG B 231 17.65 20.87 25.02
CA ARG B 231 17.08 20.08 26.11
C ARG B 231 15.63 19.75 25.81
N ASN B 232 15.10 18.77 26.54
CA ASN B 232 13.71 18.39 26.38
C ASN B 232 12.95 18.60 27.68
N LEU B 233 11.63 18.55 27.58
CA LEU B 233 10.76 19.01 28.65
C LEU B 233 10.87 18.13 29.90
N GLN B 234 10.68 16.83 29.74
CA GLN B 234 10.60 15.95 30.89
C GLN B 234 11.95 15.69 31.53
N GLU B 235 13.04 15.78 30.78
CA GLU B 235 14.37 15.51 31.30
C GLU B 235 15.16 16.79 31.56
N PHE B 236 14.49 17.90 31.81
CA PHE B 236 15.17 19.18 31.84
C PHE B 236 16.10 19.27 33.05
N LYS B 237 17.33 19.67 32.81
CA LYS B 237 18.30 19.86 33.88
C LYS B 237 18.99 21.21 33.70
N PRO B 238 19.11 22.00 34.75
CA PRO B 238 19.68 23.34 34.61
C PRO B 238 21.17 23.31 34.36
N ARG B 239 21.68 24.42 33.83
CA ARG B 239 23.09 24.52 33.48
C ARG B 239 23.73 25.80 34.00
N SER B 240 23.12 26.44 34.99
CA SER B 240 23.73 27.56 35.68
C SER B 240 23.03 27.72 37.02
N GLN B 241 23.58 28.60 37.84
CA GLN B 241 22.94 28.91 39.12
C GLN B 241 21.62 29.62 38.92
N MET B 242 21.56 30.53 37.94
CA MET B 242 20.31 31.22 37.66
C MET B 242 19.22 30.25 37.24
N GLU B 243 19.56 29.20 36.49
CA GLU B 243 18.57 28.22 36.11
C GLU B 243 18.21 27.29 37.27
N ILE B 244 19.15 27.06 38.19
CA ILE B 244 18.80 26.33 39.40
C ILE B 244 17.88 27.16 40.27
N ASP B 245 18.20 28.45 40.42
CA ASP B 245 17.35 29.33 41.20
C ASP B 245 15.96 29.43 40.58
N PHE B 246 15.89 29.55 39.26
CA PHE B 246 14.60 29.67 38.58
C PHE B 246 13.71 28.47 38.84
N LEU B 247 14.28 27.28 38.86
CA LEU B 247 13.46 26.08 39.02
C LEU B 247 13.05 25.83 40.46
N GLU B 248 13.74 26.43 41.42
CA GLU B 248 13.44 26.24 42.84
C GLU B 248 12.64 27.39 43.43
N LEU B 249 13.10 28.63 43.22
CA LEU B 249 12.49 29.77 43.86
C LEU B 249 11.08 30.01 43.35
N ALA B 250 10.29 30.69 44.17
CA ALA B 250 9.03 31.22 43.69
C ALA B 250 9.30 32.33 42.68
N MET B 251 8.29 32.62 41.86
CA MET B 251 8.45 33.57 40.77
C MET B 251 8.86 34.93 41.29
N ASP B 252 8.22 35.40 42.36
CA ASP B 252 8.51 36.73 42.88
C ASP B 252 9.92 36.82 43.45
N GLU B 253 10.36 35.78 44.15
CA GLU B 253 11.74 35.76 44.66
C GLU B 253 12.74 35.87 43.54
N PHE B 254 12.57 35.04 42.49
CA PHE B 254 13.55 35.01 41.42
C PHE B 254 13.68 36.37 40.76
N ILE B 255 12.55 37.01 40.48
CA ILE B 255 12.58 38.26 39.73
C ILE B 255 13.30 39.35 40.51
N GLU B 256 13.07 39.41 41.82
CA GLU B 256 13.75 40.40 42.64
C GLU B 256 15.24 40.10 42.76
N ARG B 257 15.58 38.86 43.08
CA ARG B 257 16.97 38.49 43.31
C ARG B 257 17.85 38.86 42.12
N TYR B 258 17.37 38.61 40.91
CA TYR B 258 18.14 38.91 39.71
C TYR B 258 17.72 40.23 39.08
N LYS B 259 16.91 41.02 39.77
CA LYS B 259 16.60 42.40 39.37
C LYS B 259 15.98 42.45 37.99
N LEU B 260 14.89 41.71 37.82
CA LEU B 260 14.24 41.56 36.52
C LEU B 260 12.92 42.33 36.44
N GLU B 261 12.73 43.32 37.29
CA GLU B 261 11.53 44.15 37.21
C GLU B 261 11.51 44.93 35.91
N GLY B 262 10.33 45.00 35.30
CA GLY B 262 10.17 45.75 34.07
C GLY B 262 10.50 45.00 32.80
N TYR B 263 10.86 43.73 32.89
CA TYR B 263 11.17 42.94 31.71
C TYR B 263 10.11 41.89 31.40
N ALA B 264 9.00 41.89 32.14
CA ALA B 264 7.84 41.04 31.84
C ALA B 264 8.21 39.56 31.87
N PHE B 265 9.01 39.17 32.86
CA PHE B 265 9.37 37.75 32.98
C PHE B 265 8.17 36.90 33.36
N GLU B 266 7.26 37.45 34.16
CA GLU B 266 6.04 36.73 34.51
C GLU B 266 5.27 36.33 33.26
N HIS B 267 5.23 37.22 32.27
CA HIS B 267 4.56 36.90 31.02
C HIS B 267 5.44 36.05 30.11
N ILE B 268 6.65 36.54 29.82
CA ILE B 268 7.49 35.92 28.79
C ILE B 268 7.88 34.51 29.19
N VAL B 269 8.42 34.36 30.40
CA VAL B 269 9.07 33.11 30.78
C VAL B 269 8.11 32.21 31.55
N TYR B 270 7.41 32.75 32.55
CA TYR B 270 6.57 31.90 33.39
C TYR B 270 5.29 31.50 32.68
N GLY B 271 4.75 32.35 31.83
CA GLY B 271 3.50 32.04 31.17
C GLY B 271 2.30 32.58 31.93
N ASP B 272 1.31 33.00 31.17
CA ASP B 272 0.05 33.48 31.73
C ASP B 272 -1.05 32.50 31.32
N PHE B 273 -1.64 31.83 32.31
CA PHE B 273 -2.63 30.79 32.07
C PHE B 273 -4.02 31.20 32.51
N SER B 274 -4.26 32.50 32.70
CA SER B 274 -5.53 32.96 33.27
C SER B 274 -6.61 33.22 32.24
N HIS B 275 -6.26 33.40 30.98
CA HIS B 275 -7.23 33.62 29.92
C HIS B 275 -7.29 32.39 29.02
N SER B 276 -8.30 32.35 28.15
CA SER B 276 -8.43 31.24 27.23
C SER B 276 -7.24 31.16 26.28
N GLN B 277 -6.67 32.30 25.93
CA GLN B 277 -5.48 32.34 25.10
C GLN B 277 -4.26 32.44 26.00
N LEU B 278 -3.37 31.47 25.88
CA LEU B 278 -2.21 31.38 26.74
C LEU B 278 -1.24 32.51 26.43
N GLY B 279 -0.83 33.25 27.47
CA GLY B 279 0.05 34.38 27.29
C GLY B 279 1.50 34.01 27.53
N GLY B 280 2.38 34.47 26.64
CA GLY B 280 3.81 34.33 26.86
C GLY B 280 4.31 32.92 26.71
N LEU B 281 5.25 32.54 27.57
CA LEU B 281 5.78 31.19 27.70
C LEU B 281 6.61 30.81 26.49
N HIS B 282 7.70 31.53 26.25
CA HIS B 282 8.49 31.39 25.05
C HIS B 282 9.88 30.80 25.28
N LEU B 283 10.22 30.48 26.53
CA LEU B 283 11.49 29.86 26.86
C LEU B 283 11.23 28.45 27.33
N LEU B 284 12.08 27.51 26.90
CA LEU B 284 11.86 26.12 27.24
C LEU B 284 11.93 25.88 28.74
N ILE B 285 12.76 26.62 29.46
CA ILE B 285 12.83 26.41 30.91
C ILE B 285 11.51 26.79 31.58
N GLY B 286 10.78 27.75 31.01
CA GLY B 286 9.46 28.07 31.54
C GLY B 286 8.48 26.92 31.40
N LEU B 287 8.50 26.25 30.25
CA LEU B 287 7.67 25.07 30.08
C LEU B 287 8.08 23.96 31.03
N ALA B 288 9.38 23.82 31.28
CA ALA B 288 9.85 22.74 32.14
C ALA B 288 9.40 22.96 33.58
N LYS B 289 9.36 24.21 34.04
CA LYS B 289 8.89 24.48 35.39
C LYS B 289 7.39 24.22 35.50
N ARG B 290 6.62 24.68 34.52
CA ARG B 290 5.18 24.41 34.51
C ARG B 290 4.90 22.91 34.41
N PHE B 291 5.73 22.18 33.68
CA PHE B 291 5.44 20.78 33.42
C PHE B 291 5.67 19.93 34.66
N LYS B 292 6.68 20.27 35.46
CA LYS B 292 6.94 19.49 36.66
C LYS B 292 5.80 19.61 37.66
N GLU B 293 5.07 20.72 37.64
CA GLU B 293 3.93 20.90 38.52
C GLU B 293 2.59 20.54 37.87
N SER B 294 2.47 20.70 36.57
CA SER B 294 1.19 20.50 35.90
C SER B 294 1.42 20.12 34.44
N PRO B 295 1.17 18.87 34.06
CA PRO B 295 1.43 18.46 32.68
C PRO B 295 0.47 19.10 31.70
N PHE B 296 0.97 19.31 30.49
CA PHE B 296 0.18 19.90 29.42
C PHE B 296 0.49 19.18 28.13
N GLU B 297 -0.18 19.59 27.06
CA GLU B 297 -0.04 18.97 25.75
C GLU B 297 0.74 19.88 24.82
N LEU B 298 1.75 19.32 24.16
CA LEU B 298 2.59 20.03 23.20
C LEU B 298 2.46 19.36 21.85
N GLU B 299 1.66 19.94 20.95
CA GLU B 299 1.52 19.41 19.61
C GLU B 299 2.58 20.05 18.72
N ASP B 300 3.54 19.24 18.29
CA ASP B 300 4.62 19.68 17.41
C ASP B 300 4.18 19.47 15.97
N PHE B 301 3.55 20.48 15.39
CA PHE B 301 2.90 20.28 14.11
C PHE B 301 3.85 20.39 12.92
N ILE B 302 5.10 20.80 13.13
CA ILE B 302 6.13 20.70 12.10
C ILE B 302 7.32 19.96 12.67
N PRO B 303 7.29 18.64 12.72
CA PRO B 303 8.30 17.90 13.49
C PRO B 303 9.66 17.80 12.82
N MET B 304 10.50 18.82 13.04
CA MET B 304 11.85 18.83 12.53
C MET B 304 12.74 19.59 13.52
N ASP B 305 14.04 19.47 13.35
CA ASP B 305 15.00 20.15 14.20
C ASP B 305 15.16 21.59 13.73
N SER B 306 14.88 22.55 14.61
CA SER B 306 15.13 23.94 14.28
C SER B 306 15.45 24.72 15.55
N THR B 307 16.09 25.87 15.35
CA THR B 307 16.46 26.74 16.47
C THR B 307 15.23 27.21 17.23
N VAL B 308 14.19 27.63 16.52
CA VAL B 308 12.91 28.00 17.10
C VAL B 308 11.90 26.93 16.76
N LYS B 309 11.14 26.49 17.75
CA LYS B 309 10.06 25.55 17.54
C LYS B 309 8.73 26.23 17.75
N ASN B 310 7.72 25.76 17.03
CA ASN B 310 6.35 26.24 17.19
C ASN B 310 5.49 25.09 17.71
N TYR B 311 4.70 25.37 18.73
CA TYR B 311 3.86 24.35 19.33
C TYR B 311 2.43 24.83 19.45
N PHE B 312 1.51 23.90 19.23
CA PHE B 312 0.13 24.04 19.66
C PHE B 312 0.06 23.49 21.07
N ILE B 313 -0.10 24.37 22.05
CA ILE B 313 -0.05 23.99 23.44
C ILE B 313 -1.43 24.11 24.06
N THR B 314 -1.80 23.12 24.87
CA THR B 314 -3.03 23.11 25.63
C THR B 314 -2.67 22.80 27.08
N ASP B 315 -3.01 23.70 27.99
CA ASP B 315 -2.75 23.51 29.40
C ASP B 315 -3.88 22.70 30.03
N ALA B 316 -3.54 21.54 30.59
CA ALA B 316 -4.56 20.64 31.12
C ALA B 316 -5.22 21.19 32.37
N GLN B 317 -4.46 21.88 33.22
CA GLN B 317 -5.01 22.34 34.49
C GLN B 317 -6.05 23.43 34.29
N THR B 318 -5.81 24.38 33.38
CA THR B 318 -6.69 25.51 33.23
C THR B 318 -7.48 25.52 31.93
N GLY B 319 -7.04 24.79 30.91
CA GLY B 319 -7.65 24.92 29.62
C GLY B 319 -7.20 26.13 28.82
N SER B 320 -6.17 26.82 29.26
CA SER B 320 -5.56 27.88 28.46
C SER B 320 -4.76 27.26 27.33
N SER B 321 -4.84 27.84 26.14
CA SER B 321 -4.20 27.22 24.99
C SER B 321 -3.79 28.28 23.98
N LYS B 322 -2.84 27.92 23.12
CA LYS B 322 -2.38 28.78 22.04
C LYS B 322 -1.98 27.93 20.86
N CYS B 323 -2.46 28.32 19.67
CA CYS B 323 -2.25 27.50 18.48
C CYS B 323 -0.79 27.52 18.03
N VAL B 324 -0.16 28.68 18.04
CA VAL B 324 1.21 28.84 17.60
C VAL B 324 1.97 29.48 18.74
N CYS B 325 2.65 28.67 19.54
CA CYS B 325 3.51 29.16 20.59
C CYS B 325 4.96 28.89 20.18
N SER B 326 5.74 29.96 20.07
CA SER B 326 7.13 29.84 19.65
C SER B 326 8.03 29.70 20.87
N VAL B 327 8.84 28.64 20.88
CA VAL B 327 9.65 28.26 22.03
C VAL B 327 11.10 28.19 21.60
N ILE B 328 11.99 28.74 22.41
CA ILE B 328 13.42 28.64 22.20
C ILE B 328 14.09 28.19 23.49
N ASP B 329 15.12 27.35 23.37
CA ASP B 329 15.85 26.83 24.52
C ASP B 329 17.21 27.50 24.64
N LEU B 330 17.18 28.75 25.06
CA LEU B 330 18.40 29.46 25.43
C LEU B 330 18.71 29.24 26.89
N LEU B 331 20.00 29.24 27.21
CA LEU B 331 20.41 29.34 28.60
C LEU B 331 19.84 30.63 29.19
N LEU B 332 19.25 30.52 30.38
CA LEU B 332 18.54 31.67 30.95
C LEU B 332 19.46 32.86 31.13
N ASP B 333 20.72 32.62 31.53
CA ASP B 333 21.68 33.71 31.62
C ASP B 333 21.87 34.42 30.29
N ASP B 334 21.76 33.69 29.18
CA ASP B 334 21.88 34.31 27.86
C ASP B 334 20.66 35.13 27.53
N PHE B 335 19.46 34.58 27.80
CA PHE B 335 18.24 35.28 27.49
C PHE B 335 18.08 36.54 28.35
N VAL B 336 18.50 36.47 29.61
CA VAL B 336 18.52 37.67 30.45
C VAL B 336 19.45 38.71 29.84
N GLU B 337 20.63 38.28 29.40
CA GLU B 337 21.58 39.20 28.81
C GLU B 337 21.05 39.82 27.53
N ILE B 338 20.27 39.06 26.76
CA ILE B 338 19.73 39.59 25.51
C ILE B 338 18.67 40.64 25.79
N ILE B 339 17.71 40.34 26.66
CA ILE B 339 16.58 41.23 26.84
C ILE B 339 16.99 42.49 27.59
N LYS B 340 18.03 42.44 28.40
CA LYS B 340 18.47 43.64 29.10
C LYS B 340 19.19 44.63 28.20
N SER B 341 19.52 44.23 26.97
CA SER B 341 20.22 45.12 26.04
C SER B 341 19.26 45.77 25.05
N GLN B 342 17.96 45.77 25.33
CA GLN B 342 16.95 46.28 24.42
C GLN B 342 16.48 47.65 24.88
N ASP B 343 16.28 48.56 23.92
CA ASP B 343 15.65 49.83 24.20
C ASP B 343 14.18 49.63 24.51
N LEU B 344 13.81 49.70 25.79
CA LEU B 344 12.42 49.57 26.19
C LEU B 344 11.60 50.83 25.89
N SER B 345 12.11 51.71 25.04
CA SER B 345 11.53 53.03 24.82
C SER B 345 10.62 53.12 23.61
N VAL B 346 10.84 52.31 22.60
CA VAL B 346 9.98 52.33 21.43
C VAL B 346 8.81 51.38 21.67
N VAL B 347 7.74 51.56 20.90
CA VAL B 347 6.55 50.73 21.09
C VAL B 347 6.85 49.28 20.72
N SER B 348 7.29 49.06 19.49
CA SER B 348 7.53 47.72 19.00
C SER B 348 8.55 47.75 17.88
N LYS B 349 9.25 46.64 17.71
CA LYS B 349 10.24 46.47 16.65
C LYS B 349 10.68 45.03 16.60
N VAL B 350 11.31 44.67 15.48
CA VAL B 350 11.91 43.36 15.32
C VAL B 350 13.38 43.46 15.68
N VAL B 351 13.81 42.63 16.61
CA VAL B 351 15.20 42.54 17.04
C VAL B 351 15.85 41.33 16.37
N LYS B 352 17.09 41.49 15.97
CA LYS B 352 17.89 40.40 15.42
C LYS B 352 18.87 39.92 16.46
N VAL B 353 18.96 38.62 16.62
CA VAL B 353 19.91 37.99 17.54
C VAL B 353 20.54 36.81 16.82
N THR B 354 21.86 36.71 16.84
CA THR B 354 22.55 35.57 16.25
C THR B 354 22.49 34.39 17.21
N ILE B 355 21.82 33.32 16.80
CA ILE B 355 21.69 32.12 17.59
C ILE B 355 21.87 30.93 16.67
N ASP B 356 22.77 30.01 17.05
CA ASP B 356 23.08 28.83 16.26
C ASP B 356 23.54 29.22 14.85
N TYR B 357 24.34 30.28 14.77
CA TYR B 357 24.92 30.81 13.54
C TYR B 357 23.91 31.44 12.59
N THR B 358 22.68 31.66 13.02
CA THR B 358 21.69 32.30 12.17
C THR B 358 21.06 33.46 12.92
N GLU B 359 20.49 34.40 12.17
CA GLU B 359 19.85 35.58 12.75
C GLU B 359 18.39 35.25 13.05
N ILE B 360 18.03 35.25 14.32
CA ILE B 360 16.68 34.98 14.76
C ILE B 360 15.99 36.30 15.04
N SER B 361 14.78 36.46 14.51
CA SER B 361 13.99 37.66 14.71
C SER B 361 13.14 37.54 15.98
N PHE B 362 13.25 38.53 16.85
CA PHE B 362 12.42 38.61 18.04
C PHE B 362 11.52 39.83 17.93
N MET B 363 10.23 39.62 18.14
CA MET B 363 9.26 40.70 18.15
C MET B 363 9.19 41.29 19.55
N LEU B 364 9.69 42.51 19.71
CA LEU B 364 9.67 43.19 21.01
C LEU B 364 8.47 44.14 21.07
N TRP B 365 7.63 43.94 22.09
CA TRP B 365 6.48 44.80 22.36
C TRP B 365 6.71 45.53 23.67
N CYS B 366 6.79 46.85 23.64
CA CYS B 366 7.06 47.62 24.84
C CYS B 366 5.93 48.60 25.11
N LYS B 367 5.81 49.00 26.37
CA LYS B 367 4.77 49.94 26.78
C LYS B 367 5.22 50.65 28.04
N ASP B 368 5.40 51.96 27.95
CA ASP B 368 5.76 52.82 29.08
C ASP B 368 7.10 52.43 29.69
N GLY B 369 8.10 52.27 28.83
CA GLY B 369 9.42 51.92 29.31
C GLY B 369 9.50 50.55 29.96
N HIS B 370 8.60 49.64 29.58
CA HIS B 370 8.62 48.29 30.11
C HIS B 370 8.17 47.34 29.00
N VAL B 371 8.66 46.12 29.07
CA VAL B 371 8.33 45.12 28.07
C VAL B 371 6.91 44.64 28.30
N GLU B 372 6.12 44.57 27.23
CA GLU B 372 4.93 43.75 27.26
C GLU B 372 5.30 42.29 27.02
N THR B 373 5.90 42.00 25.88
CA THR B 373 6.37 40.65 25.60
C THR B 373 7.53 40.71 24.62
N PHE B 374 8.22 39.58 24.50
CA PHE B 374 9.43 39.46 23.70
C PHE B 374 9.53 38.01 23.26
N TYR B 375 9.22 37.72 22.00
CA TYR B 375 9.16 36.33 21.58
C TYR B 375 9.83 36.15 20.24
N PRO B 376 10.46 35.00 20.01
CA PRO B 376 11.05 34.72 18.71
C PRO B 376 9.99 34.36 17.68
N LYS B 377 10.43 34.24 16.44
CA LYS B 377 9.57 33.81 15.36
C LYS B 377 10.30 32.76 14.53
N LEU B 378 9.54 31.79 14.03
CA LEU B 378 10.11 30.74 13.22
C LEU B 378 9.98 31.07 11.74
N GLU C 32 -18.75 -22.38 11.77
CA GLU C 32 -18.44 -21.28 10.86
C GLU C 32 -17.02 -20.77 11.04
N MET C 33 -16.23 -20.86 10.00
CA MET C 33 -14.86 -20.34 9.99
C MET C 33 -14.82 -19.13 9.06
N SER C 34 -15.04 -17.95 9.62
CA SER C 34 -15.17 -16.76 8.80
C SER C 34 -14.61 -15.55 9.53
N LEU C 35 -14.26 -14.55 8.75
CA LEU C 35 -13.69 -13.32 9.28
C LEU C 35 -14.70 -12.54 10.12
N GLU C 36 -15.96 -12.53 9.73
CA GLU C 36 -16.97 -11.78 10.47
C GLU C 36 -17.31 -12.44 11.80
N ASN C 37 -17.23 -13.77 11.87
CA ASN C 37 -17.44 -14.47 13.12
C ASN C 37 -16.24 -14.33 14.05
N VAL C 38 -15.03 -14.32 13.49
CA VAL C 38 -13.84 -14.02 14.30
C VAL C 38 -13.98 -12.65 14.91
N ALA C 39 -14.44 -11.67 14.13
CA ALA C 39 -14.59 -10.30 14.64
C ALA C 39 -15.72 -10.20 15.65
N PHE C 40 -16.77 -11.01 15.50
CA PHE C 40 -17.82 -11.05 16.51
C PHE C 40 -17.26 -11.53 17.85
N ASN C 41 -16.42 -12.55 17.84
CA ASN C 41 -15.83 -13.06 19.07
C ASN C 41 -14.89 -12.06 19.71
N VAL C 42 -14.10 -11.34 18.91
CA VAL C 42 -13.20 -10.35 19.46
C VAL C 42 -13.99 -9.21 20.10
N VAL C 43 -15.03 -8.73 19.42
CA VAL C 43 -15.80 -7.60 19.93
C VAL C 43 -16.55 -7.97 21.19
N ASN C 44 -17.05 -9.19 21.30
CA ASN C 44 -17.89 -9.56 22.41
C ASN C 44 -17.17 -10.35 23.51
N LYS C 45 -16.08 -11.02 23.19
CA LYS C 45 -15.38 -11.87 24.16
C LYS C 45 -13.94 -11.48 24.37
N GLY C 46 -13.44 -10.47 23.67
CA GLY C 46 -12.05 -10.07 23.75
C GLY C 46 -11.08 -10.93 22.99
N HIS C 47 -11.49 -12.11 22.54
CA HIS C 47 -10.64 -13.04 21.79
C HIS C 47 -11.58 -14.07 21.20
N PHE C 48 -11.03 -14.95 20.37
CA PHE C 48 -11.86 -15.98 19.76
C PHE C 48 -12.28 -16.99 20.82
N ASP C 49 -13.58 -17.16 20.95
CA ASP C 49 -14.15 -18.00 22.00
C ASP C 49 -15.11 -19.04 21.43
N GLY C 50 -15.22 -19.13 20.11
CA GLY C 50 -16.14 -20.08 19.52
C GLY C 50 -17.60 -19.72 19.68
N GLN C 51 -17.93 -18.44 19.82
CA GLN C 51 -19.31 -18.02 19.84
C GLN C 51 -19.84 -17.88 18.42
N GLN C 52 -21.15 -17.95 18.28
CA GLN C 52 -21.82 -17.76 17.00
C GLN C 52 -22.29 -16.33 16.86
N GLY C 53 -22.17 -15.79 15.66
CA GLY C 53 -22.54 -14.43 15.39
C GLY C 53 -21.62 -13.78 14.38
N GLU C 54 -22.01 -12.62 13.87
CA GLU C 54 -21.20 -11.93 12.89
C GLU C 54 -21.31 -10.43 13.14
N VAL C 55 -20.23 -9.71 12.86
CA VAL C 55 -20.31 -8.25 12.79
C VAL C 55 -19.74 -7.83 11.43
N PRO C 56 -20.15 -6.70 10.88
CA PRO C 56 -19.56 -6.24 9.63
C PRO C 56 -18.14 -5.74 9.82
N VAL C 57 -17.30 -6.00 8.82
CA VAL C 57 -15.87 -5.74 8.89
C VAL C 57 -15.44 -5.03 7.61
N SER C 58 -14.54 -4.07 7.75
CA SER C 58 -13.84 -3.45 6.62
C SER C 58 -12.36 -3.72 6.75
N ILE C 59 -11.75 -4.12 5.64
CA ILE C 59 -10.31 -4.33 5.57
C ILE C 59 -9.73 -3.23 4.69
N ILE C 60 -8.87 -2.42 5.26
CA ILE C 60 -8.18 -1.36 4.54
C ILE C 60 -6.76 -1.30 5.06
N ASN C 61 -5.83 -0.97 4.17
CA ASN C 61 -4.41 -0.90 4.51
C ASN C 61 -4.04 -2.29 5.01
N ASN C 62 -3.42 -2.42 6.16
CA ASN C 62 -3.18 -3.71 6.80
C ASN C 62 -3.98 -3.81 8.09
N THR C 63 -5.20 -3.29 8.10
CA THR C 63 -5.95 -3.07 9.31
C THR C 63 -7.36 -3.60 9.17
N VAL C 64 -7.88 -4.16 10.25
CA VAL C 64 -9.25 -4.65 10.32
C VAL C 64 -10.07 -3.65 11.10
N TYR C 65 -11.19 -3.22 10.53
CA TYR C 65 -12.09 -2.28 11.18
C TYR C 65 -13.45 -2.92 11.34
N THR C 66 -14.19 -2.44 12.32
CA THR C 66 -15.58 -2.82 12.50
C THR C 66 -16.37 -1.57 12.78
N LYS C 67 -17.67 -1.65 12.53
CA LYS C 67 -18.54 -0.48 12.64
C LYS C 67 -19.30 -0.52 13.96
N VAL C 68 -19.16 0.53 14.75
CA VAL C 68 -19.86 0.68 16.02
C VAL C 68 -20.56 2.04 16.00
N ASP C 69 -21.89 2.02 16.09
CA ASP C 69 -22.71 3.22 15.98
C ASP C 69 -22.38 4.01 14.73
N GLY C 70 -22.21 3.30 13.62
CA GLY C 70 -22.00 3.94 12.35
C GLY C 70 -20.60 4.49 12.09
N VAL C 71 -19.64 4.28 12.96
CA VAL C 71 -18.28 4.71 12.68
C VAL C 71 -17.35 3.52 12.76
N ASP C 72 -16.24 3.62 12.05
CA ASP C 72 -15.28 2.54 11.95
C ASP C 72 -14.33 2.55 13.15
N VAL C 73 -14.18 1.40 13.77
CA VAL C 73 -13.29 1.23 14.91
C VAL C 73 -12.27 0.17 14.55
N GLU C 74 -11.00 0.49 14.73
CA GLU C 74 -9.94 -0.45 14.42
C GLU C 74 -9.91 -1.58 15.45
N LEU C 75 -9.92 -2.81 14.97
CA LEU C 75 -9.77 -3.98 15.81
C LEU C 75 -8.37 -4.52 15.84
N PHE C 76 -7.61 -4.36 14.76
CA PHE C 76 -6.37 -5.10 14.60
C PHE C 76 -5.53 -4.44 13.52
N GLU C 77 -4.26 -4.22 13.81
CA GLU C 77 -3.30 -3.76 12.83
C GLU C 77 -2.29 -4.87 12.58
N ASN C 78 -2.17 -5.28 11.34
CA ASN C 78 -1.28 -6.39 10.99
C ASN C 78 0.17 -5.92 10.99
N LYS C 79 0.98 -6.50 11.88
CA LYS C 79 2.41 -6.29 11.89
C LYS C 79 3.18 -7.48 11.34
N THR C 80 2.49 -8.56 11.01
CA THR C 80 3.14 -9.76 10.53
C THR C 80 3.44 -9.65 9.04
N THR C 81 4.09 -10.67 8.50
CA THR C 81 4.28 -10.82 7.07
C THR C 81 3.19 -11.67 6.43
N LEU C 82 2.13 -11.95 7.14
CA LEU C 82 1.00 -12.73 6.66
C LEU C 82 -0.07 -11.83 6.08
N PRO C 83 -1.01 -12.38 5.31
CA PRO C 83 -2.18 -11.58 4.89
C PRO C 83 -2.95 -11.11 6.12
N VAL C 84 -3.52 -9.91 6.01
CA VAL C 84 -4.13 -9.24 7.16
C VAL C 84 -5.23 -10.10 7.78
N ASN C 85 -6.05 -10.75 6.96
CA ASN C 85 -7.16 -11.53 7.49
C ASN C 85 -6.67 -12.83 8.13
N VAL C 86 -5.54 -13.36 7.67
CA VAL C 86 -4.97 -14.55 8.28
C VAL C 86 -4.33 -14.21 9.62
N ALA C 87 -3.57 -13.12 9.67
CA ALA C 87 -2.95 -12.67 10.91
C ALA C 87 -4.01 -12.34 11.96
N PHE C 88 -5.10 -11.67 11.56
CA PHE C 88 -6.17 -11.33 12.47
C PHE C 88 -6.76 -12.57 13.15
N GLU C 89 -7.01 -13.63 12.37
CA GLU C 89 -7.59 -14.83 12.95
C GLU C 89 -6.60 -15.54 13.86
N LEU C 90 -5.33 -15.60 13.48
CA LEU C 90 -4.33 -16.24 14.34
C LEU C 90 -4.19 -15.49 15.65
N TRP C 91 -4.24 -14.16 15.60
CA TRP C 91 -4.16 -13.36 16.81
C TRP C 91 -5.37 -13.57 17.71
N ALA C 92 -6.56 -13.63 17.11
CA ALA C 92 -7.76 -13.84 17.91
C ALA C 92 -7.77 -15.21 18.57
N LYS C 93 -7.08 -16.19 17.97
CA LYS C 93 -7.04 -17.55 18.49
C LYS C 93 -5.79 -17.83 19.32
N ARG C 94 -5.08 -16.79 19.75
CA ARG C 94 -3.90 -16.96 20.57
C ARG C 94 -4.24 -17.62 21.91
N ASN C 95 -3.28 -18.37 22.44
CA ASN C 95 -3.42 -18.96 23.75
C ASN C 95 -3.43 -17.87 24.81
N ILE C 96 -4.48 -17.84 25.63
CA ILE C 96 -4.61 -16.84 26.68
C ILE C 96 -4.36 -17.45 28.06
N LYS C 97 -3.71 -18.59 28.12
CA LYS C 97 -3.22 -19.16 29.36
C LYS C 97 -1.75 -18.88 29.53
N PRO C 98 -1.19 -19.07 30.72
CA PRO C 98 0.26 -18.96 30.87
C PRO C 98 0.96 -20.00 29.99
N VAL C 99 1.84 -19.53 29.13
CA VAL C 99 2.57 -20.43 28.24
C VAL C 99 4.06 -20.18 28.41
N PRO C 100 4.89 -21.16 28.06
CA PRO C 100 6.34 -20.93 28.09
C PRO C 100 6.74 -19.75 27.23
N GLU C 101 7.77 -19.05 27.65
CA GLU C 101 8.30 -17.98 26.85
C GLU C 101 8.84 -18.51 25.53
N VAL C 102 8.69 -17.70 24.48
CA VAL C 102 9.03 -18.13 23.14
C VAL C 102 10.47 -18.60 23.06
N LYS C 103 11.37 -17.94 23.79
CA LYS C 103 12.77 -18.34 23.78
C LYS C 103 12.98 -19.75 24.32
N ILE C 104 12.16 -20.19 25.27
CA ILE C 104 12.27 -21.56 25.77
C ILE C 104 11.85 -22.55 24.70
N LEU C 105 10.76 -22.26 24.00
CA LEU C 105 10.29 -23.15 22.94
C LEU C 105 11.28 -23.19 21.78
N ASN C 106 11.90 -22.05 21.46
CA ASN C 106 12.90 -22.03 20.41
C ASN C 106 14.11 -22.87 20.79
N ASN C 107 14.55 -22.77 22.05
CA ASN C 107 15.71 -23.53 22.48
C ASN C 107 15.45 -25.03 22.48
N LEU C 108 14.21 -25.44 22.73
CA LEU C 108 13.85 -26.84 22.69
C LEU C 108 13.54 -27.33 21.29
N GLY C 109 13.64 -26.47 20.28
CA GLY C 109 13.42 -26.86 18.92
C GLY C 109 11.98 -27.07 18.53
N VAL C 110 11.03 -26.44 19.23
CA VAL C 110 9.63 -26.57 18.86
C VAL C 110 9.41 -25.96 17.48
N ASP C 111 8.69 -26.67 16.62
CA ASP C 111 8.38 -26.18 15.30
C ASP C 111 6.96 -25.66 15.18
N ILE C 112 6.04 -26.17 15.99
CA ILE C 112 4.62 -26.02 15.75
C ILE C 112 3.87 -26.42 17.01
N ALA C 113 2.71 -25.86 17.24
CA ALA C 113 1.90 -26.19 18.40
C ALA C 113 0.71 -27.03 18.00
N ALA C 114 0.34 -27.98 18.85
CA ALA C 114 -0.84 -28.80 18.62
C ALA C 114 -2.09 -28.02 19.06
N ASN C 115 -2.87 -27.57 18.07
CA ASN C 115 -4.22 -27.06 18.30
C ASN C 115 -4.25 -25.78 19.12
N THR C 116 -3.27 -24.91 18.92
CA THR C 116 -3.27 -23.62 19.58
C THR C 116 -2.28 -22.72 18.87
N VAL C 117 -2.39 -21.42 19.13
CA VAL C 117 -1.49 -20.42 18.59
C VAL C 117 -0.70 -19.82 19.73
N ILE C 118 0.62 -19.90 19.65
CA ILE C 118 1.48 -19.15 20.55
C ILE C 118 1.77 -17.81 19.89
N TRP C 119 1.27 -16.75 20.48
CA TRP C 119 1.54 -15.42 19.95
C TRP C 119 2.88 -14.94 20.49
N ASP C 120 3.71 -14.40 19.62
CA ASP C 120 5.00 -13.85 19.99
C ASP C 120 4.82 -12.34 20.14
N TYR C 121 4.74 -11.87 21.37
CA TYR C 121 4.49 -10.46 21.62
C TYR C 121 5.71 -9.58 21.38
N LYS C 122 6.92 -10.13 21.42
CA LYS C 122 8.09 -9.34 21.04
C LYS C 122 8.04 -8.97 19.56
N ARG C 123 7.67 -9.92 18.72
CA ARG C 123 7.54 -9.68 17.29
C ARG C 123 6.14 -9.25 16.88
N ASP C 124 5.16 -9.34 17.77
CA ASP C 124 3.77 -9.05 17.46
C ASP C 124 3.28 -9.90 16.29
N ALA C 125 3.55 -11.20 16.37
CA ALA C 125 3.32 -12.12 15.28
C ALA C 125 3.17 -13.52 15.87
N PRO C 126 2.71 -14.49 15.08
CA PRO C 126 2.71 -15.87 15.59
C PRO C 126 4.13 -16.39 15.76
N ALA C 127 4.32 -17.19 16.80
CA ALA C 127 5.62 -17.79 17.05
C ALA C 127 6.01 -18.80 15.97
N HIS C 128 5.04 -19.44 15.34
CA HIS C 128 5.32 -20.53 14.43
C HIS C 128 4.66 -20.28 13.09
N ILE C 129 5.33 -20.76 12.03
CA ILE C 129 4.91 -20.45 10.67
C ILE C 129 3.62 -21.19 10.32
N SER C 130 3.44 -22.40 10.80
CA SER C 130 2.30 -23.23 10.47
C SER C 130 1.50 -23.55 11.73
N THR C 131 0.32 -24.11 11.53
CA THR C 131 -0.55 -24.49 12.63
C THR C 131 -1.07 -25.91 12.42
N ILE C 132 -1.70 -26.45 13.45
CA ILE C 132 -2.34 -27.76 13.44
C ILE C 132 -3.73 -27.56 13.99
N GLY C 133 -4.75 -27.62 13.13
CA GLY C 133 -6.12 -27.52 13.58
C GLY C 133 -6.54 -26.17 14.10
N VAL C 134 -6.12 -25.09 13.44
CA VAL C 134 -6.39 -23.74 13.93
C VAL C 134 -7.05 -22.91 12.85
N CYS C 135 -6.42 -22.83 11.69
CA CYS C 135 -6.81 -21.89 10.64
C CYS C 135 -6.56 -22.54 9.28
N SER C 136 -7.54 -22.43 8.39
CA SER C 136 -7.46 -23.12 7.10
C SER C 136 -6.29 -22.63 6.27
N MET C 137 -5.99 -21.33 6.33
CA MET C 137 -4.94 -20.79 5.51
C MET C 137 -3.54 -21.10 6.02
N THR C 138 -3.39 -21.61 7.24
CA THR C 138 -2.06 -21.95 7.76
C THR C 138 -1.92 -23.37 8.26
N ASP C 139 -3.02 -24.13 8.38
CA ASP C 139 -2.92 -25.50 8.87
C ASP C 139 -2.15 -26.36 7.89
N ILE C 140 -1.27 -27.20 8.41
CA ILE C 140 -0.68 -28.30 7.65
C ILE C 140 -1.34 -29.62 7.98
N ALA C 141 -2.23 -29.65 8.97
CA ALA C 141 -2.95 -30.84 9.42
C ALA C 141 -4.02 -30.37 10.38
N LYS C 142 -5.01 -31.22 10.59
CA LYS C 142 -6.00 -30.94 11.61
C LYS C 142 -5.65 -31.57 12.94
N LYS C 143 -4.90 -32.66 12.93
CA LYS C 143 -4.47 -33.33 14.14
C LYS C 143 -2.97 -33.56 14.10
N PRO C 144 -2.32 -33.59 15.26
CA PRO C 144 -0.87 -33.84 15.27
C PRO C 144 -0.51 -35.28 14.94
N THR C 145 -1.48 -36.19 14.85
CA THR C 145 -1.20 -37.57 14.50
C THR C 145 -0.99 -37.77 13.00
N GLU C 146 -1.28 -36.77 12.18
CA GLU C 146 -1.10 -36.92 10.75
C GLU C 146 0.39 -36.98 10.40
N THR C 147 0.69 -37.75 9.35
CA THR C 147 2.06 -38.13 9.04
C THR C 147 2.95 -36.94 8.70
N ILE C 148 2.39 -35.81 8.27
CA ILE C 148 3.22 -34.66 7.97
C ILE C 148 3.77 -34.02 9.25
N CYS C 149 3.18 -34.34 10.40
CA CYS C 149 3.62 -33.78 11.67
C CYS C 149 4.71 -34.61 12.34
N ALA C 150 4.79 -35.90 12.02
CA ALA C 150 5.74 -36.79 12.67
C ALA C 150 7.19 -36.31 12.64
N PRO C 151 7.71 -35.71 11.56
CA PRO C 151 9.08 -35.18 11.63
C PRO C 151 9.20 -33.82 12.29
N LEU C 152 8.11 -33.17 12.65
CA LEU C 152 8.16 -31.88 13.32
C LEU C 152 8.12 -32.08 14.83
N THR C 153 8.83 -31.20 15.54
CA THR C 153 8.74 -31.19 17.00
C THR C 153 7.50 -30.40 17.40
N VAL C 154 6.48 -31.10 17.84
CA VAL C 154 5.19 -30.53 18.15
C VAL C 154 5.13 -30.21 19.64
N PHE C 155 4.65 -29.01 19.96
CA PHE C 155 4.48 -28.61 21.35
C PHE C 155 3.11 -29.07 21.84
N PHE C 156 3.09 -29.83 22.92
CA PHE C 156 1.88 -30.31 23.55
C PHE C 156 1.70 -29.67 24.93
N ASP C 157 0.45 -29.57 25.36
CA ASP C 157 0.09 -28.87 26.58
C ASP C 157 -0.76 -29.79 27.44
N GLY C 158 -0.18 -30.30 28.54
CA GLY C 158 -0.86 -31.25 29.39
C GLY C 158 -2.11 -30.72 30.07
N ARG C 159 -2.31 -29.41 30.09
CA ARG C 159 -3.53 -28.85 30.65
C ARG C 159 -4.73 -29.00 29.73
N VAL C 160 -4.53 -29.42 28.50
CA VAL C 160 -5.60 -29.70 27.56
C VAL C 160 -5.81 -31.20 27.52
N ASP C 161 -7.07 -31.61 27.50
CA ASP C 161 -7.41 -33.03 27.61
C ASP C 161 -6.92 -33.82 26.41
N GLY C 162 -6.32 -34.97 26.68
CA GLY C 162 -5.85 -35.86 25.64
C GLY C 162 -4.49 -35.55 25.07
N GLN C 163 -3.86 -34.45 25.46
CA GLN C 163 -2.60 -34.06 24.85
C GLN C 163 -1.40 -34.73 25.48
N VAL C 164 -1.52 -35.19 26.72
CA VAL C 164 -0.48 -36.05 27.28
C VAL C 164 -0.39 -37.36 26.51
N ASP C 165 -1.54 -37.90 26.10
CA ASP C 165 -1.54 -39.14 25.34
C ASP C 165 -1.07 -38.92 23.91
N LEU C 166 -1.40 -37.76 23.33
CA LEU C 166 -0.88 -37.44 22.00
C LEU C 166 0.64 -37.35 22.02
N PHE C 167 1.21 -36.75 23.06
CA PHE C 167 2.67 -36.71 23.18
C PHE C 167 3.24 -38.11 23.35
N ARG C 168 2.56 -38.97 24.10
CA ARG C 168 3.04 -40.34 24.28
C ARG C 168 3.19 -41.06 22.96
N ASN C 169 2.33 -40.75 21.99
CA ASN C 169 2.39 -41.40 20.69
C ASN C 169 3.12 -40.57 19.65
N ALA C 170 3.37 -39.30 19.92
CA ALA C 170 4.09 -38.46 18.98
C ALA C 170 5.50 -38.98 18.79
N ARG C 171 6.07 -38.67 17.63
CA ARG C 171 7.44 -39.03 17.37
C ARG C 171 8.40 -37.99 17.92
N ASN C 172 8.13 -36.71 17.67
CA ASN C 172 8.97 -35.61 18.10
C ASN C 172 8.09 -34.57 18.78
N GLY C 173 8.28 -34.39 20.08
CA GLY C 173 7.40 -33.49 20.80
C GLY C 173 8.04 -32.92 22.03
N VAL C 174 7.50 -31.79 22.47
CA VAL C 174 7.77 -31.20 23.76
C VAL C 174 6.45 -31.13 24.51
N LEU C 175 6.45 -31.58 25.75
CA LEU C 175 5.25 -31.59 26.58
C LEU C 175 5.50 -30.77 27.84
N ILE C 176 4.53 -29.94 28.20
CA ILE C 176 4.54 -29.27 29.49
C ILE C 176 3.35 -29.75 30.31
N THR C 177 3.56 -29.95 31.59
CA THR C 177 2.49 -30.23 32.52
C THR C 177 2.67 -29.39 33.78
N GLU C 178 1.60 -29.28 34.55
CA GLU C 178 1.67 -28.71 35.88
C GLU C 178 2.01 -29.75 36.93
N GLY C 179 1.57 -30.99 36.74
CA GLY C 179 1.84 -32.04 37.70
C GLY C 179 2.74 -33.13 37.16
N SER C 180 2.62 -34.32 37.72
CA SER C 180 3.45 -35.44 37.30
C SER C 180 2.78 -36.20 36.16
N VAL C 181 3.62 -36.79 35.31
CA VAL C 181 3.17 -37.67 34.25
C VAL C 181 3.61 -39.08 34.62
N LYS C 182 2.67 -40.00 34.66
CA LYS C 182 2.99 -41.37 35.02
C LYS C 182 3.92 -41.97 33.97
N GLY C 183 5.09 -42.43 34.42
CA GLY C 183 6.04 -43.09 33.55
C GLY C 183 7.24 -42.25 33.14
N LEU C 184 7.18 -40.93 33.31
CA LEU C 184 8.18 -40.04 32.75
C LEU C 184 8.86 -39.23 33.83
N GLN C 185 10.16 -39.05 33.70
CA GLN C 185 10.91 -38.19 34.59
C GLN C 185 10.77 -36.75 34.15
N PRO C 186 10.38 -35.85 35.05
CA PRO C 186 10.20 -34.45 34.65
C PRO C 186 11.49 -33.66 34.70
N SER C 187 11.49 -32.57 33.96
CA SER C 187 12.49 -31.52 34.10
C SER C 187 11.76 -30.26 34.57
N VAL C 188 12.18 -29.73 35.71
CA VAL C 188 11.55 -28.53 36.25
C VAL C 188 11.99 -27.33 35.44
N GLY C 189 11.03 -26.58 34.91
CA GLY C 189 11.31 -25.46 34.05
C GLY C 189 11.52 -24.18 34.83
N PRO C 190 11.51 -23.06 34.13
CA PRO C 190 11.62 -21.77 34.81
C PRO C 190 10.39 -21.47 35.66
N LYS C 191 10.56 -20.57 36.60
CA LYS C 191 9.47 -20.18 37.48
C LYS C 191 8.46 -19.29 36.77
N GLN C 192 8.88 -18.55 35.77
CA GLN C 192 8.02 -17.60 35.09
C GLN C 192 7.47 -18.19 33.81
N ALA C 193 6.33 -17.66 33.38
CA ALA C 193 5.75 -17.97 32.09
C ALA C 193 5.16 -16.68 31.54
N SER C 194 4.56 -16.77 30.37
CA SER C 194 4.01 -15.60 29.68
C SER C 194 2.50 -15.70 29.66
N LEU C 195 1.83 -14.66 30.13
CA LEU C 195 0.37 -14.60 30.14
C LEU C 195 -0.05 -13.34 29.40
N ASN C 196 -0.58 -13.51 28.19
CA ASN C 196 -1.01 -12.39 27.35
C ASN C 196 0.11 -11.40 27.12
N GLY C 197 1.32 -11.88 26.94
CA GLY C 197 2.47 -11.03 26.75
C GLY C 197 3.14 -10.53 28.00
N VAL C 198 2.59 -10.82 29.18
CA VAL C 198 3.17 -10.39 30.44
C VAL C 198 3.94 -11.56 31.03
N THR C 199 5.23 -11.39 31.24
CA THR C 199 6.02 -12.42 31.90
C THR C 199 5.85 -12.29 33.41
N LEU C 200 5.45 -13.36 34.06
CA LEU C 200 5.20 -13.28 35.49
C LEU C 200 5.43 -14.64 36.14
N ILE C 201 5.77 -14.58 37.42
CA ILE C 201 5.78 -15.76 38.28
C ILE C 201 4.42 -15.80 38.95
N GLY C 202 3.64 -16.82 38.62
CA GLY C 202 2.22 -16.81 38.94
C GLY C 202 1.93 -17.14 40.39
N GLU C 203 0.92 -16.48 40.93
CA GLU C 203 0.39 -16.75 42.27
C GLU C 203 -1.04 -17.25 42.23
N ALA C 204 -1.92 -16.56 41.51
CA ALA C 204 -3.27 -17.04 41.27
C ALA C 204 -3.33 -18.12 40.20
N VAL C 205 -2.26 -18.28 39.43
CA VAL C 205 -2.18 -19.27 38.36
C VAL C 205 -0.78 -19.88 38.43
N LYS C 206 -0.66 -21.09 37.89
CA LYS C 206 0.61 -21.80 37.87
C LYS C 206 1.41 -21.42 36.63
N THR C 207 2.65 -21.00 36.82
CA THR C 207 3.53 -20.69 35.71
C THR C 207 4.76 -21.58 35.67
N GLN C 208 4.90 -22.50 36.60
CA GLN C 208 6.06 -23.37 36.71
C GLN C 208 5.69 -24.75 36.18
N PHE C 209 6.24 -25.11 35.04
CA PHE C 209 5.86 -26.33 34.33
C PHE C 209 6.94 -27.40 34.47
N ASN C 210 6.53 -28.65 34.35
CA ASN C 210 7.44 -29.73 34.02
C ASN C 210 7.57 -29.83 32.52
N TYR C 211 8.77 -30.18 32.06
CA TYR C 211 9.08 -30.30 30.64
C TYR C 211 9.49 -31.72 30.31
N TYR C 212 9.02 -32.20 29.16
CA TYR C 212 9.39 -33.50 28.62
C TYR C 212 9.66 -33.33 27.13
N LYS C 213 10.59 -34.14 26.62
CA LYS C 213 10.95 -34.06 25.21
C LYS C 213 11.09 -35.46 24.63
N LYS C 214 10.59 -35.65 23.42
CA LYS C 214 10.80 -36.87 22.66
C LYS C 214 11.48 -36.55 21.34
N VAL C 215 12.45 -37.37 20.97
CA VAL C 215 13.14 -37.24 19.70
C VAL C 215 13.15 -38.60 19.02
N ASP C 216 12.59 -38.67 17.82
CA ASP C 216 12.55 -39.90 17.03
C ASP C 216 11.95 -41.04 17.82
N GLY C 217 10.95 -40.74 18.64
CA GLY C 217 10.23 -41.74 19.38
C GLY C 217 10.76 -42.06 20.76
N VAL C 218 11.92 -41.52 21.14
CA VAL C 218 12.53 -41.84 22.42
C VAL C 218 12.46 -40.62 23.33
N VAL C 219 12.03 -40.84 24.58
CA VAL C 219 12.02 -39.78 25.57
C VAL C 219 13.46 -39.40 25.89
N GLN C 220 13.75 -38.10 25.84
CA GLN C 220 15.07 -37.56 26.11
C GLN C 220 15.20 -37.14 27.56
N GLN C 221 16.43 -37.11 28.04
CA GLN C 221 16.74 -36.52 29.33
C GLN C 221 17.21 -35.09 29.11
N LEU C 222 16.44 -34.15 29.59
CA LEU C 222 16.84 -32.77 29.38
C LEU C 222 17.97 -32.39 30.33
N PRO C 223 18.96 -31.65 29.86
CA PRO C 223 20.11 -31.34 30.71
C PRO C 223 19.75 -30.41 31.85
N GLU C 224 20.58 -30.45 32.89
CA GLU C 224 20.52 -29.43 33.92
C GLU C 224 20.88 -28.08 33.31
N THR C 225 20.27 -27.03 33.83
CA THR C 225 20.31 -25.76 33.13
C THR C 225 20.05 -24.63 34.11
N TYR C 226 20.67 -23.49 33.87
CA TYR C 226 20.21 -22.25 34.46
C TYR C 226 19.05 -21.70 33.64
N PHE C 227 18.34 -20.74 34.21
CA PHE C 227 17.28 -20.06 33.50
C PHE C 227 17.49 -18.56 33.61
N THR C 228 17.35 -17.87 32.50
CA THR C 228 17.26 -16.42 32.56
C THR C 228 15.96 -16.00 33.25
N GLN C 229 15.90 -14.74 33.65
CA GLN C 229 14.86 -14.26 34.53
C GLN C 229 13.78 -13.43 33.84
N SER C 230 14.02 -12.99 32.61
CA SER C 230 13.02 -12.32 31.78
C SER C 230 12.54 -11.00 32.39
N ARG C 231 13.45 -10.26 32.97
CA ARG C 231 13.11 -8.96 33.54
C ARG C 231 13.41 -7.86 32.54
N ASN C 232 12.84 -6.68 32.79
CA ASN C 232 13.10 -5.54 31.94
C ASN C 232 13.75 -4.42 32.73
N LEU C 233 14.28 -3.44 32.00
CA LEU C 233 15.18 -2.44 32.59
C LEU C 233 14.47 -1.55 33.60
N GLN C 234 13.38 -0.92 33.19
CA GLN C 234 12.75 0.07 34.03
C GLN C 234 11.98 -0.52 35.20
N GLU C 235 11.52 -1.76 35.09
CA GLU C 235 10.74 -2.41 36.13
C GLU C 235 11.56 -3.43 36.91
N PHE C 236 12.87 -3.27 36.95
CA PHE C 236 13.72 -4.34 37.49
C PHE C 236 13.52 -4.49 38.99
N LYS C 237 13.31 -5.73 39.43
CA LYS C 237 13.16 -6.02 40.83
C LYS C 237 14.05 -7.21 41.19
N PRO C 238 14.81 -7.13 42.27
CA PRO C 238 15.75 -8.21 42.59
C PRO C 238 15.04 -9.46 43.09
N ARG C 239 15.76 -10.58 43.02
CA ARG C 239 15.18 -11.86 43.40
C ARG C 239 16.10 -12.65 44.33
N SER C 240 17.04 -11.97 44.99
CA SER C 240 17.86 -12.59 46.03
C SER C 240 18.44 -11.48 46.88
N GLN C 241 19.06 -11.87 47.98
CA GLN C 241 19.74 -10.90 48.83
C GLN C 241 20.95 -10.29 48.11
N MET C 242 21.67 -11.11 47.36
CA MET C 242 22.81 -10.59 46.61
C MET C 242 22.38 -9.55 45.60
N GLU C 243 21.23 -9.73 44.97
CA GLU C 243 20.74 -8.73 44.03
C GLU C 243 20.19 -7.51 44.74
N ILE C 244 19.66 -7.66 45.95
CA ILE C 244 19.28 -6.50 46.75
C ILE C 244 20.52 -5.73 47.17
N ASP C 245 21.54 -6.45 47.63
CA ASP C 245 22.79 -5.82 48.01
C ASP C 245 23.42 -5.10 46.83
N PHE C 246 23.42 -5.74 45.66
CA PHE C 246 24.03 -5.13 44.48
C PHE C 246 23.38 -3.81 44.12
N LEU C 247 22.06 -3.72 44.25
CA LEU C 247 21.37 -2.52 43.83
C LEU C 247 21.47 -1.40 44.85
N GLU C 248 21.80 -1.71 46.10
CA GLU C 248 21.91 -0.71 47.16
C GLU C 248 23.35 -0.32 47.44
N LEU C 249 24.22 -1.29 47.65
CA LEU C 249 25.58 -1.01 48.07
C LEU C 249 26.36 -0.28 46.99
N ALA C 250 27.40 0.43 47.41
CA ALA C 250 28.38 0.93 46.46
C ALA C 250 29.15 -0.25 45.87
N MET C 251 29.76 0.00 44.71
CA MET C 251 30.43 -1.06 43.97
C MET C 251 31.52 -1.71 44.81
N ASP C 252 32.33 -0.90 45.49
CA ASP C 252 33.44 -1.44 46.25
C ASP C 252 32.96 -2.28 47.44
N GLU C 253 31.91 -1.83 48.12
CA GLU C 253 31.35 -2.61 49.21
C GLU C 253 30.88 -3.98 48.73
N PHE C 254 30.11 -4.00 47.64
CA PHE C 254 29.55 -5.25 47.17
C PHE C 254 30.63 -6.26 46.84
N ILE C 255 31.68 -5.81 46.15
CA ILE C 255 32.70 -6.73 45.67
C ILE C 255 33.43 -7.36 46.84
N GLU C 256 33.72 -6.58 47.87
CA GLU C 256 34.39 -7.12 49.06
C GLU C 256 33.49 -8.07 49.82
N ARG C 257 32.25 -7.64 50.10
CA ARG C 257 31.35 -8.44 50.91
C ARG C 257 31.17 -9.84 50.35
N TYR C 258 31.03 -9.95 49.03
CA TYR C 258 30.84 -11.24 48.41
C TYR C 258 32.14 -11.81 47.83
N LYS C 259 33.28 -11.19 48.14
CA LYS C 259 34.60 -11.74 47.84
C LYS C 259 34.78 -11.96 46.35
N LEU C 260 34.57 -10.89 45.58
CA LEU C 260 34.60 -10.97 44.13
C LEU C 260 35.84 -10.33 43.53
N GLU C 261 36.91 -10.20 44.31
CA GLU C 261 38.16 -9.68 43.78
C GLU C 261 38.74 -10.63 42.75
N GLY C 262 39.25 -10.07 41.66
CA GLY C 262 39.86 -10.86 40.62
C GLY C 262 38.93 -11.40 39.58
N TYR C 263 37.64 -11.09 39.65
CA TYR C 263 36.67 -11.56 38.67
C TYR C 263 36.17 -10.45 37.75
N ALA C 264 36.74 -9.26 37.86
CA ALA C 264 36.46 -8.14 36.95
C ALA C 264 34.97 -7.77 36.94
N PHE C 265 34.36 -7.73 38.12
CA PHE C 265 32.97 -7.35 38.21
C PHE C 265 32.77 -5.88 37.85
N GLU C 266 33.74 -5.03 38.19
CA GLU C 266 33.68 -3.62 37.81
C GLU C 266 33.52 -3.48 36.30
N HIS C 267 34.23 -4.30 35.54
CA HIS C 267 34.12 -4.26 34.09
C HIS C 267 32.88 -5.02 33.61
N ILE C 268 32.76 -6.29 34.00
CA ILE C 268 31.73 -7.15 33.42
C ILE C 268 30.34 -6.66 33.77
N VAL C 269 30.08 -6.42 35.06
CA VAL C 269 28.73 -6.18 35.53
C VAL C 269 28.42 -4.70 35.62
N TYR C 270 29.31 -3.91 36.22
CA TYR C 270 29.02 -2.50 36.44
C TYR C 270 29.14 -1.68 35.16
N GLY C 271 30.05 -2.06 34.28
CA GLY C 271 30.25 -1.30 33.07
C GLY C 271 31.34 -0.25 33.23
N ASP C 272 32.07 -0.04 32.15
CA ASP C 272 33.11 0.99 32.10
C ASP C 272 32.67 2.04 31.10
N PHE C 273 32.43 3.25 31.57
CA PHE C 273 31.91 4.34 30.75
C PHE C 273 32.95 5.44 30.53
N SER C 274 34.23 5.15 30.75
CA SER C 274 35.25 6.19 30.71
C SER C 274 35.85 6.42 29.32
N HIS C 275 35.73 5.45 28.43
CA HIS C 275 36.24 5.59 27.07
C HIS C 275 35.08 5.72 26.10
N SER C 276 35.40 6.09 24.87
CA SER C 276 34.37 6.22 23.84
C SER C 276 33.68 4.89 23.57
N GLN C 277 34.41 3.80 23.70
CA GLN C 277 33.85 2.46 23.54
C GLN C 277 33.49 1.93 24.93
N LEU C 278 32.21 1.61 25.11
CA LEU C 278 31.72 1.19 26.40
C LEU C 278 32.27 -0.20 26.76
N GLY C 279 32.86 -0.32 27.95
CA GLY C 279 33.46 -1.56 28.36
C GLY C 279 32.52 -2.39 29.22
N GLY C 280 32.45 -3.68 28.92
CA GLY C 280 31.73 -4.61 29.78
C GLY C 280 30.23 -4.46 29.69
N LEU C 281 29.57 -4.59 30.85
CA LEU C 281 28.14 -4.36 31.03
C LEU C 281 27.31 -5.41 30.32
N HIS C 282 27.46 -6.67 30.73
CA HIS C 282 26.86 -7.79 30.04
C HIS C 282 25.75 -8.48 30.83
N LEU C 283 25.45 -8.00 32.03
CA LEU C 283 24.36 -8.54 32.84
C LEU C 283 23.27 -7.50 32.94
N LEU C 284 22.02 -7.96 32.84
CA LEU C 284 20.90 -7.03 32.84
C LEU C 284 20.81 -6.25 34.15
N ILE C 285 21.18 -6.85 35.27
CA ILE C 285 21.11 -6.11 36.53
C ILE C 285 22.10 -4.95 36.54
N GLY C 286 23.22 -5.08 35.82
CA GLY C 286 24.13 -3.95 35.70
C GLY C 286 23.52 -2.78 34.95
N LEU C 287 22.79 -3.06 33.87
CA LEU C 287 22.09 -2.01 33.16
C LEU C 287 21.01 -1.38 34.04
N ALA C 288 20.34 -2.19 34.85
CA ALA C 288 19.26 -1.67 35.69
C ALA C 288 19.80 -0.72 36.75
N LYS C 289 20.98 -1.01 37.30
CA LYS C 289 21.58 -0.11 38.28
C LYS C 289 22.00 1.20 37.63
N ARG C 290 22.65 1.12 36.47
CA ARG C 290 23.04 2.31 35.74
C ARG C 290 21.82 3.13 35.31
N PHE C 291 20.73 2.45 34.97
CA PHE C 291 19.58 3.16 34.42
C PHE C 291 18.84 3.94 35.50
N LYS C 292 18.79 3.42 36.73
CA LYS C 292 18.10 4.14 37.79
C LYS C 292 18.82 5.44 38.12
N GLU C 293 20.12 5.51 37.90
CA GLU C 293 20.87 6.72 38.14
C GLU C 293 21.07 7.58 36.91
N SER C 294 21.12 6.98 35.73
CA SER C 294 21.45 7.71 34.51
C SER C 294 20.86 7.00 33.30
N PRO C 295 19.81 7.54 32.69
CA PRO C 295 19.19 6.85 31.56
C PRO C 295 20.09 6.82 30.34
N PHE C 296 19.93 5.77 29.54
CA PHE C 296 20.70 5.60 28.32
C PHE C 296 19.78 5.04 27.25
N GLU C 297 20.33 4.85 26.06
CA GLU C 297 19.58 4.39 24.90
C GLU C 297 19.96 2.94 24.59
N LEU C 298 18.95 2.09 24.42
CA LEU C 298 19.13 0.68 24.08
C LEU C 298 18.44 0.42 22.76
N GLU C 299 19.21 0.34 21.68
CA GLU C 299 18.67 0.02 20.37
C GLU C 299 18.68 -1.50 20.20
N ASP C 300 17.49 -2.08 20.17
CA ASP C 300 17.32 -3.52 19.99
C ASP C 300 17.18 -3.78 18.49
N PHE C 301 18.31 -4.02 17.83
CA PHE C 301 18.27 -4.08 16.38
C PHE C 301 17.83 -5.43 15.82
N ILE C 302 17.68 -6.45 16.65
CA ILE C 302 17.04 -7.70 16.23
C ILE C 302 15.91 -8.00 17.20
N PRO C 303 14.75 -7.39 17.04
CA PRO C 303 13.72 -7.46 18.09
C PRO C 303 12.97 -8.79 18.15
N MET C 304 13.52 -9.74 18.88
CA MET C 304 12.88 -11.03 19.09
C MET C 304 13.29 -11.54 20.47
N ASP C 305 12.59 -12.58 20.93
CA ASP C 305 12.86 -13.19 22.21
C ASP C 305 14.03 -14.16 22.08
N SER C 306 15.10 -13.93 22.84
CA SER C 306 16.20 -14.87 22.86
C SER C 306 16.89 -14.84 24.21
N THR C 307 17.61 -15.91 24.50
CA THR C 307 18.34 -16.02 25.77
C THR C 307 19.38 -14.92 25.90
N VAL C 308 20.13 -14.65 24.85
CA VAL C 308 21.09 -13.56 24.79
C VAL C 308 20.54 -12.49 23.87
N LYS C 309 20.59 -11.25 24.31
CA LYS C 309 20.19 -10.12 23.48
C LYS C 309 21.40 -9.29 23.12
N ASN C 310 21.36 -8.68 21.95
CA ASN C 310 22.40 -7.76 21.51
C ASN C 310 21.80 -6.37 21.39
N TYR C 311 22.50 -5.39 21.94
CA TYR C 311 22.02 -4.02 21.93
C TYR C 311 23.08 -3.07 21.41
N PHE C 312 22.63 -2.08 20.65
CA PHE C 312 23.41 -0.88 20.38
C PHE C 312 23.10 0.09 21.50
N ILE C 313 24.05 0.31 22.39
CA ILE C 313 23.82 1.11 23.58
C ILE C 313 24.61 2.41 23.47
N THR C 314 23.97 3.50 23.86
CA THR C 314 24.58 4.82 23.94
C THR C 314 24.30 5.39 25.31
N ASP C 315 25.35 5.70 26.07
CA ASP C 315 25.21 6.27 27.40
C ASP C 315 25.04 7.78 27.28
N ALA C 316 23.92 8.29 27.78
CA ALA C 316 23.61 9.70 27.63
C ALA C 316 24.52 10.59 28.47
N GLN C 317 24.88 10.12 29.68
CA GLN C 317 25.66 10.96 30.58
C GLN C 317 27.08 11.19 30.05
N THR C 318 27.72 10.16 29.51
CA THR C 318 29.11 10.26 29.11
C THR C 318 29.33 10.24 27.61
N GLY C 319 28.38 9.71 26.83
CA GLY C 319 28.63 9.50 25.43
C GLY C 319 29.43 8.25 25.12
N SER C 320 29.64 7.38 26.09
CA SER C 320 30.24 6.07 25.83
C SER C 320 29.21 5.17 25.15
N SER C 321 29.65 4.41 24.15
CA SER C 321 28.70 3.64 23.38
C SER C 321 29.36 2.37 22.84
N LYS C 322 28.53 1.39 22.50
CA LYS C 322 28.99 0.16 21.90
C LYS C 322 27.93 -0.36 20.94
N CYS C 323 28.37 -0.74 19.74
CA CYS C 323 27.43 -1.13 18.68
C CYS C 323 26.77 -2.47 18.99
N VAL C 324 27.52 -3.44 19.46
CA VAL C 324 27.01 -4.77 19.75
C VAL C 324 27.37 -5.08 21.20
N CYS C 325 26.43 -4.85 22.10
CA CYS C 325 26.59 -5.21 23.50
C CYS C 325 25.69 -6.39 23.79
N SER C 326 26.28 -7.50 24.22
CA SER C 326 25.52 -8.70 24.50
C SER C 326 25.12 -8.75 25.97
N VAL C 327 23.83 -8.90 26.22
CA VAL C 327 23.27 -8.79 27.55
C VAL C 327 22.50 -10.08 27.86
N ILE C 328 22.70 -10.60 29.07
CA ILE C 328 21.95 -11.75 29.55
C ILE C 328 21.39 -11.44 30.94
N ASP C 329 20.18 -11.92 31.20
CA ASP C 329 19.51 -11.69 32.48
C ASP C 329 19.53 -12.97 33.32
N LEU C 330 20.70 -13.27 33.85
CA LEU C 330 20.84 -14.32 34.84
C LEU C 330 20.65 -13.76 36.23
N LEU C 331 20.11 -14.58 37.13
CA LEU C 331 20.17 -14.26 38.54
C LEU C 331 21.62 -14.09 38.96
N LEU C 332 21.91 -13.02 39.69
CA LEU C 332 23.30 -12.70 40.00
C LEU C 332 23.99 -13.83 40.76
N ASP C 333 23.26 -14.48 41.67
CA ASP C 333 23.81 -15.64 42.36
C ASP C 333 24.23 -16.74 41.39
N ASP C 334 23.52 -16.88 40.28
CA ASP C 334 23.88 -17.87 39.27
C ASP C 334 25.12 -17.45 38.51
N PHE C 335 25.17 -16.19 38.10
CA PHE C 335 26.32 -15.70 37.34
C PHE C 335 27.58 -15.70 38.18
N VAL C 336 27.47 -15.38 39.47
CA VAL C 336 28.61 -15.50 40.37
C VAL C 336 29.08 -16.95 40.42
N GLU C 337 28.13 -17.88 40.55
CA GLU C 337 28.48 -19.29 40.62
C GLU C 337 29.14 -19.77 39.33
N ILE C 338 28.72 -19.23 38.19
CA ILE C 338 29.30 -19.64 36.91
C ILE C 338 30.73 -19.16 36.79
N ILE C 339 30.97 -17.87 37.06
CA ILE C 339 32.28 -17.30 36.79
C ILE C 339 33.31 -17.80 37.80
N LYS C 340 32.88 -18.18 39.01
CA LYS C 340 33.83 -18.68 39.98
C LYS C 340 34.31 -20.09 39.67
N SER C 341 33.68 -20.78 38.71
CA SER C 341 34.08 -22.13 38.35
C SER C 341 34.98 -22.17 37.13
N GLN C 342 35.57 -21.04 36.76
CA GLN C 342 36.38 -20.94 35.55
C GLN C 342 37.86 -20.94 35.91
N ASP C 343 38.65 -21.65 35.11
CA ASP C 343 40.11 -21.58 35.23
C ASP C 343 40.59 -20.22 34.76
N LEU C 344 40.95 -19.35 35.70
CA LEU C 344 41.50 -18.04 35.37
C LEU C 344 42.94 -18.10 34.89
N SER C 345 43.42 -19.29 34.51
CA SER C 345 44.84 -19.51 34.23
C SER C 345 45.19 -19.44 32.75
N VAL C 346 44.26 -19.75 31.87
CA VAL C 346 44.54 -19.68 30.44
C VAL C 346 44.22 -18.27 29.98
N VAL C 347 44.78 -17.90 28.82
CA VAL C 347 44.58 -16.55 28.31
C VAL C 347 43.12 -16.32 27.93
N SER C 348 42.60 -17.17 27.04
CA SER C 348 41.25 -17.00 26.55
C SER C 348 40.72 -18.34 26.06
N LYS C 349 39.39 -18.48 26.10
CA LYS C 349 38.71 -19.68 25.62
C LYS C 349 37.22 -19.42 25.60
N VAL C 350 36.51 -20.28 24.87
CA VAL C 350 35.05 -20.25 24.84
C VAL C 350 34.54 -21.24 25.88
N VAL C 351 33.69 -20.77 26.77
CA VAL C 351 33.06 -21.58 27.80
C VAL C 351 31.63 -21.87 27.37
N LYS C 352 31.18 -23.09 27.63
CA LYS C 352 29.81 -23.49 27.39
C LYS C 352 29.05 -23.53 28.70
N VAL C 353 27.85 -22.95 28.71
CA VAL C 353 26.98 -22.97 29.87
C VAL C 353 25.57 -23.28 29.38
N THR C 354 24.91 -24.25 30.03
CA THR C 354 23.53 -24.56 29.68
C THR C 354 22.59 -23.54 30.33
N ILE C 355 21.90 -22.78 29.51
CA ILE C 355 20.96 -21.77 29.97
C ILE C 355 19.72 -21.85 29.10
N ASP C 356 18.56 -21.95 29.73
CA ASP C 356 17.28 -22.07 29.03
C ASP C 356 17.28 -23.27 28.08
N TYR C 357 17.87 -24.37 28.53
CA TYR C 357 17.96 -25.64 27.82
C TYR C 357 18.86 -25.61 26.59
N THR C 358 19.66 -24.56 26.41
CA THR C 358 20.57 -24.48 25.29
C THR C 358 21.97 -24.14 25.79
N GLU C 359 22.97 -24.47 25.00
CA GLU C 359 24.36 -24.20 25.35
C GLU C 359 24.74 -22.82 24.87
N ILE C 360 25.02 -21.93 25.81
CA ILE C 360 25.42 -20.56 25.52
C ILE C 360 26.94 -20.46 25.60
N SER C 361 27.55 -19.87 24.59
CA SER C 361 28.99 -19.69 24.54
C SER C 361 29.38 -18.38 25.22
N PHE C 362 30.31 -18.46 26.16
CA PHE C 362 30.87 -17.29 26.81
C PHE C 362 32.34 -17.18 26.45
N MET C 363 32.75 -16.01 25.99
CA MET C 363 34.13 -15.72 25.68
C MET C 363 34.83 -15.24 26.95
N LEU C 364 35.72 -16.06 27.49
CA LEU C 364 36.47 -15.72 28.69
C LEU C 364 37.84 -15.18 28.30
N TRP C 365 38.14 -13.97 28.76
CA TRP C 365 39.44 -13.33 28.56
C TRP C 365 40.12 -13.17 29.91
N CYS C 366 41.27 -13.83 30.10
CA CYS C 366 41.96 -13.77 31.37
C CYS C 366 43.35 -13.21 31.20
N LYS C 367 43.89 -12.67 32.29
CA LYS C 367 45.23 -12.09 32.28
C LYS C 367 45.80 -12.12 33.69
N ASP C 368 46.89 -12.87 33.86
CA ASP C 368 47.61 -12.96 35.13
C ASP C 368 46.73 -13.52 36.25
N GLY C 369 46.06 -14.63 35.97
CA GLY C 369 45.21 -15.25 36.97
C GLY C 369 44.03 -14.40 37.38
N HIS C 370 43.58 -13.51 36.51
CA HIS C 370 42.41 -12.69 36.78
C HIS C 370 41.65 -12.48 35.48
N VAL C 371 40.34 -12.30 35.61
CA VAL C 371 39.49 -12.10 34.45
C VAL C 371 39.71 -10.70 33.91
N GLU C 372 39.88 -10.60 32.59
CA GLU C 372 39.68 -9.31 31.93
C GLU C 372 38.20 -9.08 31.70
N THR C 373 37.55 -9.98 30.96
CA THR C 373 36.12 -9.89 30.76
C THR C 373 35.55 -11.27 30.49
N PHE C 374 34.23 -11.36 30.55
CA PHE C 374 33.52 -12.63 30.41
C PHE C 374 32.13 -12.29 29.89
N TYR C 375 31.89 -12.54 28.61
CA TYR C 375 30.63 -12.11 28.02
C TYR C 375 30.03 -13.19 27.15
N PRO C 376 28.71 -13.28 27.09
CA PRO C 376 28.06 -14.24 26.22
C PRO C 376 28.11 -13.78 24.77
N LYS C 377 27.68 -14.67 23.88
CA LYS C 377 27.56 -14.36 22.47
C LYS C 377 26.22 -14.86 21.97
N LEU C 378 25.63 -14.11 21.04
CA LEU C 378 24.36 -14.49 20.46
C LEU C 378 24.56 -15.26 19.16
N GLU D 32 -3.40 30.11 -8.97
CA GLU D 32 -3.54 28.99 -8.06
C GLU D 32 -2.76 27.76 -8.51
N MET D 33 -1.93 27.23 -7.63
CA MET D 33 -1.17 26.01 -7.87
C MET D 33 -1.70 24.96 -6.90
N SER D 34 -2.62 24.12 -7.34
CA SER D 34 -3.24 23.20 -6.40
C SER D 34 -3.74 21.97 -7.11
N LEU D 35 -3.86 20.88 -6.35
CA LEU D 35 -4.35 19.61 -6.88
C LEU D 35 -5.77 19.76 -7.42
N GLU D 36 -6.64 20.44 -6.69
CA GLU D 36 -8.02 20.59 -7.11
C GLU D 36 -8.15 21.44 -8.37
N ASN D 37 -7.26 22.41 -8.56
CA ASN D 37 -7.28 23.17 -9.80
C ASN D 37 -6.71 22.39 -10.97
N VAL D 38 -5.71 21.55 -10.72
CA VAL D 38 -5.21 20.69 -11.78
C VAL D 38 -6.30 19.74 -12.24
N ALA D 39 -7.05 19.16 -11.30
CA ALA D 39 -8.11 18.24 -11.68
C ALA D 39 -9.28 18.95 -12.35
N PHE D 40 -9.47 20.24 -12.05
CA PHE D 40 -10.48 21.01 -12.78
C PHE D 40 -10.12 21.13 -14.24
N ASN D 41 -8.85 21.40 -14.54
CA ASN D 41 -8.40 21.52 -15.93
C ASN D 41 -8.48 20.18 -16.65
N VAL D 42 -8.09 19.10 -15.98
CA VAL D 42 -8.13 17.78 -16.61
C VAL D 42 -9.57 17.40 -16.95
N VAL D 43 -10.50 17.74 -16.08
CA VAL D 43 -11.88 17.34 -16.26
C VAL D 43 -12.56 18.17 -17.36
N ASN D 44 -12.28 19.47 -17.42
CA ASN D 44 -12.98 20.34 -18.36
C ASN D 44 -12.22 20.58 -19.65
N LYS D 45 -10.92 20.30 -19.69
CA LYS D 45 -10.09 20.62 -20.84
C LYS D 45 -9.21 19.48 -21.31
N GLY D 46 -9.30 18.31 -20.70
CA GLY D 46 -8.48 17.17 -21.08
C GLY D 46 -7.04 17.20 -20.61
N HIS D 47 -6.53 18.35 -20.21
CA HIS D 47 -5.16 18.53 -19.75
C HIS D 47 -5.10 19.88 -19.04
N PHE D 48 -3.95 20.22 -18.48
CA PHE D 48 -3.82 21.49 -17.78
C PHE D 48 -3.72 22.64 -18.78
N ASP D 49 -4.71 23.53 -18.74
CA ASP D 49 -4.80 24.66 -19.65
C ASP D 49 -4.73 25.99 -18.92
N GLY D 50 -4.46 25.98 -17.61
CA GLY D 50 -4.42 27.21 -16.85
C GLY D 50 -5.77 27.86 -16.62
N GLN D 51 -6.84 27.08 -16.56
CA GLN D 51 -8.14 27.62 -16.22
C GLN D 51 -8.31 27.71 -14.71
N GLN D 52 -9.18 28.60 -14.28
CA GLN D 52 -9.50 28.77 -12.87
C GLN D 52 -10.71 27.90 -12.50
N GLY D 53 -10.65 27.33 -11.31
CA GLY D 53 -11.71 26.48 -10.83
C GLY D 53 -11.16 25.33 -10.02
N GLU D 54 -12.02 24.59 -9.34
CA GLU D 54 -11.59 23.45 -8.54
C GLU D 54 -12.68 22.40 -8.59
N VAL D 55 -12.27 21.14 -8.52
CA VAL D 55 -13.22 20.03 -8.36
C VAL D 55 -12.75 19.20 -7.18
N PRO D 56 -13.65 18.55 -6.45
CA PRO D 56 -13.22 17.70 -5.32
C PRO D 56 -12.49 16.46 -5.81
N VAL D 57 -11.47 16.06 -5.07
CA VAL D 57 -10.59 14.98 -5.46
C VAL D 57 -10.37 14.06 -4.27
N SER D 58 -10.30 12.77 -4.53
CA SER D 58 -9.92 11.78 -3.53
C SER D 58 -8.67 11.06 -3.99
N ILE D 59 -7.75 10.82 -3.08
CA ILE D 59 -6.52 10.12 -3.36
C ILE D 59 -6.51 8.85 -2.52
N ILE D 60 -6.42 7.72 -3.17
CA ILE D 60 -6.37 6.44 -2.47
C ILE D 60 -5.62 5.45 -3.35
N ASN D 61 -4.87 4.58 -2.71
CA ASN D 61 -3.90 3.73 -3.39
C ASN D 61 -2.94 4.71 -4.08
N ASN D 62 -2.60 4.47 -5.35
CA ASN D 62 -1.79 5.37 -6.13
C ASN D 62 -2.62 6.05 -7.22
N THR D 63 -3.88 6.35 -6.91
CA THR D 63 -4.86 6.74 -7.92
C THR D 63 -5.56 8.02 -7.48
N VAL D 64 -5.87 8.86 -8.45
CA VAL D 64 -6.63 10.08 -8.24
C VAL D 64 -8.05 9.84 -8.73
N TYR D 65 -9.03 10.23 -7.91
CA TYR D 65 -10.44 10.10 -8.24
C TYR D 65 -11.13 11.43 -8.09
N THR D 66 -12.26 11.56 -8.76
CA THR D 66 -13.11 12.71 -8.60
C THR D 66 -14.55 12.23 -8.58
N LYS D 67 -15.43 13.01 -7.97
CA LYS D 67 -16.84 12.67 -7.92
C LYS D 67 -17.58 13.28 -9.10
N VAL D 68 -18.28 12.43 -9.84
CA VAL D 68 -19.17 12.87 -10.90
C VAL D 68 -20.54 12.28 -10.58
N ASP D 69 -21.47 13.13 -10.17
CA ASP D 69 -22.82 12.73 -9.80
C ASP D 69 -22.81 11.70 -8.67
N GLY D 70 -21.97 11.93 -7.67
CA GLY D 70 -22.01 11.14 -6.45
C GLY D 70 -21.23 9.86 -6.46
N VAL D 71 -20.53 9.53 -7.54
CA VAL D 71 -19.69 8.36 -7.57
C VAL D 71 -18.29 8.75 -8.00
N ASP D 72 -17.31 7.99 -7.53
CA ASP D 72 -15.92 8.28 -7.81
C ASP D 72 -15.52 7.75 -9.18
N VAL D 73 -14.89 8.60 -9.96
CA VAL D 73 -14.37 8.25 -11.28
C VAL D 73 -12.86 8.44 -11.26
N GLU D 74 -12.13 7.42 -11.68
CA GLU D 74 -10.68 7.53 -11.73
C GLU D 74 -10.24 8.51 -12.81
N LEU D 75 -9.39 9.45 -12.43
CA LEU D 75 -8.75 10.39 -13.35
C LEU D 75 -7.36 9.97 -13.77
N PHE D 76 -6.64 9.25 -12.92
CA PHE D 76 -5.22 9.05 -13.14
C PHE D 76 -4.69 7.96 -12.23
N GLU D 77 -4.00 7.00 -12.79
CA GLU D 77 -3.28 5.99 -12.02
C GLU D 77 -1.80 6.29 -12.14
N ASN D 78 -1.10 6.32 -11.00
CA ASN D 78 0.29 6.72 -10.96
C ASN D 78 1.17 5.51 -11.25
N LYS D 79 1.89 5.54 -12.35
CA LYS D 79 2.84 4.49 -12.69
C LYS D 79 4.28 4.90 -12.49
N THR D 80 4.52 6.13 -12.00
CA THR D 80 5.85 6.63 -11.78
C THR D 80 6.35 6.25 -10.40
N THR D 81 7.58 6.63 -10.09
CA THR D 81 8.12 6.52 -8.74
C THR D 81 7.99 7.80 -7.95
N LEU D 82 7.26 8.78 -8.45
CA LEU D 82 6.94 10.04 -7.80
C LEU D 82 5.71 9.88 -6.90
N PRO D 83 5.54 10.79 -5.94
CA PRO D 83 4.28 10.84 -5.20
C PRO D 83 3.10 11.06 -6.14
N VAL D 84 1.99 10.39 -5.84
CA VAL D 84 0.85 10.33 -6.76
C VAL D 84 0.40 11.73 -7.18
N ASN D 85 0.31 12.66 -6.23
CA ASN D 85 -0.15 14.00 -6.56
C ASN D 85 0.87 14.77 -7.38
N VAL D 86 2.16 14.47 -7.21
CA VAL D 86 3.18 15.10 -8.03
C VAL D 86 3.11 14.57 -9.45
N ALA D 87 3.04 13.25 -9.61
CA ALA D 87 2.94 12.63 -10.92
C ALA D 87 1.68 13.09 -11.66
N PHE D 88 0.57 13.25 -10.95
CA PHE D 88 -0.67 13.73 -11.56
C PHE D 88 -0.49 15.12 -12.15
N GLU D 89 0.22 16.00 -11.45
CA GLU D 89 0.41 17.36 -11.93
C GLU D 89 1.33 17.39 -13.15
N LEU D 90 2.42 16.62 -13.12
CA LEU D 90 3.33 16.59 -14.25
C LEU D 90 2.66 16.03 -15.49
N TRP D 91 1.81 15.02 -15.31
CA TRP D 91 1.09 14.44 -16.43
C TRP D 91 0.09 15.43 -17.02
N ALA D 92 -0.65 16.14 -16.15
CA ALA D 92 -1.59 17.13 -16.63
C ALA D 92 -0.91 18.25 -17.40
N LYS D 93 0.36 18.52 -17.13
CA LYS D 93 1.09 19.61 -17.76
C LYS D 93 2.04 19.12 -18.84
N ARG D 94 1.86 17.90 -19.35
CA ARG D 94 2.70 17.40 -20.42
C ARG D 94 2.53 18.23 -21.69
N ASN D 95 3.59 18.28 -22.48
CA ASN D 95 3.53 18.94 -23.78
C ASN D 95 2.60 18.18 -24.71
N ILE D 96 1.61 18.87 -25.27
CA ILE D 96 0.63 18.22 -26.13
C ILE D 96 0.80 18.69 -27.56
N LYS D 97 1.99 19.14 -27.89
CA LYS D 97 2.39 19.41 -29.26
C LYS D 97 3.35 18.33 -29.73
N PRO D 98 3.62 18.27 -31.04
CA PRO D 98 4.64 17.32 -31.52
C PRO D 98 6.00 17.67 -30.93
N VAL D 99 6.59 16.70 -30.25
CA VAL D 99 7.88 16.89 -29.59
C VAL D 99 8.82 15.82 -30.13
N PRO D 100 10.12 16.07 -30.07
CA PRO D 100 11.08 15.02 -30.43
C PRO D 100 10.86 13.77 -29.58
N GLU D 101 11.13 12.62 -30.17
CA GLU D 101 11.05 11.39 -29.43
C GLU D 101 12.10 11.38 -28.33
N VAL D 102 11.76 10.72 -27.22
CA VAL D 102 12.62 10.73 -26.03
C VAL D 102 14.01 10.20 -26.37
N LYS D 103 14.09 9.22 -27.27
CA LYS D 103 15.39 8.66 -27.61
C LYS D 103 16.32 9.69 -28.22
N ILE D 104 15.77 10.62 -29.01
CA ILE D 104 16.60 11.65 -29.64
C ILE D 104 17.16 12.60 -28.58
N LEU D 105 16.30 13.04 -27.66
CA LEU D 105 16.74 13.95 -26.59
C LEU D 105 17.79 13.30 -25.72
N ASN D 106 17.58 12.03 -25.35
CA ASN D 106 18.59 11.30 -24.59
C ASN D 106 19.92 11.28 -25.33
N ASN D 107 19.90 10.93 -26.62
CA ASN D 107 21.15 10.86 -27.38
C ASN D 107 21.81 12.22 -27.50
N LEU D 108 21.03 13.29 -27.50
CA LEU D 108 21.58 14.63 -27.52
C LEU D 108 22.02 15.12 -26.14
N GLY D 109 21.84 14.30 -25.12
CA GLY D 109 22.27 14.68 -23.79
C GLY D 109 21.36 15.66 -23.06
N VAL D 110 20.08 15.73 -23.42
CA VAL D 110 19.17 16.63 -22.75
C VAL D 110 18.96 16.19 -21.31
N ASP D 111 19.04 17.13 -20.38
CA ASP D 111 18.89 16.85 -18.97
C ASP D 111 17.54 17.23 -18.40
N ILE D 112 16.86 18.19 -19.00
CA ILE D 112 15.72 18.85 -18.38
C ILE D 112 15.14 19.78 -19.44
N ALA D 113 13.83 19.99 -19.40
CA ALA D 113 13.17 20.86 -20.37
C ALA D 113 12.89 22.22 -19.75
N ALA D 114 12.92 23.25 -20.59
CA ALA D 114 12.64 24.61 -20.14
C ALA D 114 11.15 24.86 -20.21
N ASN D 115 10.50 24.93 -19.05
CA ASN D 115 9.12 25.38 -18.91
C ASN D 115 8.12 24.44 -19.57
N THR D 116 8.40 23.15 -19.61
CA THR D 116 7.43 22.19 -20.09
C THR D 116 7.77 20.82 -19.54
N VAL D 117 6.83 19.89 -19.72
CA VAL D 117 6.99 18.50 -19.31
C VAL D 117 6.98 17.65 -20.57
N ILE D 118 8.07 16.93 -20.81
CA ILE D 118 8.10 15.91 -21.84
C ILE D 118 7.68 14.61 -21.18
N TRP D 119 6.51 14.11 -21.55
CA TRP D 119 6.04 12.85 -21.01
C TRP D 119 6.59 11.69 -21.82
N ASP D 120 7.04 10.67 -21.12
CA ASP D 120 7.58 9.45 -21.72
C ASP D 120 6.47 8.40 -21.69
N TYR D 121 5.83 8.18 -22.83
CA TYR D 121 4.69 7.29 -22.89
C TYR D 121 5.06 5.81 -22.83
N LYS D 122 6.29 5.45 -23.19
CA LYS D 122 6.75 4.08 -22.99
C LYS D 122 6.82 3.74 -21.52
N ARG D 123 7.36 4.65 -20.72
CA ARG D 123 7.48 4.43 -19.29
C ARG D 123 6.26 4.88 -18.51
N ASP D 124 5.37 5.67 -19.13
CA ASP D 124 4.23 6.27 -18.45
C ASP D 124 4.71 7.11 -17.26
N ALA D 125 5.57 8.07 -17.56
CA ALA D 125 6.32 8.80 -16.55
C ALA D 125 6.97 10.00 -17.21
N PRO D 126 7.37 11.01 -16.45
CA PRO D 126 8.13 12.13 -17.02
C PRO D 126 9.46 11.68 -17.59
N ALA D 127 9.82 12.27 -18.73
CA ALA D 127 11.09 11.94 -19.36
C ALA D 127 12.28 12.36 -18.52
N HIS D 128 12.16 13.47 -17.79
CA HIS D 128 13.26 14.04 -17.05
C HIS D 128 12.93 14.15 -15.57
N ILE D 129 13.97 14.15 -14.76
CA ILE D 129 13.81 14.00 -13.32
C ILE D 129 13.32 15.29 -12.67
N SER D 130 13.77 16.44 -13.16
CA SER D 130 13.41 17.73 -12.60
C SER D 130 12.76 18.59 -13.66
N THR D 131 12.22 19.72 -13.24
CA THR D 131 11.54 20.64 -14.13
C THR D 131 12.07 22.05 -13.92
N ILE D 132 11.66 22.95 -14.80
CA ILE D 132 11.99 24.36 -14.70
C ILE D 132 10.69 25.13 -14.88
N GLY D 133 10.22 25.75 -13.81
CA GLY D 133 9.01 26.53 -13.86
C GLY D 133 7.79 25.73 -14.24
N VAL D 134 7.61 24.56 -13.63
CA VAL D 134 6.45 23.73 -13.93
C VAL D 134 5.70 23.38 -12.66
N CYS D 135 6.40 22.77 -11.71
CA CYS D 135 5.79 22.18 -10.52
C CYS D 135 6.67 22.47 -9.32
N SER D 136 6.06 22.94 -8.24
CA SER D 136 6.83 23.36 -7.07
C SER D 136 7.59 22.20 -6.44
N MET D 137 7.03 21.00 -6.49
CA MET D 137 7.70 19.87 -5.88
C MET D 137 8.83 19.30 -6.73
N THR D 138 8.95 19.69 -8.00
CA THR D 138 10.00 19.18 -8.85
C THR D 138 10.88 20.25 -9.48
N ASP D 139 10.51 21.52 -9.40
CA ASP D 139 11.32 22.56 -10.01
C ASP D 139 12.67 22.67 -9.30
N ILE D 140 13.72 22.89 -10.10
CA ILE D 140 14.98 23.36 -9.55
C ILE D 140 15.16 24.85 -9.78
N ALA D 141 14.30 25.47 -10.56
CA ALA D 141 14.38 26.88 -10.88
C ALA D 141 13.05 27.31 -11.46
N LYS D 142 12.86 28.61 -11.56
CA LYS D 142 11.69 29.16 -12.23
C LYS D 142 11.98 29.57 -13.67
N LYS D 143 13.25 29.76 -14.01
CA LYS D 143 13.65 30.14 -15.35
C LYS D 143 14.96 29.43 -15.67
N PRO D 144 15.21 29.10 -16.93
CA PRO D 144 16.49 28.47 -17.30
C PRO D 144 17.67 29.41 -17.25
N THR D 145 17.49 30.68 -16.86
CA THR D 145 18.61 31.59 -16.70
C THR D 145 19.28 31.48 -15.34
N GLU D 146 18.70 30.75 -14.40
CA GLU D 146 19.26 30.64 -13.06
C GLU D 146 20.48 29.74 -13.06
N THR D 147 21.44 30.06 -12.20
CA THR D 147 22.79 29.50 -12.28
C THR D 147 22.81 27.99 -12.09
N ILE D 148 21.80 27.40 -11.44
CA ILE D 148 21.79 25.96 -11.30
C ILE D 148 21.55 25.27 -12.63
N CYS D 149 20.96 25.97 -13.60
CA CYS D 149 20.68 25.38 -14.89
C CYS D 149 21.84 25.51 -15.87
N ALA D 150 22.82 26.36 -15.60
CA ALA D 150 23.90 26.58 -16.55
C ALA D 150 24.70 25.33 -16.84
N PRO D 151 25.03 24.45 -15.89
CA PRO D 151 25.72 23.21 -16.23
C PRO D 151 24.82 22.11 -16.78
N LEU D 152 23.52 22.32 -16.85
CA LEU D 152 22.61 21.31 -17.37
C LEU D 152 22.32 21.59 -18.84
N THR D 153 22.17 20.53 -19.61
CA THR D 153 21.79 20.66 -21.02
C THR D 153 20.27 20.81 -21.08
N VAL D 154 19.83 22.01 -21.40
CA VAL D 154 18.42 22.39 -21.32
C VAL D 154 17.81 22.33 -22.71
N PHE D 155 16.63 21.71 -22.82
CA PHE D 155 15.92 21.63 -24.07
C PHE D 155 15.05 22.87 -24.26
N PHE D 156 15.26 23.57 -25.38
CA PHE D 156 14.52 24.77 -25.72
C PHE D 156 13.68 24.52 -26.97
N ASP D 157 12.45 25.01 -26.96
CA ASP D 157 11.50 24.81 -28.04
C ASP D 157 11.30 26.14 -28.75
N GLY D 158 11.90 26.27 -29.93
CA GLY D 158 11.80 27.50 -30.71
C GLY D 158 10.41 27.88 -31.15
N ARG D 159 9.43 26.97 -31.00
CA ARG D 159 8.05 27.30 -31.29
C ARG D 159 7.42 28.15 -30.19
N VAL D 160 8.01 28.16 -29.01
CA VAL D 160 7.55 28.95 -27.88
C VAL D 160 8.33 30.26 -27.84
N ASP D 161 7.64 31.35 -27.58
CA ASP D 161 8.22 32.68 -27.72
C ASP D 161 9.37 32.91 -26.74
N GLY D 162 10.44 33.54 -27.24
CA GLY D 162 11.59 33.85 -26.44
C GLY D 162 12.53 32.71 -26.16
N GLN D 163 12.14 31.48 -26.48
CA GLN D 163 12.99 30.32 -26.21
C GLN D 163 14.24 30.31 -27.08
N VAL D 164 14.16 30.86 -28.29
CA VAL D 164 15.34 30.96 -29.14
C VAL D 164 16.39 31.84 -28.48
N ASP D 165 15.96 32.94 -27.87
CA ASP D 165 16.92 33.84 -27.24
C ASP D 165 17.48 33.25 -25.96
N LEU D 166 16.65 32.56 -25.17
CA LEU D 166 17.16 31.83 -24.02
C LEU D 166 18.28 30.89 -24.44
N PHE D 167 18.09 30.21 -25.58
CA PHE D 167 19.14 29.35 -26.11
C PHE D 167 20.37 30.17 -26.49
N ARG D 168 20.17 31.32 -27.15
CA ARG D 168 21.29 32.16 -27.52
C ARG D 168 22.17 32.50 -26.33
N ASN D 169 21.55 32.69 -25.16
CA ASN D 169 22.29 33.05 -23.96
C ASN D 169 22.75 31.85 -23.15
N ALA D 170 22.11 30.70 -23.33
CA ALA D 170 22.37 29.55 -22.48
C ALA D 170 23.81 29.09 -22.62
N ARG D 171 24.25 28.30 -21.64
CA ARG D 171 25.57 27.70 -21.67
C ARG D 171 25.54 26.33 -22.35
N ASN D 172 24.62 25.47 -21.94
CA ASN D 172 24.43 24.16 -22.52
C ASN D 172 22.96 24.02 -22.88
N GLY D 173 22.68 23.58 -24.09
CA GLY D 173 21.30 23.48 -24.51
C GLY D 173 21.16 22.81 -25.84
N VAL D 174 19.93 22.35 -26.08
CA VAL D 174 19.48 21.89 -27.38
C VAL D 174 18.28 22.75 -27.77
N LEU D 175 18.28 23.23 -29.01
CA LEU D 175 17.17 24.01 -29.52
C LEU D 175 16.56 23.30 -30.72
N ILE D 176 15.23 23.27 -30.79
CA ILE D 176 14.54 22.78 -31.97
C ILE D 176 13.68 23.90 -32.55
N THR D 177 13.68 24.01 -33.87
CA THR D 177 12.87 24.99 -34.57
C THR D 177 12.17 24.32 -35.74
N GLU D 178 11.16 25.02 -36.27
CA GLU D 178 10.53 24.60 -37.49
C GLU D 178 11.21 25.19 -38.72
N GLY D 179 11.78 26.38 -38.58
CA GLY D 179 12.44 27.03 -39.69
C GLY D 179 13.81 27.58 -39.34
N SER D 180 14.25 28.55 -40.11
CA SER D 180 15.61 29.07 -39.98
C SER D 180 15.78 29.85 -38.69
N VAL D 181 17.01 29.81 -38.17
CA VAL D 181 17.47 30.66 -37.09
C VAL D 181 18.65 31.46 -37.62
N LYS D 182 18.67 32.77 -37.34
CA LYS D 182 19.73 33.61 -37.86
C LYS D 182 21.08 33.21 -37.27
N GLY D 183 22.09 33.17 -38.13
CA GLY D 183 23.45 32.89 -37.71
C GLY D 183 23.77 31.43 -37.41
N LEU D 184 22.77 30.60 -37.12
CA LEU D 184 23.01 29.24 -36.70
C LEU D 184 22.76 28.28 -37.85
N GLN D 185 23.71 27.39 -38.09
CA GLN D 185 23.55 26.39 -39.14
C GLN D 185 22.69 25.24 -38.65
N PRO D 186 21.60 24.92 -39.31
CA PRO D 186 20.71 23.86 -38.83
C PRO D 186 21.22 22.47 -39.14
N SER D 187 20.71 21.52 -38.38
CA SER D 187 20.84 20.10 -38.66
C SER D 187 19.44 19.53 -38.80
N VAL D 188 19.14 18.95 -39.96
CA VAL D 188 17.81 18.42 -40.18
C VAL D 188 17.65 17.12 -39.41
N GLY D 189 16.70 17.08 -38.49
CA GLY D 189 16.44 15.90 -37.70
C GLY D 189 15.55 14.92 -38.43
N PRO D 190 14.96 13.98 -37.70
CA PRO D 190 14.08 13.01 -38.34
C PRO D 190 12.80 13.67 -38.84
N LYS D 191 12.07 12.92 -39.65
CA LYS D 191 10.80 13.40 -40.16
C LYS D 191 9.66 13.18 -39.17
N GLN D 192 9.77 12.18 -38.31
CA GLN D 192 8.71 11.86 -37.38
C GLN D 192 8.94 12.52 -36.03
N ALA D 193 7.84 12.77 -35.32
CA ALA D 193 7.86 13.27 -33.96
C ALA D 193 6.77 12.56 -33.18
N SER D 194 6.71 12.83 -31.89
CA SER D 194 5.71 12.22 -31.02
C SER D 194 4.65 13.25 -30.68
N LEU D 195 3.39 12.86 -30.81
CA LEU D 195 2.26 13.74 -30.51
C LEU D 195 1.32 12.98 -29.60
N ASN D 196 1.25 13.39 -28.34
CA ASN D 196 0.44 12.75 -27.32
C ASN D 196 0.70 11.24 -27.28
N GLY D 197 1.95 10.86 -27.45
CA GLY D 197 2.33 9.46 -27.45
C GLY D 197 2.36 8.78 -28.80
N VAL D 198 1.80 9.40 -29.82
CA VAL D 198 1.71 8.80 -31.15
C VAL D 198 2.86 9.33 -31.99
N THR D 199 3.69 8.41 -32.49
CA THR D 199 4.76 8.78 -33.41
C THR D 199 4.20 8.90 -34.81
N LEU D 200 4.48 10.03 -35.47
CA LEU D 200 3.90 10.25 -36.79
C LEU D 200 4.72 11.27 -37.57
N ILE D 201 4.72 11.11 -38.88
CA ILE D 201 5.19 12.14 -39.80
C ILE D 201 3.99 13.03 -40.11
N GLY D 202 4.07 14.29 -39.70
CA GLY D 202 2.89 15.13 -39.70
C GLY D 202 2.54 15.68 -41.07
N GLU D 203 1.24 15.74 -41.33
CA GLU D 203 0.66 16.39 -42.51
C GLU D 203 -0.11 17.64 -42.14
N ALA D 204 -1.05 17.55 -41.20
CA ALA D 204 -1.72 18.73 -40.68
C ALA D 204 -0.81 19.57 -39.80
N VAL D 205 0.26 18.99 -39.27
CA VAL D 205 1.15 19.66 -38.35
C VAL D 205 2.58 19.27 -38.71
N LYS D 206 3.53 20.11 -38.31
CA LYS D 206 4.92 19.93 -38.68
C LYS D 206 5.67 19.12 -37.63
N THR D 207 6.34 18.06 -38.07
CA THR D 207 7.10 17.19 -37.17
C THR D 207 8.59 17.18 -37.48
N GLN D 208 9.02 17.84 -38.53
CA GLN D 208 10.43 17.88 -38.92
C GLN D 208 11.06 19.13 -38.35
N PHE D 209 12.05 18.95 -37.49
CA PHE D 209 12.65 20.05 -36.76
C PHE D 209 14.08 20.28 -37.20
N ASN D 210 14.51 21.53 -37.18
CA ASN D 210 15.92 21.86 -37.19
C ASN D 210 16.46 21.76 -35.77
N TYR D 211 17.67 21.24 -35.64
CA TYR D 211 18.29 20.99 -34.34
C TYR D 211 19.56 21.82 -34.20
N TYR D 212 19.79 22.34 -33.01
CA TYR D 212 20.97 23.12 -32.67
C TYR D 212 21.44 22.69 -31.29
N LYS D 213 22.75 22.66 -31.07
CA LYS D 213 23.28 22.23 -29.79
C LYS D 213 24.45 23.11 -29.36
N LYS D 214 24.38 23.64 -28.15
CA LYS D 214 25.45 24.42 -27.55
C LYS D 214 26.06 23.65 -26.38
N VAL D 215 27.39 23.76 -26.27
CA VAL D 215 28.13 23.17 -25.16
C VAL D 215 29.12 24.23 -24.69
N ASP D 216 28.95 24.70 -23.46
CA ASP D 216 29.80 25.74 -22.88
C ASP D 216 29.76 27.02 -23.72
N GLY D 217 28.55 27.48 -24.03
CA GLY D 217 28.37 28.70 -24.78
C GLY D 217 28.80 28.65 -26.22
N VAL D 218 29.27 27.50 -26.72
CA VAL D 218 29.74 27.37 -28.10
C VAL D 218 28.78 26.45 -28.85
N VAL D 219 28.30 26.93 -30.00
CA VAL D 219 27.43 26.12 -30.83
C VAL D 219 28.23 24.96 -31.42
N GLN D 220 27.61 23.80 -31.51
CA GLN D 220 28.27 22.62 -32.02
C GLN D 220 27.81 22.30 -33.43
N GLN D 221 28.67 21.61 -34.16
CA GLN D 221 28.30 20.97 -35.42
C GLN D 221 27.72 19.61 -35.08
N LEU D 222 26.43 19.44 -35.34
CA LEU D 222 25.83 18.14 -35.14
C LEU D 222 26.24 17.20 -36.26
N PRO D 223 26.66 15.98 -35.95
CA PRO D 223 27.21 15.11 -36.99
C PRO D 223 26.13 14.62 -37.95
N GLU D 224 26.57 14.27 -39.15
CA GLU D 224 25.69 13.68 -40.14
C GLU D 224 25.27 12.29 -39.67
N THR D 225 23.97 12.03 -39.68
CA THR D 225 23.45 10.87 -38.99
C THR D 225 22.33 10.22 -39.79
N TYR D 226 22.20 8.92 -39.65
CA TYR D 226 20.98 8.23 -40.00
C TYR D 226 19.97 8.38 -38.85
N PHE D 227 18.70 8.12 -39.15
CA PHE D 227 17.66 8.12 -38.15
C PHE D 227 16.88 6.82 -38.22
N THR D 228 16.33 6.40 -37.09
CA THR D 228 15.44 5.26 -37.06
C THR D 228 14.02 5.69 -37.39
N GLN D 229 13.18 4.71 -37.70
CA GLN D 229 11.84 5.00 -38.22
C GLN D 229 10.75 4.87 -37.18
N SER D 230 11.06 4.38 -35.98
CA SER D 230 10.12 4.36 -34.86
C SER D 230 8.84 3.60 -35.18
N ARG D 231 8.97 2.54 -35.97
CA ARG D 231 7.80 1.75 -36.32
C ARG D 231 7.55 0.67 -35.27
N ASN D 232 6.39 0.04 -35.36
CA ASN D 232 6.11 -1.10 -34.51
C ASN D 232 5.58 -2.25 -35.35
N LEU D 233 5.79 -3.47 -34.85
CA LEU D 233 5.53 -4.71 -35.56
C LEU D 233 4.12 -4.81 -36.14
N GLN D 234 3.14 -5.03 -35.26
CA GLN D 234 1.79 -5.41 -35.64
C GLN D 234 1.22 -4.56 -36.77
N GLU D 235 1.54 -3.27 -36.78
CA GLU D 235 1.02 -2.35 -37.78
C GLU D 235 2.16 -1.75 -38.59
N PHE D 236 3.13 -2.57 -38.95
CA PHE D 236 4.28 -2.12 -39.73
C PHE D 236 3.82 -1.68 -41.13
N LYS D 237 4.49 -0.66 -41.66
CA LYS D 237 4.16 -0.13 -42.98
C LYS D 237 5.42 0.22 -43.76
N PRO D 238 5.59 -0.33 -44.97
CA PRO D 238 6.79 -0.03 -45.76
C PRO D 238 6.88 1.44 -46.13
N ARG D 239 8.11 1.91 -46.28
CA ARG D 239 8.36 3.32 -46.56
C ARG D 239 9.30 3.54 -47.75
N SER D 240 9.59 2.50 -48.51
CA SER D 240 10.33 2.66 -49.76
C SER D 240 10.00 1.48 -50.65
N GLN D 241 10.43 1.57 -51.91
CA GLN D 241 10.21 0.47 -52.84
C GLN D 241 10.91 -0.80 -52.37
N MET D 242 12.13 -0.67 -51.85
CA MET D 242 12.86 -1.82 -51.36
C MET D 242 12.13 -2.49 -50.20
N GLU D 243 11.51 -1.71 -49.33
CA GLU D 243 10.74 -2.30 -48.23
C GLU D 243 9.48 -2.96 -48.75
N ILE D 244 8.82 -2.34 -49.73
CA ILE D 244 7.71 -3.00 -50.42
C ILE D 244 8.18 -4.29 -51.05
N ASP D 245 9.38 -4.27 -51.65
CA ASP D 245 9.93 -5.49 -52.23
C ASP D 245 10.21 -6.53 -51.14
N PHE D 246 10.61 -6.09 -49.96
CA PHE D 246 11.03 -7.03 -48.93
C PHE D 246 9.84 -7.83 -48.39
N LEU D 247 8.72 -7.17 -48.14
CA LEU D 247 7.57 -7.86 -47.58
C LEU D 247 6.84 -8.68 -48.63
N GLU D 248 6.92 -8.29 -49.90
CA GLU D 248 6.15 -8.94 -50.95
C GLU D 248 6.91 -10.10 -51.59
N LEU D 249 8.11 -9.85 -52.11
CA LEU D 249 8.84 -10.88 -52.84
C LEU D 249 9.24 -12.02 -51.91
N ALA D 250 9.55 -13.17 -52.50
CA ALA D 250 10.22 -14.24 -51.76
C ALA D 250 11.59 -13.76 -51.33
N MET D 251 12.18 -14.46 -50.37
CA MET D 251 13.52 -14.08 -49.91
C MET D 251 14.54 -14.19 -51.02
N ASP D 252 14.43 -15.21 -51.88
CA ASP D 252 15.42 -15.42 -52.93
C ASP D 252 15.34 -14.34 -54.00
N GLU D 253 14.15 -14.07 -54.51
CA GLU D 253 13.98 -12.99 -55.47
C GLU D 253 14.50 -11.68 -54.92
N PHE D 254 14.26 -11.42 -53.63
CA PHE D 254 14.70 -10.16 -53.06
C PHE D 254 16.20 -10.06 -53.05
N ILE D 255 16.88 -11.08 -52.52
CA ILE D 255 18.33 -11.04 -52.41
C ILE D 255 18.97 -10.96 -53.78
N GLU D 256 18.37 -11.61 -54.77
CA GLU D 256 18.86 -11.52 -56.14
C GLU D 256 18.71 -10.11 -56.69
N ARG D 257 17.53 -9.52 -56.55
CA ARG D 257 17.19 -8.28 -57.23
C ARG D 257 18.14 -7.14 -56.84
N TYR D 258 18.34 -6.93 -55.55
CA TYR D 258 19.17 -5.84 -55.07
C TYR D 258 20.62 -6.24 -54.88
N LYS D 259 21.03 -7.37 -55.44
CA LYS D 259 22.40 -7.86 -55.36
C LYS D 259 22.87 -7.91 -53.92
N LEU D 260 22.37 -8.87 -53.14
CA LEU D 260 22.67 -8.96 -51.72
C LEU D 260 23.23 -10.34 -51.38
N GLU D 261 24.03 -10.90 -52.28
CA GLU D 261 24.69 -12.18 -52.00
C GLU D 261 25.96 -11.95 -51.21
N GLY D 262 26.19 -12.82 -50.23
CA GLY D 262 27.34 -12.71 -49.36
C GLY D 262 27.12 -11.87 -48.12
N TYR D 263 25.96 -11.22 -47.98
CA TYR D 263 25.69 -10.34 -46.85
C TYR D 263 24.81 -11.00 -45.80
N ALA D 264 24.39 -12.24 -46.01
CA ALA D 264 23.66 -13.03 -45.01
C ALA D 264 22.36 -12.35 -44.58
N PHE D 265 21.61 -11.85 -45.56
CA PHE D 265 20.30 -11.29 -45.27
C PHE D 265 19.35 -12.35 -44.76
N GLU D 266 19.50 -13.59 -45.25
CA GLU D 266 18.69 -14.69 -44.76
C GLU D 266 18.86 -14.85 -43.25
N HIS D 267 20.08 -14.66 -42.76
CA HIS D 267 20.35 -14.76 -41.33
C HIS D 267 20.04 -13.44 -40.62
N ILE D 268 20.70 -12.37 -41.03
CA ILE D 268 20.58 -11.09 -40.33
C ILE D 268 19.14 -10.60 -40.33
N VAL D 269 18.55 -10.49 -41.52
CA VAL D 269 17.29 -9.78 -41.65
C VAL D 269 16.10 -10.72 -41.61
N TYR D 270 16.16 -11.87 -42.29
CA TYR D 270 15.04 -12.79 -42.29
C TYR D 270 15.01 -13.66 -41.04
N GLY D 271 16.16 -14.04 -40.52
CA GLY D 271 16.21 -14.83 -39.31
C GLY D 271 16.25 -16.32 -39.58
N ASP D 272 16.95 -17.04 -38.72
CA ASP D 272 17.07 -18.48 -38.81
C ASP D 272 16.32 -19.11 -37.64
N PHE D 273 15.27 -19.87 -37.95
CA PHE D 273 14.42 -20.49 -36.95
C PHE D 273 14.57 -22.01 -36.90
N SER D 274 15.67 -22.54 -37.43
CA SER D 274 15.81 -23.99 -37.51
C SER D 274 16.39 -24.58 -36.23
N HIS D 275 17.21 -23.84 -35.51
CA HIS D 275 17.82 -24.33 -34.29
C HIS D 275 17.08 -23.77 -33.07
N SER D 276 17.34 -24.39 -31.91
CA SER D 276 16.68 -23.93 -30.69
C SER D 276 17.08 -22.52 -30.31
N GLN D 277 18.25 -22.05 -30.75
CA GLN D 277 18.64 -20.66 -30.60
C GLN D 277 18.34 -19.92 -31.91
N LEU D 278 17.44 -18.95 -31.86
CA LEU D 278 17.09 -18.16 -33.03
C LEU D 278 18.30 -17.37 -33.53
N GLY D 279 18.60 -17.52 -34.81
CA GLY D 279 19.72 -16.83 -35.43
C GLY D 279 19.27 -15.55 -36.12
N GLY D 280 20.03 -14.48 -35.92
CA GLY D 280 19.85 -13.26 -36.66
C GLY D 280 18.64 -12.45 -36.19
N LEU D 281 17.94 -11.87 -37.18
CA LEU D 281 16.66 -11.19 -36.97
C LEU D 281 16.85 -9.87 -36.21
N HIS D 282 17.73 -9.01 -36.73
CA HIS D 282 18.16 -7.81 -36.03
C HIS D 282 17.60 -6.52 -36.63
N LEU D 283 16.57 -6.61 -37.47
CA LEU D 283 15.97 -5.46 -38.12
C LEU D 283 14.47 -5.55 -37.97
N LEU D 284 13.84 -4.43 -37.59
CA LEU D 284 12.42 -4.47 -37.26
C LEU D 284 11.57 -4.93 -38.44
N ILE D 285 11.94 -4.53 -39.67
CA ILE D 285 11.18 -4.97 -40.83
C ILE D 285 11.23 -6.48 -40.96
N GLY D 286 12.33 -7.09 -40.54
CA GLY D 286 12.42 -8.55 -40.58
C GLY D 286 11.40 -9.20 -39.66
N LEU D 287 11.32 -8.72 -38.42
CA LEU D 287 10.31 -9.22 -37.49
C LEU D 287 8.91 -8.97 -38.02
N ALA D 288 8.71 -7.85 -38.70
CA ALA D 288 7.40 -7.54 -39.26
C ALA D 288 6.98 -8.59 -40.28
N LYS D 289 7.93 -9.06 -41.09
CA LYS D 289 7.59 -10.06 -42.10
C LYS D 289 7.21 -11.39 -41.47
N ARG D 290 8.00 -11.86 -40.51
CA ARG D 290 7.70 -13.12 -39.85
C ARG D 290 6.37 -13.03 -39.11
N PHE D 291 6.08 -11.89 -38.50
CA PHE D 291 4.91 -11.76 -37.65
C PHE D 291 3.63 -12.02 -38.43
N LYS D 292 3.48 -11.38 -39.59
CA LYS D 292 2.30 -11.62 -40.41
C LYS D 292 2.28 -13.05 -40.93
N GLU D 293 3.46 -13.66 -41.06
CA GLU D 293 3.54 -15.05 -41.46
C GLU D 293 3.25 -16.00 -40.32
N SER D 294 3.75 -15.69 -39.12
CA SER D 294 3.68 -16.61 -37.99
C SER D 294 3.88 -15.84 -36.68
N PRO D 295 3.07 -16.09 -35.67
CA PRO D 295 3.12 -15.25 -34.47
C PRO D 295 4.29 -15.60 -33.56
N PHE D 296 4.76 -14.59 -32.84
CA PHE D 296 5.78 -14.81 -31.82
C PHE D 296 5.65 -13.75 -30.75
N GLU D 297 6.28 -14.03 -29.62
CA GLU D 297 6.23 -13.17 -28.45
C GLU D 297 7.55 -12.41 -28.28
N LEU D 298 7.44 -11.12 -27.96
CA LEU D 298 8.57 -10.24 -27.72
C LEU D 298 8.48 -9.70 -26.31
N GLU D 299 9.32 -10.19 -25.42
CA GLU D 299 9.40 -9.66 -24.06
C GLU D 299 10.37 -8.49 -24.05
N ASP D 300 9.85 -7.30 -23.80
CA ASP D 300 10.65 -6.08 -23.70
C ASP D 300 11.07 -5.91 -22.25
N PHE D 301 12.16 -6.56 -21.87
CA PHE D 301 12.56 -6.59 -20.48
C PHE D 301 13.23 -5.29 -20.00
N ILE D 302 13.41 -4.30 -20.86
CA ILE D 302 13.81 -2.95 -20.42
C ILE D 302 12.91 -1.95 -21.13
N PRO D 303 11.70 -1.72 -20.66
CA PRO D 303 10.73 -0.95 -21.45
C PRO D 303 10.95 0.54 -21.44
N MET D 304 11.80 1.03 -22.34
CA MET D 304 12.04 2.44 -22.53
C MET D 304 12.41 2.69 -23.98
N ASP D 305 12.50 3.97 -24.34
CA ASP D 305 12.78 4.35 -25.73
C ASP D 305 14.29 4.47 -25.94
N SER D 306 14.82 3.65 -26.83
CA SER D 306 16.22 3.75 -27.20
C SER D 306 16.38 3.39 -28.67
N THR D 307 17.47 3.88 -29.25
CA THR D 307 17.77 3.58 -30.65
C THR D 307 17.83 2.09 -30.90
N VAL D 308 18.53 1.36 -30.05
CA VAL D 308 18.59 -0.10 -30.08
C VAL D 308 17.71 -0.63 -28.97
N LYS D 309 16.95 -1.69 -29.27
CA LYS D 309 16.14 -2.39 -28.30
C LYS D 309 16.64 -3.83 -28.16
N ASN D 310 16.47 -4.40 -26.97
CA ASN D 310 16.73 -5.81 -26.73
C ASN D 310 15.43 -6.50 -26.36
N TYR D 311 15.22 -7.69 -26.90
CA TYR D 311 13.99 -8.43 -26.67
C TYR D 311 14.30 -9.88 -26.34
N PHE D 312 13.44 -10.47 -25.52
CA PHE D 312 13.39 -11.90 -25.31
C PHE D 312 12.30 -12.43 -26.23
N ILE D 313 12.70 -13.12 -27.29
CA ILE D 313 11.81 -13.51 -28.37
C ILE D 313 11.61 -15.01 -28.34
N THR D 314 10.37 -15.45 -28.48
CA THR D 314 10.00 -16.87 -28.48
C THR D 314 9.11 -17.12 -29.69
N ASP D 315 9.63 -17.87 -30.67
CA ASP D 315 8.89 -18.12 -31.91
C ASP D 315 7.90 -19.26 -31.68
N ALA D 316 6.62 -18.98 -31.94
CA ALA D 316 5.57 -19.90 -31.53
C ALA D 316 5.44 -21.11 -32.46
N GLN D 317 5.84 -20.99 -33.73
CA GLN D 317 5.67 -22.10 -34.66
C GLN D 317 6.77 -23.14 -34.51
N THR D 318 8.01 -22.69 -34.30
CA THR D 318 9.15 -23.60 -34.23
C THR D 318 9.65 -23.83 -32.82
N GLY D 319 9.46 -22.89 -31.91
CA GLY D 319 10.07 -22.99 -30.62
C GLY D 319 11.48 -22.45 -30.55
N SER D 320 12.00 -21.92 -31.66
CA SER D 320 13.26 -21.21 -31.63
C SER D 320 13.09 -19.92 -30.84
N SER D 321 14.09 -19.58 -30.04
CA SER D 321 13.98 -18.43 -29.16
C SER D 321 15.37 -17.89 -28.86
N LYS D 322 15.41 -16.66 -28.34
CA LYS D 322 16.66 -16.02 -27.99
C LYS D 322 16.43 -15.03 -26.86
N CYS D 323 17.21 -15.19 -25.78
CA CYS D 323 17.05 -14.34 -24.59
C CYS D 323 17.27 -12.88 -24.92
N VAL D 324 18.34 -12.56 -25.63
CA VAL D 324 18.72 -11.19 -25.94
C VAL D 324 18.84 -11.09 -27.46
N CYS D 325 17.86 -10.47 -28.08
CA CYS D 325 17.88 -10.19 -29.52
C CYS D 325 17.84 -8.68 -29.69
N SER D 326 18.88 -8.12 -30.31
CA SER D 326 19.01 -6.68 -30.47
C SER D 326 18.42 -6.26 -31.81
N VAL D 327 17.40 -5.40 -31.76
CA VAL D 327 16.62 -5.00 -32.92
C VAL D 327 16.79 -3.51 -33.14
N ILE D 328 17.02 -3.11 -34.39
CA ILE D 328 17.07 -1.70 -34.75
C ILE D 328 16.19 -1.46 -35.97
N ASP D 329 15.49 -0.33 -35.98
CA ASP D 329 14.49 -0.04 -37.00
C ASP D 329 15.03 1.05 -37.92
N LEU D 330 15.93 0.66 -38.82
CA LEU D 330 16.39 1.55 -39.87
C LEU D 330 15.53 1.38 -41.12
N LEU D 331 15.53 2.42 -41.94
CA LEU D 331 15.04 2.27 -43.30
C LEU D 331 15.90 1.22 -44.01
N LEU D 332 15.24 0.21 -44.58
CA LEU D 332 15.94 -0.90 -45.20
C LEU D 332 17.00 -0.44 -46.20
N ASP D 333 16.70 0.61 -46.97
CA ASP D 333 17.68 1.14 -47.90
C ASP D 333 18.85 1.79 -47.17
N ASP D 334 18.59 2.39 -46.01
CA ASP D 334 19.69 2.93 -45.21
C ASP D 334 20.60 1.83 -44.68
N PHE D 335 20.01 0.69 -44.30
CA PHE D 335 20.79 -0.41 -43.74
C PHE D 335 21.58 -1.16 -44.80
N VAL D 336 21.06 -1.24 -46.02
CA VAL D 336 21.84 -1.79 -47.12
C VAL D 336 23.03 -0.91 -47.43
N GLU D 337 22.83 0.41 -47.46
CA GLU D 337 23.90 1.36 -47.65
C GLU D 337 24.97 1.27 -46.57
N ILE D 338 24.64 0.72 -45.41
CA ILE D 338 25.60 0.63 -44.31
C ILE D 338 26.47 -0.61 -44.43
N ILE D 339 25.86 -1.80 -44.54
CA ILE D 339 26.64 -3.03 -44.56
C ILE D 339 27.39 -3.22 -45.87
N LYS D 340 27.12 -2.41 -46.88
CA LYS D 340 27.90 -2.41 -48.12
C LYS D 340 29.10 -1.47 -48.06
N SER D 341 29.22 -0.68 -47.00
CA SER D 341 30.38 0.17 -46.77
C SER D 341 31.38 -0.50 -45.82
N GLN D 342 31.39 -1.82 -45.78
CA GLN D 342 32.18 -2.57 -44.82
C GLN D 342 33.31 -3.33 -45.50
N ASP D 343 34.41 -3.46 -44.79
CA ASP D 343 35.56 -4.26 -45.22
C ASP D 343 35.35 -5.68 -44.71
N LEU D 344 35.21 -6.64 -45.64
CA LEU D 344 34.85 -8.01 -45.29
C LEU D 344 36.06 -8.89 -45.01
N SER D 345 37.20 -8.32 -44.68
CA SER D 345 38.41 -9.10 -44.48
C SER D 345 38.87 -9.04 -43.03
N VAL D 346 37.95 -9.29 -42.10
CA VAL D 346 38.25 -9.27 -40.67
C VAL D 346 37.32 -10.27 -39.99
N VAL D 347 37.88 -11.10 -39.11
CA VAL D 347 37.11 -12.10 -38.40
C VAL D 347 36.11 -11.50 -37.43
N SER D 348 36.38 -10.31 -36.88
CA SER D 348 35.45 -9.63 -35.99
C SER D 348 35.89 -8.18 -35.79
N LYS D 349 34.98 -7.24 -36.00
CA LYS D 349 35.30 -5.83 -35.79
C LYS D 349 34.06 -5.09 -35.34
N VAL D 350 34.27 -3.93 -34.72
CA VAL D 350 33.21 -3.11 -34.16
C VAL D 350 33.08 -1.87 -35.03
N VAL D 351 31.99 -1.78 -35.74
CA VAL D 351 31.71 -0.65 -36.62
C VAL D 351 30.97 0.42 -35.83
N LYS D 352 31.19 1.68 -36.22
CA LYS D 352 30.53 2.83 -35.62
C LYS D 352 29.71 3.54 -36.68
N VAL D 353 28.40 3.67 -36.42
CA VAL D 353 27.49 4.39 -37.29
C VAL D 353 26.82 5.48 -36.46
N THR D 354 26.74 6.70 -37.00
CA THR D 354 26.01 7.76 -36.35
C THR D 354 24.53 7.59 -36.63
N ILE D 355 23.77 7.18 -35.63
CA ILE D 355 22.34 6.93 -35.75
C ILE D 355 21.63 7.68 -34.63
N ASP D 356 20.66 8.51 -34.99
CA ASP D 356 19.93 9.34 -34.03
C ASP D 356 20.88 10.22 -33.22
N TYR D 357 21.85 10.81 -33.90
CA TYR D 357 22.88 11.69 -33.35
C TYR D 357 23.87 11.00 -32.42
N THR D 358 23.83 9.68 -32.30
CA THR D 358 24.74 8.98 -31.40
C THR D 358 25.41 7.82 -32.13
N GLU D 359 26.51 7.35 -31.54
CA GLU D 359 27.30 6.28 -32.15
C GLU D 359 26.79 4.92 -31.70
N ILE D 360 26.59 4.02 -32.67
CA ILE D 360 26.07 2.69 -32.41
C ILE D 360 27.13 1.67 -32.78
N SER D 361 27.43 0.75 -31.87
CA SER D 361 28.39 -0.31 -32.10
C SER D 361 27.70 -1.49 -32.76
N PHE D 362 28.12 -1.81 -33.98
CA PHE D 362 27.69 -3.03 -34.67
C PHE D 362 28.84 -4.02 -34.64
N MET D 363 28.54 -5.26 -34.27
CA MET D 363 29.51 -6.35 -34.35
C MET D 363 29.38 -7.03 -35.70
N LEU D 364 30.49 -7.12 -36.44
CA LEU D 364 30.52 -7.68 -37.78
C LEU D 364 31.39 -8.93 -37.78
N TRP D 365 30.75 -10.10 -37.82
CA TRP D 365 31.48 -11.35 -38.03
C TRP D 365 31.60 -11.63 -39.52
N CYS D 366 32.76 -12.14 -39.92
CA CYS D 366 32.99 -12.47 -41.32
C CYS D 366 33.79 -13.75 -41.40
N LYS D 367 33.69 -14.41 -42.56
CA LYS D 367 34.38 -15.67 -42.77
C LYS D 367 34.45 -15.92 -44.27
N ASP D 368 35.65 -16.17 -44.79
CA ASP D 368 35.89 -16.37 -46.22
C ASP D 368 35.41 -15.17 -47.03
N GLY D 369 35.65 -13.97 -46.51
CA GLY D 369 35.33 -12.76 -47.23
C GLY D 369 33.86 -12.48 -47.40
N HIS D 370 33.00 -13.13 -46.61
CA HIS D 370 31.57 -12.89 -46.64
C HIS D 370 31.05 -12.72 -45.22
N VAL D 371 29.92 -12.03 -45.10
CA VAL D 371 29.34 -11.76 -43.80
C VAL D 371 28.73 -13.04 -43.22
N GLU D 372 28.91 -13.23 -41.92
CA GLU D 372 28.19 -14.23 -41.17
C GLU D 372 26.99 -13.63 -40.44
N THR D 373 27.22 -12.55 -39.69
CA THR D 373 26.15 -11.83 -39.03
C THR D 373 26.62 -10.40 -38.80
N PHE D 374 25.68 -9.54 -38.44
CA PHE D 374 25.93 -8.11 -38.28
C PHE D 374 24.76 -7.55 -37.51
N TYR D 375 24.97 -7.23 -36.24
CA TYR D 375 23.90 -6.88 -35.32
C TYR D 375 24.32 -5.71 -34.45
N PRO D 376 23.37 -4.91 -33.99
CA PRO D 376 23.72 -3.75 -33.17
C PRO D 376 23.90 -4.13 -31.71
N LYS D 377 24.51 -3.19 -30.98
CA LYS D 377 24.66 -3.28 -29.54
C LYS D 377 23.74 -2.26 -28.87
N LEU D 378 23.06 -2.68 -27.82
CA LEU D 378 22.18 -1.79 -27.05
C LEU D 378 22.93 -0.57 -26.54
N GLU E 32 -25.73 -17.18 6.47
CA GLU E 32 -24.37 -16.71 6.71
C GLU E 32 -24.00 -15.55 5.80
N MET E 33 -23.54 -14.46 6.40
CA MET E 33 -23.05 -13.29 5.66
C MET E 33 -21.56 -13.17 5.95
N SER E 34 -20.72 -13.70 5.06
CA SER E 34 -19.31 -13.72 5.38
C SER E 34 -18.49 -13.74 4.10
N LEU E 35 -17.24 -13.28 4.23
CA LEU E 35 -16.32 -13.24 3.11
C LEU E 35 -16.06 -14.63 2.56
N GLU E 36 -15.85 -15.61 3.44
CA GLU E 36 -15.56 -16.97 3.01
C GLU E 36 -16.76 -17.62 2.31
N ASN E 37 -17.97 -17.26 2.70
CA ASN E 37 -19.13 -17.78 2.00
C ASN E 37 -19.35 -17.10 0.66
N VAL E 38 -19.03 -15.80 0.56
CA VAL E 38 -19.09 -15.13 -0.72
C VAL E 38 -18.12 -15.76 -1.70
N ALA E 39 -16.89 -16.06 -1.24
CA ALA E 39 -15.91 -16.65 -2.12
C ALA E 39 -16.25 -18.09 -2.47
N PHE E 40 -17.00 -18.78 -1.61
CA PHE E 40 -17.50 -20.11 -1.96
C PHE E 40 -18.46 -20.04 -3.15
N ASN E 41 -19.35 -19.06 -3.15
CA ASN E 41 -20.30 -18.89 -4.25
C ASN E 41 -19.59 -18.49 -5.53
N VAL E 42 -18.62 -17.58 -5.43
CA VAL E 42 -17.89 -17.14 -6.62
C VAL E 42 -17.14 -18.30 -7.25
N VAL E 43 -16.58 -19.16 -6.42
CA VAL E 43 -15.75 -20.26 -6.91
C VAL E 43 -16.60 -21.37 -7.53
N ASN E 44 -17.74 -21.69 -6.93
CA ASN E 44 -18.55 -22.80 -7.39
C ASN E 44 -19.68 -22.41 -8.32
N LYS E 45 -20.06 -21.13 -8.36
CA LYS E 45 -21.22 -20.68 -9.11
C LYS E 45 -20.96 -19.46 -9.98
N GLY E 46 -19.74 -18.96 -10.04
CA GLY E 46 -19.41 -17.79 -10.84
C GLY E 46 -19.84 -16.46 -10.26
N HIS E 47 -20.76 -16.44 -9.31
CA HIS E 47 -21.27 -15.22 -8.68
C HIS E 47 -21.98 -15.68 -7.40
N PHE E 48 -22.49 -14.70 -6.65
CA PHE E 48 -23.18 -15.04 -5.40
C PHE E 48 -24.56 -15.59 -5.70
N ASP E 49 -24.79 -16.84 -5.33
CA ASP E 49 -26.05 -17.53 -5.59
C ASP E 49 -26.74 -17.94 -4.30
N GLY E 50 -26.24 -17.52 -3.14
CA GLY E 50 -26.82 -17.92 -1.88
C GLY E 50 -26.62 -19.37 -1.50
N GLN E 51 -25.52 -19.98 -1.94
CA GLN E 51 -25.21 -21.33 -1.51
C GLN E 51 -24.48 -21.31 -0.17
N GLN E 52 -24.57 -22.42 0.54
CA GLN E 52 -23.88 -22.58 1.81
C GLN E 52 -22.52 -23.24 1.60
N GLY E 53 -21.54 -22.79 2.36
CA GLY E 53 -20.19 -23.31 2.25
C GLY E 53 -19.18 -22.20 2.44
N GLU E 54 -17.91 -22.56 2.61
CA GLU E 54 -16.85 -21.58 2.79
C GLU E 54 -15.60 -22.10 2.12
N VAL E 55 -14.79 -21.19 1.60
CA VAL E 55 -13.45 -21.53 1.11
C VAL E 55 -12.45 -20.61 1.79
N PRO E 56 -11.22 -21.03 2.01
CA PRO E 56 -10.23 -20.13 2.62
C PRO E 56 -9.84 -19.01 1.67
N VAL E 57 -9.62 -17.83 2.22
CA VAL E 57 -9.37 -16.62 1.45
C VAL E 57 -8.20 -15.87 2.07
N SER E 58 -7.37 -15.30 1.22
CA SER E 58 -6.31 -14.40 1.65
C SER E 58 -6.53 -13.04 1.02
N ILE E 59 -6.32 -11.99 1.80
CA ILE E 59 -6.45 -10.63 1.33
C ILE E 59 -5.09 -9.96 1.46
N ILE E 60 -4.57 -9.47 0.34
CA ILE E 60 -3.29 -8.79 0.34
C ILE E 60 -3.29 -7.82 -0.83
N ASN E 61 -2.65 -6.68 -0.62
CA ASN E 61 -2.75 -5.54 -1.53
C ASN E 61 -4.25 -5.19 -1.55
N ASN E 62 -4.82 -4.96 -2.73
CA ASN E 62 -6.23 -4.73 -2.90
C ASN E 62 -6.90 -5.91 -3.59
N THR E 63 -6.44 -7.12 -3.31
CA THR E 63 -6.78 -8.30 -4.09
C THR E 63 -7.24 -9.41 -3.16
N VAL E 64 -8.21 -10.19 -3.63
CA VAL E 64 -8.70 -11.36 -2.93
C VAL E 64 -8.12 -12.60 -3.61
N TYR E 65 -7.61 -13.52 -2.82
CA TYR E 65 -7.04 -14.77 -3.32
C TYR E 65 -7.69 -15.93 -2.61
N THR E 66 -7.60 -17.09 -3.24
CA THR E 66 -8.03 -18.34 -2.63
C THR E 66 -7.03 -19.42 -3.00
N LYS E 67 -6.95 -20.45 -2.18
CA LYS E 67 -6.04 -21.55 -2.44
C LYS E 67 -6.75 -22.62 -3.25
N VAL E 68 -6.15 -22.99 -4.37
CA VAL E 68 -6.59 -24.12 -5.18
C VAL E 68 -5.39 -25.03 -5.32
N ASP E 69 -5.44 -26.18 -4.64
CA ASP E 69 -4.36 -27.16 -4.66
C ASP E 69 -3.04 -26.56 -4.18
N GLY E 70 -3.10 -25.78 -3.11
CA GLY E 70 -1.91 -25.32 -2.44
C GLY E 70 -1.27 -24.07 -3.00
N VAL E 71 -1.85 -23.44 -4.01
CA VAL E 71 -1.34 -22.18 -4.53
C VAL E 71 -2.46 -21.17 -4.57
N ASP E 72 -2.08 -19.90 -4.42
CA ASP E 72 -3.05 -18.82 -4.39
C ASP E 72 -3.48 -18.43 -5.79
N VAL E 73 -4.78 -18.32 -6.00
CA VAL E 73 -5.36 -17.90 -7.26
C VAL E 73 -6.15 -16.64 -6.98
N GLU E 74 -5.90 -15.60 -7.78
CA GLU E 74 -6.65 -14.36 -7.62
C GLU E 74 -8.10 -14.53 -8.04
N LEU E 75 -9.01 -14.12 -7.16
CA LEU E 75 -10.44 -14.08 -7.45
C LEU E 75 -10.94 -12.71 -7.87
N PHE E 76 -10.30 -11.64 -7.41
CA PHE E 76 -10.87 -10.32 -7.54
C PHE E 76 -9.84 -9.26 -7.22
N GLU E 77 -9.67 -8.30 -8.11
CA GLU E 77 -8.86 -7.13 -7.86
C GLU E 77 -9.79 -5.94 -7.66
N ASN E 78 -9.58 -5.19 -6.60
CA ASN E 78 -10.48 -4.10 -6.22
C ASN E 78 -10.07 -2.84 -6.96
N LYS E 79 -10.95 -2.36 -7.83
CA LYS E 79 -10.72 -1.10 -8.55
C LYS E 79 -11.58 0.03 -8.02
N THR E 80 -12.38 -0.21 -6.99
CA THR E 80 -13.25 0.79 -6.41
C THR E 80 -12.50 1.59 -5.34
N THR E 81 -13.20 2.56 -4.75
CA THR E 81 -12.69 3.28 -3.60
C THR E 81 -13.24 2.71 -2.28
N LEU E 82 -13.90 1.57 -2.34
CA LEU E 82 -14.41 0.83 -1.18
C LEU E 82 -13.33 -0.08 -0.60
N PRO E 83 -13.48 -0.49 0.65
CA PRO E 83 -12.61 -1.54 1.19
C PRO E 83 -12.71 -2.81 0.36
N VAL E 84 -11.58 -3.48 0.19
CA VAL E 84 -11.46 -4.59 -0.75
C VAL E 84 -12.53 -5.65 -0.50
N ASN E 85 -12.75 -6.00 0.77
CA ASN E 85 -13.72 -7.03 1.10
C ASN E 85 -15.15 -6.56 0.85
N VAL E 86 -15.41 -5.27 0.99
CA VAL E 86 -16.73 -4.73 0.69
C VAL E 86 -16.98 -4.76 -0.82
N ALA E 87 -16.01 -4.28 -1.60
CA ALA E 87 -16.12 -4.28 -3.05
C ALA E 87 -16.28 -5.70 -3.60
N PHE E 88 -15.57 -6.66 -3.02
CA PHE E 88 -15.69 -8.05 -3.44
C PHE E 88 -17.10 -8.58 -3.26
N GLU E 89 -17.74 -8.22 -2.15
CA GLU E 89 -19.09 -8.69 -1.89
C GLU E 89 -20.10 -8.06 -2.84
N LEU E 90 -19.98 -6.75 -3.08
CA LEU E 90 -20.90 -6.08 -3.98
C LEU E 90 -20.76 -6.60 -5.40
N TRP E 91 -19.53 -6.90 -5.82
CA TRP E 91 -19.32 -7.46 -7.14
C TRP E 91 -19.91 -8.84 -7.28
N ALA E 92 -19.72 -9.70 -6.25
CA ALA E 92 -20.29 -11.03 -6.29
C ALA E 92 -21.81 -11.01 -6.35
N LYS E 93 -22.43 -9.95 -5.84
CA LYS E 93 -23.89 -9.84 -5.79
C LYS E 93 -24.46 -8.94 -6.87
N ARG E 94 -23.68 -8.64 -7.92
CA ARG E 94 -24.18 -7.82 -9.01
C ARG E 94 -25.33 -8.50 -9.72
N ASN E 95 -26.22 -7.69 -10.29
CA ASN E 95 -27.31 -8.20 -11.10
C ASN E 95 -26.77 -8.82 -12.37
N ILE E 96 -27.14 -10.08 -12.62
CA ILE E 96 -26.62 -10.80 -13.79
C ILE E 96 -27.74 -11.03 -14.79
N LYS E 97 -28.76 -10.21 -14.74
CA LYS E 97 -29.79 -10.16 -15.74
C LYS E 97 -29.61 -8.91 -16.59
N PRO E 98 -30.31 -8.80 -17.72
CA PRO E 98 -30.27 -7.56 -18.49
C PRO E 98 -30.84 -6.41 -17.68
N VAL E 99 -30.04 -5.38 -17.49
CA VAL E 99 -30.44 -4.22 -16.70
C VAL E 99 -30.29 -2.99 -17.58
N PRO E 100 -31.03 -1.92 -17.29
CA PRO E 100 -30.82 -0.67 -18.00
C PRO E 100 -29.37 -0.21 -17.89
N GLU E 101 -28.89 0.44 -18.94
CA GLU E 101 -27.56 1.00 -18.89
C GLU E 101 -27.48 2.09 -17.84
N VAL E 102 -26.31 2.22 -17.23
CA VAL E 102 -26.12 3.14 -16.10
C VAL E 102 -26.50 4.55 -16.51
N LYS E 103 -26.21 4.94 -17.75
CA LYS E 103 -26.51 6.30 -18.19
C LYS E 103 -28.01 6.59 -18.13
N ILE E 104 -28.85 5.61 -18.42
CA ILE E 104 -30.29 5.82 -18.38
C ILE E 104 -30.76 6.04 -16.94
N LEU E 105 -30.28 5.21 -16.02
CA LEU E 105 -30.66 5.36 -14.61
C LEU E 105 -30.20 6.70 -14.06
N ASN E 106 -28.97 7.11 -14.38
CA ASN E 106 -28.49 8.42 -13.96
C ASN E 106 -29.41 9.52 -14.49
N ASN E 107 -29.76 9.47 -15.77
CA ASN E 107 -30.62 10.52 -16.34
C ASN E 107 -31.99 10.51 -15.71
N LEU E 108 -32.48 9.36 -15.28
CA LEU E 108 -33.75 9.27 -14.59
C LEU E 108 -33.64 9.63 -13.12
N GLY E 109 -32.46 9.96 -12.63
CA GLY E 109 -32.30 10.35 -11.25
C GLY E 109 -32.30 9.23 -10.25
N VAL E 110 -31.97 8.01 -10.65
CA VAL E 110 -31.93 6.89 -9.71
C VAL E 110 -30.81 7.10 -8.71
N ASP E 111 -31.12 6.88 -7.44
CA ASP E 111 -30.17 7.07 -6.36
C ASP E 111 -29.60 5.77 -5.82
N ILE E 112 -30.32 4.66 -5.94
CA ILE E 112 -30.04 3.45 -5.21
C ILE E 112 -30.99 2.39 -5.74
N ALA E 113 -30.56 1.14 -5.73
CA ALA E 113 -31.39 0.04 -6.22
C ALA E 113 -32.00 -0.70 -5.04
N ALA E 114 -33.19 -1.23 -5.27
CA ALA E 114 -33.90 -2.01 -4.26
C ALA E 114 -33.47 -3.46 -4.35
N ASN E 115 -32.68 -3.91 -3.37
CA ASN E 115 -32.36 -5.31 -3.17
C ASN E 115 -31.51 -5.90 -4.30
N THR E 116 -30.67 -5.08 -4.93
CA THR E 116 -29.74 -5.62 -5.93
C THR E 116 -28.58 -4.65 -6.07
N VAL E 117 -27.56 -5.11 -6.78
CA VAL E 117 -26.37 -4.31 -7.08
C VAL E 117 -26.31 -4.12 -8.58
N ILE E 118 -26.36 -2.88 -9.02
CA ILE E 118 -26.09 -2.56 -10.41
C ILE E 118 -24.60 -2.28 -10.51
N TRP E 119 -23.88 -3.16 -11.20
CA TRP E 119 -22.47 -2.97 -11.39
C TRP E 119 -22.21 -2.09 -12.59
N ASP E 120 -21.29 -1.14 -12.44
CA ASP E 120 -20.88 -0.22 -13.50
C ASP E 120 -19.59 -0.77 -14.08
N TYR E 121 -19.68 -1.38 -15.25
CA TYR E 121 -18.52 -2.03 -15.86
C TYR E 121 -17.54 -1.06 -16.49
N LYS E 122 -17.98 0.14 -16.84
CA LYS E 122 -17.04 1.16 -17.30
C LYS E 122 -16.10 1.57 -16.16
N ARG E 123 -16.65 1.77 -14.98
CA ARG E 123 -15.86 2.18 -13.83
C ARG E 123 -15.30 0.99 -13.05
N ASP E 124 -15.80 -0.21 -13.31
CA ASP E 124 -15.44 -1.40 -12.54
C ASP E 124 -15.71 -1.18 -11.05
N ALA E 125 -16.96 -0.86 -10.75
CA ALA E 125 -17.37 -0.37 -9.44
C ALA E 125 -18.89 -0.39 -9.38
N PRO E 126 -19.46 -0.36 -8.17
CA PRO E 126 -20.92 -0.26 -8.06
C PRO E 126 -21.43 1.06 -8.64
N ALA E 127 -22.58 0.97 -9.30
CA ALA E 127 -23.20 2.16 -9.88
C ALA E 127 -23.64 3.15 -8.82
N HIS E 128 -24.07 2.66 -7.66
CA HIS E 128 -24.65 3.51 -6.63
C HIS E 128 -23.88 3.36 -5.33
N ILE E 129 -23.96 4.40 -4.51
CA ILE E 129 -23.08 4.52 -3.35
C ILE E 129 -23.54 3.61 -2.21
N SER E 130 -24.84 3.45 -2.04
CA SER E 130 -25.40 2.66 -0.96
C SER E 130 -26.28 1.56 -1.54
N THR E 131 -26.69 0.64 -0.68
CA THR E 131 -27.53 -0.47 -1.08
C THR E 131 -28.73 -0.57 -0.15
N ILE E 132 -29.65 -1.45 -0.51
CA ILE E 132 -30.83 -1.75 0.29
C ILE E 132 -30.92 -3.26 0.36
N GLY E 133 -30.68 -3.80 1.56
CA GLY E 133 -30.77 -5.23 1.75
C GLY E 133 -29.81 -6.04 0.92
N VAL E 134 -28.56 -5.60 0.86
CA VAL E 134 -27.55 -6.31 0.07
C VAL E 134 -26.35 -6.67 0.94
N CYS E 135 -25.73 -5.65 1.55
CA CYS E 135 -24.46 -5.79 2.22
C CYS E 135 -24.48 -4.96 3.49
N SER E 136 -24.07 -5.56 4.61
CA SER E 136 -24.17 -4.89 5.90
C SER E 136 -23.32 -3.64 5.96
N MET E 137 -22.18 -3.62 5.29
CA MET E 137 -21.32 -2.46 5.32
C MET E 137 -21.79 -1.32 4.43
N THR E 138 -22.74 -1.55 3.52
CA THR E 138 -23.22 -0.50 2.65
C THR E 138 -24.72 -0.26 2.72
N ASP E 139 -25.49 -1.14 3.35
CA ASP E 139 -26.93 -0.94 3.42
C ASP E 139 -27.26 0.31 4.21
N ILE E 140 -28.27 1.05 3.75
CA ILE E 140 -28.93 2.04 4.57
C ILE E 140 -30.24 1.55 5.12
N ALA E 141 -30.71 0.39 4.65
CA ALA E 141 -31.98 -0.18 5.06
C ALA E 141 -31.99 -1.64 4.63
N LYS E 142 -32.95 -2.39 5.16
CA LYS E 142 -33.18 -3.75 4.72
C LYS E 142 -34.31 -3.86 3.71
N LYS E 143 -35.17 -2.85 3.63
CA LYS E 143 -36.27 -2.83 2.69
C LYS E 143 -36.45 -1.41 2.20
N PRO E 144 -36.91 -1.22 0.97
CA PRO E 144 -37.17 0.14 0.48
C PRO E 144 -38.39 0.81 1.10
N THR E 145 -39.09 0.15 2.03
CA THR E 145 -40.20 0.79 2.72
C THR E 145 -39.76 1.61 3.93
N GLU E 146 -38.50 1.54 4.32
CA GLU E 146 -38.03 2.27 5.49
C GLU E 146 -37.88 3.74 5.18
N THR E 147 -38.13 4.57 6.19
CA THR E 147 -38.33 6.00 5.98
C THR E 147 -37.09 6.71 5.42
N ILE E 148 -35.90 6.14 5.59
CA ILE E 148 -34.72 6.78 5.02
C ILE E 148 -34.73 6.68 3.50
N CYS E 149 -35.46 5.72 2.94
CA CYS E 149 -35.52 5.54 1.50
C CYS E 149 -36.59 6.40 0.83
N ALA E 150 -37.53 6.93 1.59
CA ALA E 150 -38.63 7.68 0.97
C ALA E 150 -38.17 8.90 0.19
N PRO E 151 -37.19 9.70 0.63
CA PRO E 151 -36.71 10.80 -0.21
C PRO E 151 -35.73 10.39 -1.30
N LEU E 152 -35.36 9.13 -1.39
CA LEU E 152 -34.45 8.68 -2.43
C LEU E 152 -35.23 8.10 -3.60
N THR E 153 -34.72 8.32 -4.81
CA THR E 153 -35.32 7.73 -6.00
C THR E 153 -34.80 6.31 -6.14
N VAL E 154 -35.68 5.35 -5.88
CA VAL E 154 -35.30 3.94 -5.77
C VAL E 154 -35.65 3.24 -7.06
N PHE E 155 -34.72 2.43 -7.57
CA PHE E 155 -34.95 1.67 -8.78
C PHE E 155 -35.61 0.33 -8.43
N PHE E 156 -36.75 0.07 -9.04
CA PHE E 156 -37.50 -1.16 -8.83
C PHE E 156 -37.55 -1.97 -10.12
N ASP E 157 -37.37 -3.27 -9.99
CA ASP E 157 -37.32 -4.18 -11.14
C ASP E 157 -38.58 -5.02 -11.13
N GLY E 158 -39.51 -4.71 -12.03
CA GLY E 158 -40.77 -5.42 -12.12
C GLY E 158 -40.65 -6.89 -12.46
N ARG E 159 -39.47 -7.35 -12.87
CA ARG E 159 -39.26 -8.77 -13.10
C ARG E 159 -39.09 -9.54 -11.81
N VAL E 160 -38.80 -8.86 -10.71
CA VAL E 160 -38.66 -9.47 -9.39
C VAL E 160 -39.97 -9.32 -8.65
N ASP E 161 -40.39 -10.38 -7.95
CA ASP E 161 -41.73 -10.44 -7.37
C ASP E 161 -41.94 -9.38 -6.30
N GLY E 162 -43.12 -8.77 -6.32
CA GLY E 162 -43.48 -7.77 -5.35
C GLY E 162 -42.89 -6.40 -5.57
N GLN E 163 -41.93 -6.26 -6.49
CA GLN E 163 -41.30 -4.97 -6.71
C GLN E 163 -42.25 -3.97 -7.35
N VAL E 164 -43.21 -4.45 -8.15
CA VAL E 164 -44.21 -3.55 -8.71
C VAL E 164 -45.02 -2.90 -7.61
N ASP E 165 -45.39 -3.67 -6.59
CA ASP E 165 -46.19 -3.12 -5.50
C ASP E 165 -45.38 -2.19 -4.62
N LEU E 166 -44.11 -2.53 -4.36
CA LEU E 166 -43.24 -1.60 -3.66
C LEU E 166 -43.20 -0.26 -4.36
N PHE E 167 -43.15 -0.28 -5.70
CA PHE E 167 -43.22 0.95 -6.48
C PHE E 167 -44.55 1.64 -6.29
N ARG E 168 -45.65 0.88 -6.32
CA ARG E 168 -46.97 1.48 -6.13
C ARG E 168 -47.04 2.26 -4.82
N ASN E 169 -46.36 1.81 -3.79
CA ASN E 169 -46.39 2.46 -2.50
C ASN E 169 -45.29 3.49 -2.32
N ALA E 170 -44.22 3.40 -3.10
CA ALA E 170 -43.06 4.23 -2.89
C ALA E 170 -43.39 5.71 -3.09
N ARG E 171 -42.52 6.57 -2.58
CA ARG E 171 -42.65 8.00 -2.76
C ARG E 171 -41.93 8.47 -4.02
N ASN E 172 -40.67 8.07 -4.16
CA ASN E 172 -39.86 8.39 -5.33
C ASN E 172 -39.29 7.09 -5.87
N GLY E 173 -39.41 6.87 -7.16
CA GLY E 173 -38.93 5.62 -7.70
C GLY E 173 -38.98 5.60 -9.22
N VAL E 174 -38.21 4.68 -9.77
CA VAL E 174 -38.28 4.29 -11.16
C VAL E 174 -38.59 2.80 -11.21
N LEU E 175 -39.55 2.42 -12.04
CA LEU E 175 -39.91 1.03 -12.23
C LEU E 175 -39.67 0.63 -13.68
N ILE E 176 -39.10 -0.55 -13.89
CA ILE E 176 -38.98 -1.12 -15.23
C ILE E 176 -39.74 -2.44 -15.27
N THR E 177 -40.45 -2.67 -16.37
CA THR E 177 -41.17 -3.92 -16.58
C THR E 177 -40.91 -4.41 -17.99
N GLU E 178 -41.25 -5.68 -18.22
CA GLU E 178 -41.25 -6.23 -19.55
C GLU E 178 -42.57 -6.04 -20.25
N GLY E 179 -43.66 -6.02 -19.50
CA GLY E 179 -44.98 -5.86 -20.08
C GLY E 179 -45.82 -4.83 -19.38
N SER E 180 -47.13 -4.96 -19.52
CA SER E 180 -48.05 -3.96 -19.02
C SER E 180 -48.10 -3.96 -17.50
N VAL E 181 -48.37 -2.78 -16.95
CA VAL E 181 -48.71 -2.59 -15.55
C VAL E 181 -50.09 -1.96 -15.50
N LYS E 182 -50.96 -2.46 -14.63
CA LYS E 182 -52.31 -1.94 -14.55
C LYS E 182 -52.33 -0.49 -14.11
N GLY E 183 -53.15 0.33 -14.77
CA GLY E 183 -53.32 1.71 -14.39
C GLY E 183 -52.22 2.66 -14.81
N LEU E 184 -51.01 2.17 -15.06
CA LEU E 184 -49.86 3.02 -15.33
C LEU E 184 -49.59 3.05 -16.82
N GLN E 185 -49.43 4.25 -17.37
CA GLN E 185 -49.11 4.41 -18.78
C GLN E 185 -47.61 4.20 -18.99
N PRO E 186 -47.20 3.27 -19.84
CA PRO E 186 -45.78 2.99 -20.03
C PRO E 186 -45.10 4.01 -20.92
N SER E 187 -43.78 4.07 -20.76
CA SER E 187 -42.90 4.75 -21.69
C SER E 187 -41.91 3.73 -22.22
N VAL E 188 -41.89 3.56 -23.54
CA VAL E 188 -41.01 2.55 -24.14
C VAL E 188 -39.58 3.09 -24.11
N GLY E 189 -38.70 2.37 -23.43
CA GLY E 189 -37.31 2.76 -23.33
C GLY E 189 -36.51 2.29 -24.54
N PRO E 190 -35.20 2.26 -24.42
CA PRO E 190 -34.37 1.81 -25.55
C PRO E 190 -34.55 0.31 -25.78
N LYS E 191 -34.04 -0.12 -26.93
CA LYS E 191 -34.09 -1.54 -27.27
C LYS E 191 -32.97 -2.33 -26.63
N GLN E 192 -31.84 -1.67 -26.35
CA GLN E 192 -30.69 -2.37 -25.81
C GLN E 192 -30.65 -2.27 -24.30
N ALA E 193 -30.01 -3.26 -23.68
CA ALA E 193 -29.75 -3.26 -22.25
C ALA E 193 -28.36 -3.83 -22.02
N SER E 194 -27.93 -3.83 -20.78
CA SER E 194 -26.61 -4.34 -20.42
C SER E 194 -26.77 -5.68 -19.73
N LEU E 195 -25.98 -6.65 -20.16
CA LEU E 195 -26.01 -8.00 -19.60
C LEU E 195 -24.58 -8.40 -19.27
N ASN E 196 -24.27 -8.46 -17.98
CA ASN E 196 -22.93 -8.78 -17.49
C ASN E 196 -21.87 -7.88 -18.16
N GLY E 197 -22.22 -6.62 -18.36
CA GLY E 197 -21.32 -5.69 -18.99
C GLY E 197 -21.47 -5.55 -20.50
N VAL E 198 -22.17 -6.46 -21.15
CA VAL E 198 -22.31 -6.46 -22.61
C VAL E 198 -23.61 -5.77 -22.96
N THR E 199 -23.53 -4.71 -23.75
CA THR E 199 -24.72 -4.04 -24.26
C THR E 199 -25.23 -4.77 -25.48
N LEU E 200 -26.52 -5.10 -25.48
CA LEU E 200 -27.06 -5.89 -26.58
C LEU E 200 -28.57 -5.70 -26.67
N ILE E 201 -29.07 -5.80 -27.89
CA ILE E 201 -30.50 -5.96 -28.14
C ILE E 201 -30.80 -7.45 -28.10
N GLY E 202 -31.60 -7.86 -27.13
CA GLY E 202 -31.72 -9.28 -26.83
C GLY E 202 -32.64 -10.02 -27.80
N GLU E 203 -32.25 -11.24 -28.12
CA GLU E 203 -33.05 -12.18 -28.89
C GLU E 203 -33.49 -13.36 -28.04
N ALA E 204 -32.55 -14.03 -27.37
CA ALA E 204 -32.92 -15.07 -26.42
C ALA E 204 -33.53 -14.51 -25.15
N VAL E 205 -33.31 -13.23 -24.87
CA VAL E 205 -33.78 -12.59 -23.65
C VAL E 205 -34.27 -11.20 -24.00
N LYS E 206 -35.13 -10.66 -23.15
CA LYS E 206 -35.79 -9.39 -23.42
C LYS E 206 -35.00 -8.23 -22.82
N THR E 207 -34.70 -7.23 -23.65
CA THR E 207 -33.94 -6.07 -23.20
C THR E 207 -34.73 -4.77 -23.33
N GLN E 208 -35.93 -4.82 -23.88
CA GLN E 208 -36.76 -3.63 -24.06
C GLN E 208 -37.71 -3.53 -22.88
N PHE E 209 -37.60 -2.44 -22.12
CA PHE E 209 -38.36 -2.29 -20.90
C PHE E 209 -39.37 -1.16 -21.03
N ASN E 210 -40.49 -1.32 -20.36
CA ASN E 210 -41.36 -0.20 -20.07
C ASN E 210 -40.85 0.52 -18.83
N TYR E 211 -40.93 1.84 -18.83
CA TYR E 211 -40.40 2.68 -17.77
C TYR E 211 -41.52 3.47 -17.12
N TYR E 212 -41.44 3.61 -15.79
CA TYR E 212 -42.39 4.37 -15.01
C TYR E 212 -41.61 5.17 -13.97
N LYS E 213 -42.07 6.38 -13.66
CA LYS E 213 -41.35 7.21 -12.69
C LYS E 213 -42.33 7.94 -11.78
N LYS E 214 -42.13 7.81 -10.47
CA LYS E 214 -42.90 8.50 -9.47
C LYS E 214 -42.04 9.54 -8.76
N VAL E 215 -42.64 10.69 -8.47
CA VAL E 215 -42.00 11.76 -7.72
C VAL E 215 -43.01 12.25 -6.71
N ASP E 216 -42.70 12.07 -5.42
CA ASP E 216 -43.60 12.45 -4.33
C ASP E 216 -44.95 11.75 -4.45
N GLY E 217 -44.92 10.44 -4.60
CA GLY E 217 -46.13 9.65 -4.69
C GLY E 217 -46.97 9.86 -5.92
N VAL E 218 -46.54 10.70 -6.86
CA VAL E 218 -47.29 11.00 -8.08
C VAL E 218 -46.54 10.43 -9.27
N VAL E 219 -47.24 9.65 -10.09
CA VAL E 219 -46.64 9.10 -11.30
C VAL E 219 -46.39 10.24 -12.29
N GLN E 220 -45.27 10.17 -12.99
CA GLN E 220 -44.90 11.20 -13.93
C GLN E 220 -45.13 10.73 -15.37
N GLN E 221 -45.33 11.70 -16.25
CA GLN E 221 -45.29 11.47 -17.68
C GLN E 221 -43.83 11.58 -18.12
N LEU E 222 -43.26 10.48 -18.56
CA LEU E 222 -41.91 10.51 -19.06
C LEU E 222 -41.91 11.13 -20.46
N PRO E 223 -41.01 12.07 -20.73
CA PRO E 223 -41.09 12.80 -22.00
C PRO E 223 -40.70 11.93 -23.19
N GLU E 224 -41.20 12.31 -24.35
CA GLU E 224 -40.83 11.64 -25.59
C GLU E 224 -39.37 11.93 -25.91
N THR E 225 -38.61 10.88 -26.17
CA THR E 225 -37.16 11.00 -26.18
C THR E 225 -36.57 10.18 -27.31
N TYR E 226 -35.44 10.64 -27.83
CA TYR E 226 -34.56 9.79 -28.59
C TYR E 226 -33.68 8.99 -27.63
N PHE E 227 -33.07 7.92 -28.14
CA PHE E 227 -32.13 7.13 -27.38
C PHE E 227 -30.83 6.98 -28.16
N THR E 228 -29.73 6.82 -27.43
CA THR E 228 -28.46 6.53 -28.05
C THR E 228 -28.32 5.03 -28.27
N GLN E 229 -27.35 4.65 -29.11
CA GLN E 229 -27.23 3.27 -29.55
C GLN E 229 -26.15 2.50 -28.82
N SER E 230 -25.34 3.14 -27.98
CA SER E 230 -24.39 2.46 -27.11
C SER E 230 -23.40 1.60 -27.90
N ARG E 231 -23.03 2.06 -29.08
CA ARG E 231 -22.08 1.31 -29.89
C ARG E 231 -20.66 1.69 -29.53
N ASN E 232 -19.70 0.92 -30.03
CA ASN E 232 -18.30 1.27 -29.87
C ASN E 232 -17.59 1.19 -31.21
N LEU E 233 -16.52 1.96 -31.34
CA LEU E 233 -15.79 2.16 -32.59
C LEU E 233 -15.38 0.87 -33.28
N GLN E 234 -14.37 0.21 -32.73
CA GLN E 234 -13.67 -0.89 -33.39
C GLN E 234 -14.61 -1.91 -34.01
N GLU E 235 -15.73 -2.19 -33.36
CA GLU E 235 -16.68 -3.17 -33.83
C GLU E 235 -18.03 -2.53 -34.13
N PHE E 236 -17.99 -1.35 -34.75
CA PHE E 236 -19.21 -0.64 -35.09
C PHE E 236 -20.01 -1.41 -36.13
N LYS E 237 -21.34 -1.32 -36.04
CA LYS E 237 -22.22 -2.02 -36.96
C LYS E 237 -23.42 -1.16 -37.34
N PRO E 238 -23.65 -0.94 -38.63
CA PRO E 238 -24.78 -0.10 -39.05
C PRO E 238 -26.12 -0.70 -38.65
N ARG E 239 -27.10 0.18 -38.43
CA ARG E 239 -28.41 -0.25 -37.97
C ARG E 239 -29.55 0.34 -38.78
N SER E 240 -29.25 0.94 -39.93
CA SER E 240 -30.29 1.37 -40.86
C SER E 240 -29.67 1.46 -42.24
N GLN E 241 -30.54 1.63 -43.25
CA GLN E 241 -30.04 1.78 -44.62
C GLN E 241 -29.16 3.02 -44.74
N MET E 242 -29.55 4.12 -44.10
CA MET E 242 -28.75 5.34 -44.17
C MET E 242 -27.36 5.13 -43.56
N GLU E 243 -27.28 4.36 -42.48
CA GLU E 243 -25.97 4.07 -41.89
C GLU E 243 -25.16 3.16 -42.80
N ILE E 244 -25.81 2.17 -43.41
CA ILE E 244 -25.15 1.37 -44.45
C ILE E 244 -24.68 2.26 -45.58
N ASP E 245 -25.50 3.24 -45.97
CA ASP E 245 -25.08 4.18 -47.00
C ASP E 245 -23.90 5.02 -46.54
N PHE E 246 -23.84 5.35 -45.24
CA PHE E 246 -22.82 6.27 -44.77
C PHE E 246 -21.44 5.63 -44.81
N LEU E 247 -21.33 4.37 -44.38
CA LEU E 247 -20.03 3.72 -44.35
C LEU E 247 -19.58 3.28 -45.74
N GLU E 248 -20.53 3.01 -46.64
CA GLU E 248 -20.19 2.47 -47.95
C GLU E 248 -19.94 3.55 -48.99
N LEU E 249 -20.90 4.44 -49.20
CA LEU E 249 -20.79 5.44 -50.25
C LEU E 249 -19.66 6.41 -49.96
N ALA E 250 -19.21 7.11 -51.00
CA ALA E 250 -18.33 8.26 -50.81
C ALA E 250 -19.08 9.35 -50.07
N MET E 251 -18.36 10.31 -49.51
CA MET E 251 -19.01 11.39 -48.79
C MET E 251 -19.91 12.21 -49.70
N ASP E 252 -19.49 12.42 -50.95
CA ASP E 252 -20.27 13.26 -51.86
C ASP E 252 -21.57 12.59 -52.27
N GLU E 253 -21.49 11.33 -52.71
CA GLU E 253 -22.70 10.58 -53.04
C GLU E 253 -23.67 10.56 -51.86
N PHE E 254 -23.14 10.40 -50.65
CA PHE E 254 -24.02 10.32 -49.49
C PHE E 254 -24.76 11.64 -49.28
N ILE E 255 -24.01 12.75 -49.25
CA ILE E 255 -24.64 14.05 -48.98
C ILE E 255 -25.64 14.39 -50.08
N GLU E 256 -25.34 14.00 -51.31
CA GLU E 256 -26.29 14.21 -52.41
C GLU E 256 -27.56 13.40 -52.22
N ARG E 257 -27.41 12.11 -51.92
CA ARG E 257 -28.54 11.19 -51.95
C ARG E 257 -29.63 11.59 -50.97
N TYR E 258 -29.26 11.86 -49.72
CA TYR E 258 -30.22 12.19 -48.69
C TYR E 258 -30.47 13.69 -48.57
N LYS E 259 -30.06 14.47 -49.56
CA LYS E 259 -30.24 15.92 -49.59
C LYS E 259 -29.73 16.54 -48.31
N LEU E 260 -28.41 16.61 -48.16
CA LEU E 260 -27.79 17.12 -46.94
C LEU E 260 -26.83 18.25 -47.25
N GLU E 261 -27.18 19.09 -48.23
CA GLU E 261 -26.36 20.26 -48.54
C GLU E 261 -26.71 21.41 -47.61
N GLY E 262 -25.68 22.12 -47.15
CA GLY E 262 -25.86 23.21 -46.23
C GLY E 262 -25.82 22.82 -44.76
N TYR E 263 -25.74 21.53 -44.45
CA TYR E 263 -25.74 21.06 -43.07
C TYR E 263 -24.36 20.70 -42.56
N ALA E 264 -23.33 20.83 -43.40
CA ALA E 264 -21.94 20.66 -42.98
C ALA E 264 -21.67 19.26 -42.42
N PHE E 265 -22.19 18.23 -43.10
CA PHE E 265 -21.90 16.87 -42.71
C PHE E 265 -20.43 16.54 -42.88
N GLU E 266 -19.80 17.15 -43.88
CA GLU E 266 -18.37 16.97 -44.07
C GLU E 266 -17.59 17.38 -42.83
N HIS E 267 -18.03 18.46 -42.18
CA HIS E 267 -17.39 18.93 -40.96
C HIS E 267 -17.93 18.19 -39.73
N ILE E 268 -19.24 18.25 -39.51
CA ILE E 268 -19.82 17.70 -38.29
C ILE E 268 -19.57 16.21 -38.20
N VAL E 269 -19.95 15.47 -39.23
CA VAL E 269 -20.01 14.02 -39.14
C VAL E 269 -18.74 13.36 -39.68
N TYR E 270 -18.23 13.83 -40.82
CA TYR E 270 -17.03 13.22 -41.39
C TYR E 270 -15.76 13.74 -40.73
N GLY E 271 -15.73 15.00 -40.33
CA GLY E 271 -14.57 15.55 -39.66
C GLY E 271 -13.58 16.18 -40.61
N ASP E 272 -12.93 17.23 -40.14
CA ASP E 272 -11.92 17.96 -40.91
C ASP E 272 -10.57 17.71 -40.27
N PHE E 273 -9.67 17.05 -41.02
CA PHE E 273 -8.34 16.69 -40.54
C PHE E 273 -7.24 17.49 -41.22
N SER E 274 -7.57 18.63 -41.82
CA SER E 274 -6.56 19.36 -42.58
C SER E 274 -5.75 20.31 -41.70
N HIS E 275 -6.33 20.82 -40.63
CA HIS E 275 -5.64 21.74 -39.75
C HIS E 275 -5.16 21.02 -38.50
N SER E 276 -4.26 21.66 -37.76
CA SER E 276 -3.73 21.04 -36.55
C SER E 276 -4.80 20.84 -35.49
N GLN E 277 -5.88 21.63 -35.52
CA GLN E 277 -7.04 21.40 -34.68
C GLN E 277 -8.09 20.65 -35.49
N LEU E 278 -8.42 19.42 -35.06
CA LEU E 278 -9.42 18.61 -35.74
C LEU E 278 -10.80 19.28 -35.67
N GLY E 279 -11.42 19.45 -36.82
CA GLY E 279 -12.74 20.06 -36.90
C GLY E 279 -13.84 19.01 -36.93
N GLY E 280 -14.89 19.27 -36.16
CA GLY E 280 -16.10 18.47 -36.24
C GLY E 280 -15.97 17.11 -35.56
N LEU E 281 -16.56 16.10 -36.20
CA LEU E 281 -16.43 14.70 -35.81
C LEU E 281 -17.16 14.41 -34.50
N HIS E 282 -18.44 14.75 -34.45
CA HIS E 282 -19.21 14.71 -33.20
C HIS E 282 -20.23 13.58 -33.16
N LEU E 283 -20.11 12.58 -34.04
CA LEU E 283 -21.03 11.46 -34.12
C LEU E 283 -20.23 10.17 -34.18
N LEU E 284 -20.62 9.19 -33.37
CA LEU E 284 -19.81 7.98 -33.25
C LEU E 284 -19.66 7.27 -34.58
N ILE E 285 -20.71 7.26 -35.42
CA ILE E 285 -20.59 6.61 -36.72
C ILE E 285 -19.53 7.29 -37.56
N GLY E 286 -19.34 8.59 -37.38
CA GLY E 286 -18.29 9.28 -38.11
C GLY E 286 -16.91 8.79 -37.73
N LEU E 287 -16.65 8.68 -36.43
CA LEU E 287 -15.38 8.12 -35.98
C LEU E 287 -15.21 6.68 -36.45
N ALA E 288 -16.31 5.93 -36.52
CA ALA E 288 -16.23 4.56 -36.99
C ALA E 288 -15.74 4.49 -38.43
N LYS E 289 -16.17 5.43 -39.26
CA LYS E 289 -15.76 5.42 -40.66
C LYS E 289 -14.28 5.74 -40.79
N ARG E 290 -13.81 6.78 -40.11
CA ARG E 290 -12.39 7.14 -40.17
C ARG E 290 -11.52 6.02 -39.63
N PHE E 291 -11.97 5.35 -38.56
CA PHE E 291 -11.15 4.36 -37.89
C PHE E 291 -10.76 3.22 -38.83
N LYS E 292 -11.75 2.65 -39.54
CA LYS E 292 -11.43 1.59 -40.48
C LYS E 292 -10.59 2.13 -41.63
N GLU E 293 -10.70 3.42 -41.91
CA GLU E 293 -9.87 4.04 -42.94
C GLU E 293 -8.46 4.35 -42.43
N SER E 294 -8.35 4.81 -41.20
CA SER E 294 -7.09 5.31 -40.66
C SER E 294 -7.13 5.32 -39.13
N PRO E 295 -6.11 4.84 -38.45
CA PRO E 295 -6.19 4.69 -37.00
C PRO E 295 -6.01 6.00 -36.27
N PHE E 296 -6.64 6.09 -35.10
CA PHE E 296 -6.44 7.23 -34.22
C PHE E 296 -6.66 6.81 -32.78
N GLU E 297 -6.20 7.65 -31.87
CA GLU E 297 -6.28 7.39 -30.44
C GLU E 297 -7.35 8.26 -29.79
N LEU E 298 -8.13 7.66 -28.91
CA LEU E 298 -9.19 8.32 -28.16
C LEU E 298 -8.89 8.19 -26.68
N GLU E 299 -8.45 9.28 -26.05
CA GLU E 299 -8.24 9.30 -24.61
C GLU E 299 -9.57 9.67 -23.94
N ASP E 300 -10.12 8.72 -23.20
CA ASP E 300 -11.35 8.93 -22.44
C ASP E 300 -10.96 9.42 -21.05
N PHE E 301 -10.78 10.72 -20.91
CA PHE E 301 -10.27 11.28 -19.67
C PHE E 301 -11.33 11.39 -18.57
N ILE E 302 -12.57 11.00 -18.82
CA ILE E 302 -13.55 10.83 -17.75
C ILE E 302 -14.26 9.51 -17.97
N PRO E 303 -13.67 8.40 -17.58
CA PRO E 303 -14.21 7.10 -17.98
C PRO E 303 -15.45 6.66 -17.23
N MET E 304 -16.61 7.08 -17.68
CA MET E 304 -17.90 6.66 -17.13
C MET E 304 -18.93 6.68 -18.25
N ASP E 305 -20.12 6.18 -17.94
CA ASP E 305 -21.19 6.07 -18.91
C ASP E 305 -22.05 7.33 -18.88
N SER E 306 -22.08 8.05 -20.00
CA SER E 306 -22.95 9.21 -20.13
C SER E 306 -23.44 9.30 -21.57
N THR E 307 -24.57 9.98 -21.73
CA THR E 307 -25.15 10.18 -23.06
C THR E 307 -24.16 10.86 -24.00
N VAL E 308 -23.50 11.91 -23.53
CA VAL E 308 -22.43 12.58 -24.26
C VAL E 308 -21.10 12.17 -23.64
N LYS E 309 -20.11 11.91 -24.50
CA LYS E 309 -18.76 11.63 -24.08
C LYS E 309 -17.82 12.70 -24.61
N ASN E 310 -16.74 12.96 -23.85
CA ASN E 310 -15.67 13.83 -24.31
C ASN E 310 -14.40 13.01 -24.46
N TYR E 311 -13.65 13.26 -25.53
CA TYR E 311 -12.44 12.52 -25.80
C TYR E 311 -11.31 13.45 -26.19
N PHE E 312 -10.10 13.05 -25.86
CA PHE E 312 -8.89 13.66 -26.38
C PHE E 312 -8.45 12.79 -27.54
N ILE E 313 -8.60 13.30 -28.76
CA ILE E 313 -8.43 12.52 -29.98
C ILE E 313 -7.18 13.01 -30.70
N THR E 314 -6.37 12.06 -31.16
CA THR E 314 -5.13 12.34 -31.88
C THR E 314 -5.12 11.50 -33.15
N ASP E 315 -5.25 12.14 -34.30
CA ASP E 315 -5.31 11.43 -35.58
C ASP E 315 -3.91 11.05 -36.03
N ALA E 316 -3.68 9.77 -36.25
CA ALA E 316 -2.33 9.28 -36.46
C ALA E 316 -1.79 9.56 -37.86
N GLN E 317 -2.66 9.68 -38.87
CA GLN E 317 -2.19 9.89 -40.23
C GLN E 317 -1.82 11.34 -40.49
N THR E 318 -2.59 12.28 -39.96
CA THR E 318 -2.36 13.69 -40.23
C THR E 318 -1.73 14.44 -39.06
N GLY E 319 -1.94 13.98 -37.84
CA GLY E 319 -1.52 14.74 -36.70
C GLY E 319 -2.51 15.78 -36.24
N SER E 320 -3.67 15.86 -36.89
CA SER E 320 -4.75 16.69 -36.39
C SER E 320 -5.29 16.09 -35.10
N SER E 321 -5.60 16.95 -34.14
CA SER E 321 -6.00 16.47 -32.82
C SER E 321 -6.89 17.51 -32.16
N LYS E 322 -7.58 17.09 -31.11
CA LYS E 322 -8.47 17.98 -30.36
C LYS E 322 -8.57 17.52 -28.92
N CYS E 323 -8.29 18.41 -27.98
CA CYS E 323 -8.29 18.08 -26.56
C CYS E 323 -9.66 17.59 -26.11
N VAL E 324 -10.71 18.32 -26.47
CA VAL E 324 -12.06 18.02 -26.04
C VAL E 324 -12.92 17.89 -27.28
N CYS E 325 -13.27 16.66 -27.63
CA CYS E 325 -14.17 16.36 -28.73
C CYS E 325 -15.39 15.65 -28.17
N SER E 326 -16.56 16.26 -28.33
CA SER E 326 -17.78 15.73 -27.75
C SER E 326 -18.50 14.84 -28.77
N VAL E 327 -18.67 13.57 -28.41
CA VAL E 327 -19.18 12.55 -29.31
C VAL E 327 -20.50 12.03 -28.75
N ILE E 328 -21.50 11.88 -29.62
CA ILE E 328 -22.77 11.29 -29.25
C ILE E 328 -23.14 10.24 -30.28
N ASP E 329 -23.71 9.13 -29.82
CA ASP E 329 -23.98 7.97 -30.67
C ASP E 329 -25.48 7.85 -30.89
N LEU E 330 -26.01 8.70 -31.75
CA LEU E 330 -27.39 8.58 -32.19
C LEU E 330 -27.48 7.72 -33.44
N LEU E 331 -28.66 7.17 -33.66
CA LEU E 331 -28.98 6.61 -34.96
C LEU E 331 -28.89 7.73 -36.00
N LEU E 332 -28.12 7.50 -37.05
CA LEU E 332 -27.86 8.52 -38.06
C LEU E 332 -29.16 9.13 -38.59
N ASP E 333 -30.19 8.31 -38.79
CA ASP E 333 -31.48 8.83 -39.23
C ASP E 333 -32.13 9.70 -38.16
N ASP E 334 -31.92 9.37 -36.88
CA ASP E 334 -32.44 10.21 -35.81
C ASP E 334 -31.74 11.57 -35.81
N PHE E 335 -30.44 11.59 -36.09
CA PHE E 335 -29.68 12.84 -36.04
C PHE E 335 -29.95 13.72 -37.25
N VAL E 336 -30.25 13.13 -38.40
CA VAL E 336 -30.69 13.91 -39.56
C VAL E 336 -32.03 14.56 -39.26
N GLU E 337 -32.96 13.80 -38.68
CA GLU E 337 -34.26 14.32 -38.28
C GLU E 337 -34.14 15.46 -37.27
N ILE E 338 -33.02 15.56 -36.56
CA ILE E 338 -32.84 16.60 -35.55
C ILE E 338 -32.35 17.91 -36.16
N ILE E 339 -31.22 17.86 -36.89
CA ILE E 339 -30.64 19.08 -37.44
C ILE E 339 -31.44 19.65 -38.58
N LYS E 340 -32.43 18.92 -39.11
CA LYS E 340 -33.36 19.45 -40.09
C LYS E 340 -34.57 20.13 -39.46
N SER E 341 -34.72 20.04 -38.14
CA SER E 341 -35.76 20.75 -37.41
C SER E 341 -35.25 22.04 -36.81
N GLN E 342 -34.23 22.63 -37.42
CA GLN E 342 -33.54 23.79 -36.87
C GLN E 342 -33.79 25.03 -37.71
N ASP E 343 -33.83 26.17 -37.04
CA ASP E 343 -33.92 27.48 -37.70
C ASP E 343 -32.50 27.97 -37.96
N LEU E 344 -32.16 28.13 -39.24
CA LEU E 344 -30.80 28.44 -39.65
C LEU E 344 -30.51 29.94 -39.71
N SER E 345 -31.30 30.76 -39.03
CA SER E 345 -31.14 32.21 -39.11
C SER E 345 -30.69 32.79 -37.77
N VAL E 346 -29.66 32.19 -37.18
CA VAL E 346 -29.12 32.65 -35.90
C VAL E 346 -27.63 32.34 -35.89
N VAL E 347 -26.82 33.32 -35.46
CA VAL E 347 -25.38 33.15 -35.41
C VAL E 347 -24.93 32.14 -34.38
N SER E 348 -25.70 31.94 -33.31
CA SER E 348 -25.39 30.93 -32.30
C SER E 348 -26.58 30.73 -31.37
N LYS E 349 -27.01 29.48 -31.19
CA LYS E 349 -28.12 29.20 -30.29
C LYS E 349 -27.92 27.83 -29.67
N VAL E 350 -28.60 27.61 -28.55
CA VAL E 350 -28.50 26.38 -27.77
C VAL E 350 -29.80 25.61 -27.94
N VAL E 351 -29.72 24.50 -28.62
CA VAL E 351 -30.89 23.65 -28.87
C VAL E 351 -31.01 22.63 -27.74
N LYS E 352 -32.24 22.24 -27.44
CA LYS E 352 -32.54 21.24 -26.43
C LYS E 352 -33.23 20.05 -27.09
N VAL E 353 -32.63 18.87 -26.94
CA VAL E 353 -33.20 17.63 -27.44
C VAL E 353 -33.34 16.67 -26.26
N THR E 354 -34.48 16.01 -26.15
CA THR E 354 -34.66 14.98 -25.14
C THR E 354 -34.02 13.69 -25.62
N ILE E 355 -32.89 13.32 -25.02
CA ILE E 355 -32.13 12.14 -25.40
C ILE E 355 -31.86 11.34 -24.13
N ASP E 356 -32.23 10.07 -24.14
CA ASP E 356 -32.09 9.19 -22.98
C ASP E 356 -32.79 9.78 -21.76
N TYR E 357 -33.99 10.29 -21.95
CA TYR E 357 -34.86 10.90 -20.95
C TYR E 357 -34.31 12.21 -20.37
N THR E 358 -33.23 12.76 -20.92
CA THR E 358 -32.68 13.99 -20.38
C THR E 358 -32.43 14.99 -21.50
N GLU E 359 -32.27 16.25 -21.11
CA GLU E 359 -32.10 17.34 -22.07
C GLU E 359 -30.62 17.53 -22.40
N ILE E 360 -30.32 17.61 -23.69
CA ILE E 360 -28.94 17.75 -24.17
C ILE E 360 -28.81 19.08 -24.89
N SER E 361 -27.81 19.87 -24.49
CA SER E 361 -27.53 21.15 -25.11
C SER E 361 -26.64 20.95 -26.33
N PHE E 362 -27.17 21.31 -27.51
CA PHE E 362 -26.38 21.35 -28.73
C PHE E 362 -26.12 22.80 -29.08
N MET E 363 -24.87 23.12 -29.39
CA MET E 363 -24.50 24.44 -29.88
C MET E 363 -24.56 24.45 -31.40
N LEU E 364 -25.33 25.37 -31.97
CA LEU E 364 -25.56 25.45 -33.41
C LEU E 364 -24.99 26.77 -33.93
N TRP E 365 -23.84 26.70 -34.59
CA TRP E 365 -23.31 27.85 -35.31
C TRP E 365 -23.86 27.87 -36.72
N CYS E 366 -24.17 29.08 -37.19
CA CYS E 366 -24.69 29.24 -38.54
C CYS E 366 -24.10 30.50 -39.16
N LYS E 367 -24.11 30.53 -40.49
CA LYS E 367 -23.56 31.67 -41.23
C LYS E 367 -24.11 31.62 -42.64
N ASP E 368 -24.69 32.74 -43.09
CA ASP E 368 -25.32 32.84 -44.41
C ASP E 368 -26.42 31.79 -44.57
N GLY E 369 -27.18 31.56 -43.51
CA GLY E 369 -28.31 30.65 -43.58
C GLY E 369 -27.96 29.20 -43.75
N HIS E 370 -26.72 28.82 -43.45
CA HIS E 370 -26.29 27.44 -43.52
C HIS E 370 -25.51 27.09 -42.26
N VAL E 371 -25.48 25.80 -41.94
CA VAL E 371 -24.81 25.34 -40.73
C VAL E 371 -23.30 25.43 -40.91
N GLU E 372 -22.61 25.85 -39.85
CA GLU E 372 -21.16 25.72 -39.76
C GLU E 372 -20.75 24.51 -38.95
N THR E 373 -21.32 24.35 -37.76
CA THR E 373 -21.09 23.17 -36.95
C THR E 373 -22.27 23.01 -36.01
N PHE E 374 -22.33 21.84 -35.37
CA PHE E 374 -23.45 21.47 -34.52
C PHE E 374 -23.00 20.29 -33.70
N TYR E 375 -22.74 20.52 -32.41
CA TYR E 375 -22.10 19.53 -31.56
C TYR E 375 -22.76 19.52 -30.19
N PRO E 376 -22.73 18.39 -29.50
CA PRO E 376 -23.37 18.31 -28.19
C PRO E 376 -22.47 18.84 -27.08
N LYS E 377 -23.10 19.08 -25.94
CA LYS E 377 -22.40 19.44 -24.71
C LYS E 377 -22.47 18.27 -23.74
N LEU E 378 -21.35 17.99 -23.09
CA LEU E 378 -21.27 16.93 -22.08
C LEU E 378 -22.29 17.14 -20.97
N GLU F 32 27.47 -14.72 -5.35
CA GLU F 32 26.62 -13.68 -4.78
C GLU F 32 25.13 -13.96 -4.97
N MET F 33 24.39 -13.94 -3.88
CA MET F 33 22.94 -14.10 -3.89
C MET F 33 22.33 -12.79 -3.43
N SER F 34 21.94 -11.94 -4.37
CA SER F 34 21.48 -10.62 -3.98
C SER F 34 20.53 -10.05 -5.00
N LEU F 35 19.69 -9.12 -4.53
CA LEU F 35 18.73 -8.46 -5.40
C LEU F 35 19.41 -7.71 -6.53
N GLU F 36 20.49 -6.98 -6.21
CA GLU F 36 21.19 -6.20 -7.23
C GLU F 36 21.87 -7.07 -8.26
N ASN F 37 22.32 -8.26 -7.88
CA ASN F 37 22.89 -9.17 -8.86
C ASN F 37 21.81 -9.85 -9.71
N VAL F 38 20.66 -10.12 -9.13
CA VAL F 38 19.55 -10.65 -9.93
C VAL F 38 19.14 -9.63 -10.98
N ALA F 39 19.05 -8.36 -10.60
CA ALA F 39 18.65 -7.34 -11.55
C ALA F 39 19.73 -7.08 -12.60
N PHE F 40 20.99 -7.34 -12.26
CA PHE F 40 22.05 -7.25 -13.27
C PHE F 40 21.85 -8.29 -14.35
N ASN F 41 21.50 -9.52 -13.97
CA ASN F 41 21.26 -10.59 -14.94
C ASN F 41 20.03 -10.31 -15.78
N VAL F 42 18.97 -9.81 -15.17
CA VAL F 42 17.74 -9.51 -15.90
C VAL F 42 18.00 -8.43 -16.93
N VAL F 43 18.81 -7.43 -16.58
CA VAL F 43 19.04 -6.30 -17.45
C VAL F 43 19.95 -6.67 -18.61
N ASN F 44 20.99 -7.46 -18.37
CA ASN F 44 21.97 -7.76 -19.40
C ASN F 44 21.72 -9.07 -20.12
N LYS F 45 20.89 -9.96 -19.57
CA LYS F 45 20.70 -11.29 -20.13
C LYS F 45 19.25 -11.70 -20.27
N GLY F 46 18.30 -10.84 -19.94
CA GLY F 46 16.89 -11.15 -20.03
C GLY F 46 16.33 -12.04 -18.94
N HIS F 47 17.19 -12.73 -18.19
CA HIS F 47 16.78 -13.63 -17.11
C HIS F 47 18.04 -13.90 -16.29
N PHE F 48 17.89 -14.66 -15.21
CA PHE F 48 19.04 -14.96 -14.37
C PHE F 48 19.92 -16.01 -15.03
N ASP F 49 21.15 -15.62 -15.35
CA ASP F 49 22.11 -16.48 -16.02
C ASP F 49 23.34 -16.75 -15.18
N GLY F 50 23.35 -16.32 -13.92
CA GLY F 50 24.52 -16.51 -13.08
C GLY F 50 25.70 -15.65 -13.43
N GLN F 51 25.48 -14.47 -14.00
CA GLN F 51 26.58 -13.54 -14.24
C GLN F 51 26.88 -12.72 -13.01
N GLN F 52 28.11 -12.23 -12.93
CA GLN F 52 28.54 -11.38 -11.84
C GLN F 52 28.34 -9.91 -12.21
N GLY F 53 27.92 -9.12 -11.23
CA GLY F 53 27.68 -7.71 -11.42
C GLY F 53 26.49 -7.25 -10.62
N GLU F 54 26.28 -5.95 -10.53
CA GLU F 54 25.16 -5.40 -9.79
C GLU F 54 24.68 -4.14 -10.49
N VAL F 55 23.39 -3.88 -10.41
CA VAL F 55 22.83 -2.61 -10.86
C VAL F 55 22.01 -2.03 -9.72
N PRO F 56 21.89 -0.71 -9.61
CA PRO F 56 21.06 -0.13 -8.55
C PRO F 56 19.58 -0.40 -8.79
N VAL F 57 18.86 -0.64 -7.72
CA VAL F 57 17.46 -1.03 -7.77
C VAL F 57 16.67 -0.23 -6.76
N SER F 58 15.47 0.16 -7.13
CA SER F 58 14.52 0.78 -6.21
C SER F 58 13.28 -0.09 -6.11
N ILE F 59 12.76 -0.25 -4.91
CA ILE F 59 11.56 -1.02 -4.66
C ILE F 59 10.51 -0.08 -4.10
N ILE F 60 9.38 0.03 -4.77
CA ILE F 60 8.29 0.88 -4.31
C ILE F 60 7.01 0.31 -4.85
N ASN F 61 5.96 0.42 -4.05
CA ASN F 61 4.70 -0.29 -4.29
C ASN F 61 5.08 -1.77 -4.30
N ASN F 62 4.59 -2.54 -5.27
CA ASN F 62 4.96 -3.93 -5.45
C ASN F 62 5.82 -4.11 -6.70
N THR F 63 6.67 -3.13 -7.00
CA THR F 63 7.35 -3.05 -8.27
C THR F 63 8.84 -2.85 -8.06
N VAL F 64 9.63 -3.44 -8.95
CA VAL F 64 11.08 -3.28 -8.95
C VAL F 64 11.43 -2.33 -10.08
N TYR F 65 12.29 -1.37 -9.79
CA TYR F 65 12.76 -0.39 -10.77
C TYR F 65 14.26 -0.37 -10.79
N THR F 66 14.80 0.11 -11.90
CA THR F 66 16.23 0.35 -12.01
C THR F 66 16.43 1.66 -12.75
N LYS F 67 17.58 2.29 -12.53
CA LYS F 67 17.89 3.54 -13.20
C LYS F 67 18.63 3.25 -14.50
N VAL F 68 18.12 3.80 -15.59
CA VAL F 68 18.79 3.78 -16.88
C VAL F 68 18.89 5.22 -17.33
N ASP F 69 20.11 5.76 -17.31
CA ASP F 69 20.37 7.15 -17.68
C ASP F 69 19.56 8.13 -16.84
N GLY F 70 19.51 7.88 -15.54
CA GLY F 70 18.95 8.84 -14.62
C GLY F 70 17.45 8.79 -14.41
N VAL F 71 16.75 7.87 -15.06
CA VAL F 71 15.32 7.72 -14.84
C VAL F 71 15.02 6.27 -14.49
N ASP F 72 13.96 6.08 -13.72
CA ASP F 72 13.58 4.77 -13.26
C ASP F 72 12.80 4.03 -14.33
N VAL F 73 13.20 2.79 -14.59
CA VAL F 73 12.52 1.91 -15.54
C VAL F 73 12.03 0.70 -14.77
N GLU F 74 10.76 0.37 -14.93
CA GLU F 74 10.21 -0.81 -14.26
C GLU F 74 10.79 -2.08 -14.86
N LEU F 75 11.29 -2.96 -13.99
CA LEU F 75 11.75 -4.29 -14.37
C LEU F 75 10.72 -5.37 -14.12
N PHE F 76 9.85 -5.20 -13.14
CA PHE F 76 9.03 -6.30 -12.66
C PHE F 76 7.92 -5.78 -11.77
N GLU F 77 6.69 -6.17 -12.06
CA GLU F 77 5.56 -5.91 -11.19
C GLU F 77 5.17 -7.23 -10.55
N ASN F 78 5.01 -7.22 -9.23
CA ASN F 78 4.76 -8.44 -8.47
C ASN F 78 3.26 -8.72 -8.45
N LYS F 79 2.86 -9.83 -9.06
CA LYS F 79 1.47 -10.26 -9.05
C LYS F 79 1.23 -11.44 -8.13
N THR F 80 2.26 -11.91 -7.43
CA THR F 80 2.16 -13.04 -6.54
C THR F 80 1.74 -12.57 -5.14
N THR F 81 1.57 -13.53 -4.23
CA THR F 81 1.37 -13.24 -2.83
C THR F 81 2.66 -13.29 -2.02
N LEU F 82 3.79 -13.41 -2.69
CA LEU F 82 5.13 -13.38 -2.10
C LEU F 82 5.62 -11.95 -1.92
N PRO F 83 6.61 -11.74 -1.05
CA PRO F 83 7.28 -10.44 -1.01
C PRO F 83 7.89 -10.09 -2.36
N VAL F 84 7.82 -8.82 -2.71
CA VAL F 84 8.17 -8.37 -4.05
C VAL F 84 9.57 -8.83 -4.45
N ASN F 85 10.54 -8.70 -3.55
CA ASN F 85 11.90 -9.09 -3.87
C ASN F 85 12.06 -10.60 -4.01
N VAL F 86 11.25 -11.37 -3.27
CA VAL F 86 11.27 -12.81 -3.41
C VAL F 86 10.69 -13.23 -4.75
N ALA F 87 9.52 -12.68 -5.10
CA ALA F 87 8.88 -12.97 -6.38
C ALA F 87 9.77 -12.57 -7.55
N PHE F 88 10.46 -11.45 -7.44
CA PHE F 88 11.37 -11.02 -8.51
C PHE F 88 12.48 -12.02 -8.74
N GLU F 89 13.02 -12.60 -7.67
CA GLU F 89 14.10 -13.57 -7.81
C GLU F 89 13.60 -14.87 -8.43
N LEU F 90 12.44 -15.36 -7.99
CA LEU F 90 11.90 -16.59 -8.54
C LEU F 90 11.56 -16.43 -10.02
N TRP F 91 11.05 -15.27 -10.41
CA TRP F 91 10.74 -15.02 -11.80
C TRP F 91 12.01 -14.97 -12.65
N ALA F 92 13.04 -14.30 -12.16
CA ALA F 92 14.30 -14.23 -12.89
C ALA F 92 14.92 -15.60 -13.09
N LYS F 93 14.63 -16.55 -12.19
CA LYS F 93 15.21 -17.88 -12.26
C LYS F 93 14.25 -18.93 -12.81
N ARG F 94 13.20 -18.51 -13.49
CA ARG F 94 12.27 -19.44 -14.09
C ARG F 94 12.94 -20.29 -15.17
N ASN F 95 12.45 -21.50 -15.34
CA ASN F 95 12.92 -22.37 -16.41
C ASN F 95 12.56 -21.78 -17.76
N ILE F 96 13.55 -21.61 -18.63
CA ILE F 96 13.31 -21.00 -19.93
C ILE F 96 13.52 -22.02 -21.03
N LYS F 97 13.36 -23.28 -20.69
CA LYS F 97 13.29 -24.37 -21.64
C LYS F 97 11.85 -24.86 -21.75
N PRO F 98 11.54 -25.67 -22.76
CA PRO F 98 10.20 -26.28 -22.82
C PRO F 98 9.96 -27.17 -21.61
N VAL F 99 8.92 -26.88 -20.86
CA VAL F 99 8.59 -27.63 -19.66
C VAL F 99 7.17 -28.14 -19.81
N PRO F 100 6.82 -29.22 -19.11
CA PRO F 100 5.43 -29.66 -19.10
C PRO F 100 4.51 -28.55 -18.64
N GLU F 101 3.30 -28.55 -19.18
CA GLU F 101 2.31 -27.59 -18.74
C GLU F 101 1.95 -27.85 -17.28
N VAL F 102 1.63 -26.77 -16.57
CA VAL F 102 1.38 -26.85 -15.12
C VAL F 102 0.27 -27.85 -14.83
N LYS F 103 -0.74 -27.92 -15.69
CA LYS F 103 -1.85 -28.83 -15.45
C LYS F 103 -1.39 -30.29 -15.40
N ILE F 104 -0.40 -30.66 -16.22
CA ILE F 104 0.09 -32.03 -16.23
C ILE F 104 0.81 -32.35 -14.92
N LEU F 105 1.67 -31.45 -14.47
CA LEU F 105 2.40 -31.65 -13.21
C LEU F 105 1.44 -31.75 -12.04
N ASN F 106 0.43 -30.86 -11.99
CA ASN F 106 -0.57 -30.95 -10.94
C ASN F 106 -1.26 -32.31 -10.96
N ASN F 107 -1.69 -32.77 -12.14
CA ASN F 107 -2.38 -34.06 -12.21
C ASN F 107 -1.47 -35.21 -11.81
N LEU F 108 -0.17 -35.08 -12.04
CA LEU F 108 0.78 -36.09 -11.61
C LEU F 108 1.17 -35.95 -10.15
N GLY F 109 0.62 -34.97 -9.45
CA GLY F 109 0.91 -34.81 -8.04
C GLY F 109 2.25 -34.20 -7.72
N VAL F 110 2.84 -33.42 -8.62
CA VAL F 110 4.12 -32.80 -8.35
C VAL F 110 3.96 -31.74 -7.26
N ASP F 111 4.86 -31.75 -6.30
CA ASP F 111 4.82 -30.83 -5.17
C ASP F 111 5.81 -29.69 -5.27
N ILE F 112 6.91 -29.88 -5.99
CA ILE F 112 8.06 -29.00 -5.92
C ILE F 112 9.03 -29.46 -6.99
N ALA F 113 9.80 -28.55 -7.55
CA ALA F 113 10.76 -28.89 -8.59
C ALA F 113 12.17 -28.95 -8.00
N ALA F 114 12.99 -29.82 -8.58
CA ALA F 114 14.37 -29.98 -8.14
C ALA F 114 15.25 -28.98 -8.88
N ASN F 115 15.71 -27.96 -8.17
CA ASN F 115 16.73 -27.04 -8.65
C ASN F 115 16.27 -26.19 -9.82
N THR F 116 14.98 -25.87 -9.89
CA THR F 116 14.50 -24.95 -10.91
C THR F 116 13.18 -24.35 -10.45
N VAL F 117 12.74 -23.33 -11.18
CA VAL F 117 11.48 -22.66 -10.94
C VAL F 117 10.59 -22.89 -12.14
N ILE F 118 9.45 -23.53 -11.93
CA ILE F 118 8.42 -23.61 -12.95
C ILE F 118 7.51 -22.41 -12.76
N TRP F 119 7.55 -21.48 -13.70
CA TRP F 119 6.68 -20.32 -13.62
C TRP F 119 5.32 -20.64 -14.22
N ASP F 120 4.28 -20.21 -13.53
CA ASP F 120 2.89 -20.38 -13.96
C ASP F 120 2.46 -19.07 -14.59
N TYR F 121 2.41 -19.03 -15.92
CA TYR F 121 2.11 -17.81 -16.65
C TYR F 121 0.64 -17.44 -16.62
N LYS F 122 -0.26 -18.39 -16.39
CA LYS F 122 -1.67 -18.05 -16.19
C LYS F 122 -1.85 -17.24 -14.91
N ARG F 123 -1.19 -17.66 -13.85
CA ARG F 123 -1.30 -16.97 -12.57
C ARG F 123 -0.27 -15.85 -12.41
N ASP F 124 0.75 -15.81 -13.27
CA ASP F 124 1.86 -14.88 -13.15
C ASP F 124 2.52 -15.02 -11.77
N ALA F 125 2.96 -16.23 -11.49
CA ALA F 125 3.40 -16.63 -10.15
C ALA F 125 4.11 -17.97 -10.26
N PRO F 126 4.92 -18.33 -9.26
CA PRO F 126 5.53 -19.66 -9.26
C PRO F 126 4.47 -20.76 -9.18
N ALA F 127 4.73 -21.84 -9.91
CA ALA F 127 3.82 -22.98 -9.90
C ALA F 127 3.76 -23.65 -8.54
N HIS F 128 4.88 -23.68 -7.82
CA HIS F 128 4.98 -24.42 -6.57
C HIS F 128 5.38 -23.49 -5.44
N ILE F 129 5.01 -23.89 -4.23
CA ILE F 129 5.09 -23.00 -3.08
C ILE F 129 6.52 -22.87 -2.57
N SER F 130 7.30 -23.93 -2.63
CA SER F 130 8.67 -23.95 -2.14
C SER F 130 9.60 -24.35 -3.27
N THR F 131 10.89 -24.21 -3.01
CA THR F 131 11.92 -24.53 -3.98
C THR F 131 12.97 -25.43 -3.35
N ILE F 132 13.86 -25.92 -4.19
CA ILE F 132 14.99 -26.73 -3.76
C ILE F 132 16.23 -26.16 -4.43
N GLY F 133 17.10 -25.55 -3.64
CA GLY F 133 18.33 -24.99 -4.16
C GLY F 133 18.11 -23.90 -5.18
N VAL F 134 17.20 -22.97 -4.89
CA VAL F 134 16.93 -21.88 -5.82
C VAL F 134 17.09 -20.53 -5.11
N CYS F 135 16.33 -20.34 -4.04
CA CYS F 135 16.19 -19.05 -3.38
C CYS F 135 16.18 -19.26 -1.88
N SER F 136 16.99 -18.48 -1.16
CA SER F 136 17.15 -18.68 0.27
C SER F 136 15.85 -18.45 1.02
N MET F 137 15.01 -17.54 0.56
CA MET F 137 13.77 -17.26 1.25
C MET F 137 12.68 -18.28 0.97
N THR F 138 12.85 -19.16 -0.02
CA THR F 138 11.84 -20.16 -0.33
C THR F 138 12.35 -21.59 -0.31
N ASP F 139 13.65 -21.81 -0.25
CA ASP F 139 14.16 -23.18 -0.24
C ASP F 139 13.74 -23.91 1.02
N ILE F 140 13.39 -25.19 0.87
CA ILE F 140 13.31 -26.09 2.01
C ILE F 140 14.54 -26.97 2.10
N ALA F 141 15.41 -26.96 1.09
CA ALA F 141 16.59 -27.79 1.04
C ALA F 141 17.49 -27.23 -0.04
N LYS F 142 18.73 -27.70 -0.04
CA LYS F 142 19.67 -27.38 -1.11
C LYS F 142 19.75 -28.47 -2.16
N LYS F 143 19.33 -29.69 -1.83
CA LYS F 143 19.36 -30.81 -2.75
C LYS F 143 18.12 -31.64 -2.50
N PRO F 144 17.59 -32.31 -3.53
CA PRO F 144 16.43 -33.19 -3.31
C PRO F 144 16.76 -34.48 -2.58
N THR F 145 18.01 -34.68 -2.16
CA THR F 145 18.34 -35.85 -1.37
C THR F 145 18.08 -35.67 0.12
N GLU F 146 17.79 -34.45 0.57
CA GLU F 146 17.59 -34.18 1.97
C GLU F 146 16.24 -34.72 2.44
N THR F 147 16.20 -35.18 3.70
CA THR F 147 15.10 -35.98 4.19
C THR F 147 13.76 -35.27 4.17
N ILE F 148 13.75 -33.93 4.16
CA ILE F 148 12.47 -33.24 4.10
C ILE F 148 11.82 -33.41 2.74
N CYS F 149 12.61 -33.72 1.71
CA CYS F 149 12.08 -33.90 0.36
C CYS F 149 11.58 -35.30 0.09
N ALA F 150 11.95 -36.28 0.91
CA ALA F 150 11.57 -37.66 0.62
C ALA F 150 10.06 -37.88 0.59
N PRO F 151 9.23 -37.28 1.45
CA PRO F 151 7.79 -37.45 1.31
C PRO F 151 7.15 -36.55 0.26
N LEU F 152 7.90 -35.68 -0.39
CA LEU F 152 7.34 -34.82 -1.42
C LEU F 152 7.57 -35.42 -2.80
N THR F 153 6.60 -35.22 -3.68
CA THR F 153 6.74 -35.67 -5.07
C THR F 153 7.53 -34.61 -5.82
N VAL F 154 8.78 -34.94 -6.15
CA VAL F 154 9.73 -34.00 -6.70
C VAL F 154 9.80 -34.18 -8.20
N PHE F 155 9.76 -33.08 -8.93
CA PHE F 155 9.87 -33.10 -10.38
C PHE F 155 11.34 -33.07 -10.80
N PHE F 156 11.76 -34.06 -11.57
CA PHE F 156 13.12 -34.18 -12.06
C PHE F 156 13.13 -34.04 -13.58
N ASP F 157 14.11 -33.32 -14.09
CA ASP F 157 14.24 -33.04 -15.51
C ASP F 157 15.44 -33.80 -16.04
N GLY F 158 15.17 -34.88 -16.78
CA GLY F 158 16.23 -35.71 -17.32
C GLY F 158 17.13 -35.02 -18.32
N ARG F 159 16.76 -33.83 -18.78
CA ARG F 159 17.65 -33.05 -19.64
C ARG F 159 18.78 -32.40 -18.88
N VAL F 160 18.65 -32.29 -17.57
CA VAL F 160 19.69 -31.72 -16.70
C VAL F 160 20.50 -32.86 -16.13
N ASP F 161 21.82 -32.68 -16.08
CA ASP F 161 22.73 -33.77 -15.74
C ASP F 161 22.53 -34.27 -14.31
N GLY F 162 22.58 -35.59 -14.15
CA GLY F 162 22.44 -36.21 -12.85
C GLY F 162 21.02 -36.31 -12.32
N GLN F 163 20.07 -35.63 -12.96
CA GLN F 163 18.69 -35.64 -12.46
C GLN F 163 18.05 -37.01 -12.62
N VAL F 164 18.45 -37.77 -13.64
CA VAL F 164 17.93 -39.13 -13.81
C VAL F 164 18.32 -39.99 -12.62
N ASP F 165 19.56 -39.84 -12.14
CA ASP F 165 20.02 -40.64 -11.01
C ASP F 165 19.37 -40.20 -9.72
N LEU F 166 19.19 -38.90 -9.53
CA LEU F 166 18.44 -38.41 -8.38
C LEU F 166 17.07 -39.06 -8.34
N PHE F 167 16.42 -39.17 -9.50
CA PHE F 167 15.15 -39.87 -9.58
C PHE F 167 15.29 -41.34 -9.21
N ARG F 168 16.33 -41.99 -9.73
CA ARG F 168 16.56 -43.39 -9.41
C ARG F 168 16.61 -43.63 -7.91
N ASN F 169 17.15 -42.68 -7.16
CA ASN F 169 17.29 -42.82 -5.71
C ASN F 169 16.10 -42.25 -4.95
N ALA F 170 15.33 -41.36 -5.56
CA ALA F 170 14.28 -40.65 -4.85
C ALA F 170 13.21 -41.61 -4.36
N ARG F 171 12.43 -41.13 -3.40
CA ARG F 171 11.30 -41.90 -2.88
C ARG F 171 10.03 -41.61 -3.66
N ASN F 172 9.71 -40.35 -3.86
CA ASN F 172 8.56 -39.90 -4.63
C ASN F 172 9.04 -38.91 -5.67
N GLY F 173 8.64 -39.10 -6.91
CA GLY F 173 9.11 -38.21 -7.93
C GLY F 173 8.45 -38.45 -9.27
N VAL F 174 8.55 -37.44 -10.12
CA VAL F 174 8.20 -37.53 -11.52
C VAL F 174 9.45 -37.18 -12.31
N LEU F 175 9.76 -37.98 -13.33
CA LEU F 175 10.88 -37.73 -14.20
C LEU F 175 10.40 -37.53 -15.63
N ILE F 176 10.95 -36.55 -16.32
CA ILE F 176 10.69 -36.39 -17.75
C ILE F 176 12.00 -36.49 -18.51
N THR F 177 11.97 -37.18 -19.64
CA THR F 177 13.12 -37.32 -20.50
C THR F 177 12.72 -37.07 -21.94
N GLU F 178 13.73 -36.86 -22.79
CA GLU F 178 13.50 -36.79 -24.22
C GLU F 178 13.61 -38.16 -24.87
N GLY F 179 14.43 -39.04 -24.32
CA GLY F 179 14.61 -40.35 -24.89
C GLY F 179 14.53 -41.45 -23.85
N SER F 180 15.13 -42.59 -24.17
CA SER F 180 15.01 -43.77 -23.35
C SER F 180 15.77 -43.62 -22.03
N VAL F 181 15.25 -44.29 -21.02
CA VAL F 181 15.92 -44.48 -19.74
C VAL F 181 16.06 -45.98 -19.53
N LYS F 182 17.24 -46.42 -19.10
CA LYS F 182 17.48 -47.84 -18.93
C LYS F 182 16.59 -48.42 -17.83
N GLY F 183 16.02 -49.58 -18.09
CA GLY F 183 15.21 -50.29 -17.13
C GLY F 183 13.82 -49.77 -16.90
N LEU F 184 13.54 -48.52 -17.24
CA LEU F 184 12.26 -47.89 -16.94
C LEU F 184 11.39 -47.86 -18.20
N GLN F 185 10.15 -48.31 -18.06
CA GLN F 185 9.22 -48.28 -19.18
C GLN F 185 8.63 -46.88 -19.32
N PRO F 186 8.75 -46.24 -20.48
CA PRO F 186 8.25 -44.87 -20.62
C PRO F 186 6.75 -44.81 -20.83
N SER F 187 6.20 -43.64 -20.52
CA SER F 187 4.85 -43.28 -20.91
C SER F 187 4.94 -42.03 -21.77
N VAL F 188 4.44 -42.12 -22.99
CA VAL F 188 4.51 -40.98 -23.90
C VAL F 188 3.50 -39.93 -23.48
N GLY F 189 3.99 -38.74 -23.15
CA GLY F 189 3.12 -37.65 -22.74
C GLY F 189 2.57 -36.91 -23.92
N PRO F 190 2.06 -35.70 -23.70
CA PRO F 190 1.51 -34.92 -24.82
C PRO F 190 2.61 -34.46 -25.76
N LYS F 191 2.17 -33.99 -26.92
CA LYS F 191 3.11 -33.48 -27.90
C LYS F 191 3.52 -32.04 -27.61
N GLN F 192 2.66 -31.27 -26.95
CA GLN F 192 2.94 -29.86 -26.71
C GLN F 192 3.57 -29.67 -25.34
N ALA F 193 4.34 -28.60 -25.21
CA ALA F 193 4.91 -28.17 -23.94
C ALA F 193 4.85 -26.66 -23.88
N SER F 194 5.25 -26.10 -22.75
CA SER F 194 5.23 -24.66 -22.55
C SER F 194 6.65 -24.13 -22.63
N LEU F 195 6.84 -23.07 -23.39
CA LEU F 195 8.14 -22.44 -23.56
C LEU F 195 7.99 -20.95 -23.32
N ASN F 196 8.51 -20.47 -22.20
CA ASN F 196 8.39 -19.07 -21.80
C ASN F 196 6.93 -18.60 -21.84
N GLY F 197 6.02 -19.48 -21.43
CA GLY F 197 4.62 -19.16 -21.44
C GLY F 197 3.86 -19.55 -22.69
N VAL F 198 4.55 -19.88 -23.76
CA VAL F 198 3.91 -20.20 -25.04
C VAL F 198 3.79 -21.71 -25.15
N THR F 199 2.57 -22.19 -25.31
CA THR F 199 2.34 -23.61 -25.55
C THR F 199 2.54 -23.92 -27.02
N LEU F 200 3.35 -24.93 -27.31
CA LEU F 200 3.67 -25.23 -28.70
C LEU F 200 4.14 -26.66 -28.84
N ILE F 201 3.86 -27.23 -30.00
CA ILE F 201 4.48 -28.48 -30.44
C ILE F 201 5.77 -28.10 -31.16
N GLY F 202 6.90 -28.51 -30.61
CA GLY F 202 8.17 -27.97 -31.04
C GLY F 202 8.67 -28.60 -32.33
N GLU F 203 9.27 -27.76 -33.18
CA GLU F 203 9.98 -28.18 -34.37
C GLU F 203 11.47 -27.95 -34.27
N ALA F 204 11.89 -26.74 -33.90
CA ALA F 204 13.30 -26.49 -33.62
C ALA F 204 13.74 -27.10 -32.30
N VAL F 205 12.81 -27.43 -31.41
CA VAL F 205 13.11 -27.95 -30.09
C VAL F 205 12.10 -29.03 -29.78
N LYS F 206 12.47 -29.92 -28.87
CA LYS F 206 11.66 -31.09 -28.55
C LYS F 206 10.73 -30.80 -27.39
N THR F 207 9.44 -31.07 -27.59
CA THR F 207 8.42 -30.84 -26.56
C THR F 207 7.73 -32.11 -26.12
N GLN F 208 8.02 -33.24 -26.75
CA GLN F 208 7.41 -34.52 -26.41
C GLN F 208 8.30 -35.25 -25.44
N PHE F 209 7.79 -35.52 -24.24
CA PHE F 209 8.58 -36.09 -23.17
C PHE F 209 8.11 -37.50 -22.85
N ASN F 210 9.05 -38.34 -22.46
CA ASN F 210 8.72 -39.56 -21.74
C ASN F 210 8.54 -39.25 -20.27
N TYR F 211 7.56 -39.89 -19.64
CA TYR F 211 7.20 -39.62 -18.26
C TYR F 211 7.40 -40.88 -17.42
N TYR F 212 7.89 -40.68 -16.19
CA TYR F 212 8.10 -41.75 -15.24
C TYR F 212 7.65 -41.27 -13.87
N LYS F 213 7.08 -42.15 -13.06
CA LYS F 213 6.60 -41.74 -11.74
C LYS F 213 6.91 -42.80 -10.70
N LYS F 214 7.54 -42.38 -9.61
CA LYS F 214 7.83 -43.24 -8.48
C LYS F 214 7.00 -42.82 -7.27
N VAL F 215 6.52 -43.82 -6.53
CA VAL F 215 5.78 -43.59 -5.29
C VAL F 215 6.34 -44.57 -4.27
N ASP F 216 6.97 -44.05 -3.21
CA ASP F 216 7.58 -44.87 -2.17
C ASP F 216 8.65 -45.79 -2.75
N GLY F 217 9.56 -45.21 -3.53
CA GLY F 217 10.65 -45.97 -4.10
C GLY F 217 10.26 -46.98 -5.15
N VAL F 218 9.00 -47.08 -5.52
CA VAL F 218 8.52 -48.04 -6.51
C VAL F 218 8.05 -47.29 -7.75
N VAL F 219 8.57 -47.69 -8.90
CA VAL F 219 8.14 -47.09 -10.15
C VAL F 219 6.69 -47.48 -10.44
N GLN F 220 5.92 -46.54 -10.97
CA GLN F 220 4.52 -46.78 -11.25
C GLN F 220 4.29 -46.98 -12.75
N GLN F 221 3.23 -47.71 -13.06
CA GLN F 221 2.69 -47.75 -14.41
C GLN F 221 1.77 -46.56 -14.59
N LEU F 222 2.14 -45.64 -15.44
CA LEU F 222 1.27 -44.51 -15.72
C LEU F 222 0.15 -44.97 -16.64
N PRO F 223 -1.10 -44.61 -16.33
CA PRO F 223 -2.23 -45.16 -17.09
C PRO F 223 -2.30 -44.60 -18.50
N GLU F 224 -2.93 -45.37 -19.37
CA GLU F 224 -3.17 -44.92 -20.73
C GLU F 224 -4.17 -43.78 -20.73
N THR F 225 -3.85 -42.68 -21.38
CA THR F 225 -4.57 -41.44 -21.19
C THR F 225 -4.74 -40.72 -22.50
N TYR F 226 -5.84 -39.99 -22.62
CA TYR F 226 -5.94 -38.93 -23.60
C TYR F 226 -5.26 -37.67 -23.07
N PHE F 227 -4.96 -36.74 -23.97
CA PHE F 227 -4.41 -35.46 -23.59
C PHE F 227 -5.24 -34.33 -24.20
N THR F 228 -5.24 -33.19 -23.54
CA THR F 228 -5.88 -32.01 -24.09
C THR F 228 -4.90 -31.27 -25.00
N GLN F 229 -5.44 -30.36 -25.81
CA GLN F 229 -4.66 -29.72 -26.85
C GLN F 229 -4.19 -28.32 -26.48
N SER F 230 -4.63 -27.77 -25.36
CA SER F 230 -4.12 -26.50 -24.84
C SER F 230 -4.27 -25.35 -25.84
N ARG F 231 -5.34 -25.38 -26.60
CA ARG F 231 -5.58 -24.33 -27.57
C ARG F 231 -6.32 -23.16 -26.93
N ASN F 232 -6.39 -22.04 -27.64
CA ASN F 232 -7.20 -20.92 -27.19
C ASN F 232 -8.09 -20.44 -28.32
N LEU F 233 -9.21 -19.84 -27.95
CA LEU F 233 -10.27 -19.44 -28.86
C LEU F 233 -9.80 -18.61 -30.05
N GLN F 234 -9.49 -17.34 -29.78
CA GLN F 234 -9.28 -16.34 -30.81
C GLN F 234 -8.38 -16.82 -31.95
N GLU F 235 -7.36 -17.61 -31.63
CA GLU F 235 -6.42 -18.11 -32.62
C GLU F 235 -6.47 -19.63 -32.70
N PHE F 236 -7.67 -20.19 -32.67
CA PHE F 236 -7.84 -21.63 -32.73
C PHE F 236 -7.40 -22.15 -34.10
N LYS F 237 -6.84 -23.36 -34.10
CA LYS F 237 -6.36 -23.98 -35.34
C LYS F 237 -6.67 -25.46 -35.38
N PRO F 238 -7.36 -25.94 -36.41
CA PRO F 238 -7.70 -27.36 -36.49
C PRO F 238 -6.47 -28.24 -36.57
N ARG F 239 -6.60 -29.46 -36.04
CA ARG F 239 -5.48 -30.39 -35.98
C ARG F 239 -5.81 -31.77 -36.53
N SER F 240 -6.95 -31.93 -37.20
CA SER F 240 -7.26 -33.16 -37.90
C SER F 240 -8.27 -32.83 -39.00
N GLN F 241 -8.49 -33.81 -39.88
CA GLN F 241 -9.48 -33.62 -40.94
C GLN F 241 -10.87 -33.38 -40.36
N MET F 242 -11.23 -34.11 -39.31
CA MET F 242 -12.54 -33.94 -38.69
C MET F 242 -12.70 -32.53 -38.12
N GLU F 243 -11.63 -31.97 -37.55
CA GLU F 243 -11.71 -30.60 -37.05
C GLU F 243 -11.80 -29.61 -38.20
N ILE F 244 -11.06 -29.85 -39.27
CA ILE F 244 -11.23 -29.06 -40.49
C ILE F 244 -12.66 -29.17 -40.99
N ASP F 245 -13.23 -30.37 -40.94
CA ASP F 245 -14.62 -30.54 -41.34
C ASP F 245 -15.56 -29.79 -40.40
N PHE F 246 -15.21 -29.70 -39.12
CA PHE F 246 -16.14 -29.11 -38.16
C PHE F 246 -16.27 -27.62 -38.35
N LEU F 247 -15.16 -26.93 -38.58
CA LEU F 247 -15.22 -25.48 -38.75
C LEU F 247 -15.74 -25.08 -40.12
N GLU F 248 -15.56 -25.93 -41.13
CA GLU F 248 -15.92 -25.57 -42.49
C GLU F 248 -17.35 -25.96 -42.84
N LEU F 249 -17.69 -27.23 -42.69
CA LEU F 249 -19.01 -27.70 -43.12
C LEU F 249 -20.11 -27.06 -42.26
N ALA F 250 -21.33 -27.09 -42.78
CA ALA F 250 -22.51 -26.78 -41.97
C ALA F 250 -22.65 -27.83 -40.88
N MET F 251 -23.43 -27.51 -39.85
CA MET F 251 -23.63 -28.46 -38.76
C MET F 251 -24.29 -29.74 -39.25
N ASP F 252 -25.23 -29.63 -40.19
CA ASP F 252 -25.97 -30.80 -40.66
C ASP F 252 -25.08 -31.73 -41.47
N GLU F 253 -24.36 -31.17 -42.45
CA GLU F 253 -23.42 -31.99 -43.23
C GLU F 253 -22.42 -32.68 -42.32
N PHE F 254 -21.95 -31.98 -41.29
CA PHE F 254 -20.96 -32.57 -40.40
C PHE F 254 -21.53 -33.76 -39.66
N ILE F 255 -22.69 -33.57 -39.01
CA ILE F 255 -23.28 -34.65 -38.22
C ILE F 255 -23.63 -35.85 -39.11
N GLU F 256 -24.05 -35.58 -40.34
CA GLU F 256 -24.32 -36.66 -41.29
C GLU F 256 -23.05 -37.42 -41.65
N ARG F 257 -21.99 -36.70 -41.99
CA ARG F 257 -20.80 -37.31 -42.58
C ARG F 257 -20.16 -38.33 -41.64
N TYR F 258 -19.94 -37.95 -40.39
CA TYR F 258 -19.27 -38.81 -39.44
C TYR F 258 -20.25 -39.65 -38.62
N LYS F 259 -21.49 -39.75 -39.08
CA LYS F 259 -22.52 -40.55 -38.42
C LYS F 259 -22.63 -40.18 -36.94
N LEU F 260 -23.18 -39.01 -36.65
CA LEU F 260 -23.26 -38.52 -35.28
C LEU F 260 -24.69 -38.19 -34.89
N GLU F 261 -25.64 -38.99 -35.37
CA GLU F 261 -27.04 -38.80 -35.00
C GLU F 261 -27.31 -39.49 -33.67
N GLY F 262 -28.09 -38.80 -32.82
CA GLY F 262 -28.40 -39.31 -31.50
C GLY F 262 -27.42 -38.91 -30.41
N TYR F 263 -26.33 -38.25 -30.76
CA TYR F 263 -25.31 -37.86 -29.80
C TYR F 263 -25.39 -36.40 -29.39
N ALA F 264 -26.35 -35.64 -29.94
CA ALA F 264 -26.63 -34.27 -29.52
C ALA F 264 -25.40 -33.36 -29.68
N PHE F 265 -24.73 -33.48 -30.82
CA PHE F 265 -23.62 -32.57 -31.12
C PHE F 265 -24.11 -31.15 -31.28
N GLU F 266 -25.33 -30.98 -31.80
CA GLU F 266 -25.91 -29.64 -31.90
C GLU F 266 -25.97 -28.97 -30.54
N HIS F 267 -26.27 -29.74 -29.50
CA HIS F 267 -26.34 -29.21 -28.14
C HIS F 267 -24.95 -29.19 -27.50
N ILE F 268 -24.32 -30.36 -27.41
CA ILE F 268 -23.07 -30.48 -26.67
C ILE F 268 -22.00 -29.60 -27.30
N VAL F 269 -21.75 -29.76 -28.59
CA VAL F 269 -20.58 -29.18 -29.22
C VAL F 269 -20.90 -27.84 -29.88
N TYR F 270 -22.02 -27.73 -30.59
CA TYR F 270 -22.35 -26.48 -31.25
C TYR F 270 -22.99 -25.48 -30.30
N GLY F 271 -23.77 -25.94 -29.34
CA GLY F 271 -24.39 -25.05 -28.37
C GLY F 271 -25.75 -24.57 -28.80
N ASP F 272 -26.62 -24.37 -27.81
CA ASP F 272 -27.97 -23.89 -28.02
C ASP F 272 -28.08 -22.49 -27.45
N PHE F 273 -28.33 -21.51 -28.32
CA PHE F 273 -28.41 -20.10 -27.95
C PHE F 273 -29.82 -19.55 -28.03
N SER F 274 -30.83 -20.41 -28.05
CA SER F 274 -32.19 -19.94 -28.23
C SER F 274 -32.84 -19.50 -26.93
N HIS F 275 -32.47 -20.10 -25.81
CA HIS F 275 -33.06 -19.75 -24.52
C HIS F 275 -32.11 -18.84 -23.74
N SER F 276 -32.65 -18.21 -22.69
CA SER F 276 -31.84 -17.31 -21.89
C SER F 276 -30.70 -18.04 -21.18
N GLN F 277 -30.84 -19.35 -20.94
CA GLN F 277 -29.75 -20.17 -20.44
C GLN F 277 -29.11 -20.90 -21.62
N LEU F 278 -27.83 -20.60 -21.86
CA LEU F 278 -27.10 -21.24 -22.95
C LEU F 278 -26.97 -22.74 -22.70
N GLY F 279 -27.38 -23.53 -23.69
CA GLY F 279 -27.30 -24.98 -23.60
C GLY F 279 -26.04 -25.51 -24.24
N GLY F 280 -25.41 -26.47 -23.56
CA GLY F 280 -24.29 -27.21 -24.13
C GLY F 280 -23.00 -26.42 -24.18
N LEU F 281 -22.28 -26.61 -25.30
CA LEU F 281 -21.08 -25.82 -25.64
C LEU F 281 -19.91 -26.17 -24.71
N HIS F 282 -19.58 -27.46 -24.63
CA HIS F 282 -18.62 -27.97 -23.65
C HIS F 282 -17.30 -28.38 -24.27
N LEU F 283 -17.02 -27.96 -25.50
CA LEU F 283 -15.79 -28.32 -26.20
C LEU F 283 -15.19 -27.06 -26.80
N LEU F 284 -13.88 -26.87 -26.61
CA LEU F 284 -13.26 -25.62 -27.01
C LEU F 284 -13.42 -25.35 -28.51
N ILE F 285 -13.35 -26.39 -29.33
CA ILE F 285 -13.52 -26.19 -30.77
C ILE F 285 -14.91 -25.65 -31.07
N GLY F 286 -15.90 -26.02 -30.26
CA GLY F 286 -17.24 -25.48 -30.44
C GLY F 286 -17.29 -23.98 -30.22
N LEU F 287 -16.69 -23.51 -29.11
CA LEU F 287 -16.61 -22.09 -28.87
C LEU F 287 -15.82 -21.38 -29.96
N ALA F 288 -14.80 -22.04 -30.49
CA ALA F 288 -14.00 -21.45 -31.56
C ALA F 288 -14.86 -21.17 -32.78
N LYS F 289 -15.79 -22.08 -33.10
CA LYS F 289 -16.63 -21.89 -34.28
C LYS F 289 -17.58 -20.72 -34.09
N ARG F 290 -18.26 -20.67 -32.94
CA ARG F 290 -19.17 -19.57 -32.67
C ARG F 290 -18.45 -18.23 -32.65
N PHE F 291 -17.24 -18.21 -32.10
CA PHE F 291 -16.52 -16.95 -31.91
C PHE F 291 -16.27 -16.25 -33.25
N LYS F 292 -15.75 -16.97 -34.24
CA LYS F 292 -15.52 -16.36 -35.53
C LYS F 292 -16.85 -15.99 -36.20
N GLU F 293 -17.93 -16.69 -35.82
CA GLU F 293 -19.25 -16.36 -36.33
C GLU F 293 -19.86 -15.17 -35.59
N SER F 294 -19.67 -15.09 -34.27
CA SER F 294 -20.34 -14.10 -33.45
C SER F 294 -19.60 -13.96 -32.12
N PRO F 295 -19.36 -12.73 -31.66
CA PRO F 295 -18.52 -12.54 -30.48
C PRO F 295 -19.25 -12.84 -29.18
N PHE F 296 -18.48 -13.29 -28.19
CA PHE F 296 -19.02 -13.48 -26.85
C PHE F 296 -17.91 -13.31 -25.84
N GLU F 297 -18.31 -13.14 -24.59
CA GLU F 297 -17.40 -12.90 -23.48
C GLU F 297 -17.29 -14.14 -22.61
N LEU F 298 -16.06 -14.45 -22.21
CA LEU F 298 -15.74 -15.59 -21.35
C LEU F 298 -15.07 -15.06 -20.09
N GLU F 299 -15.79 -15.06 -18.98
CA GLU F 299 -15.22 -14.68 -17.70
C GLU F 299 -14.59 -15.93 -17.07
N ASP F 300 -13.27 -15.92 -16.94
CA ASP F 300 -12.53 -17.00 -16.31
C ASP F 300 -12.41 -16.69 -14.82
N PHE F 301 -13.43 -17.06 -14.05
CA PHE F 301 -13.49 -16.68 -12.65
C PHE F 301 -12.57 -17.51 -11.75
N ILE F 302 -11.84 -18.49 -12.27
CA ILE F 302 -10.78 -19.16 -11.53
C ILE F 302 -9.56 -19.25 -12.44
N PRO F 303 -8.79 -18.20 -12.58
CA PRO F 303 -7.75 -18.17 -13.62
C PRO F 303 -6.51 -18.98 -13.30
N MET F 304 -6.55 -20.27 -13.61
CA MET F 304 -5.40 -21.15 -13.47
C MET F 304 -5.49 -22.24 -14.54
N ASP F 305 -4.44 -23.04 -14.63
CA ASP F 305 -4.35 -24.10 -15.64
C ASP F 305 -4.92 -25.39 -15.09
N SER F 306 -5.98 -25.88 -15.71
CA SER F 306 -6.55 -27.17 -15.35
C SER F 306 -7.09 -27.84 -16.60
N THR F 307 -7.20 -29.17 -16.53
CA THR F 307 -7.73 -29.94 -17.64
C THR F 307 -9.12 -29.47 -18.03
N VAL F 308 -9.99 -29.29 -17.04
CA VAL F 308 -11.32 -28.72 -17.25
C VAL F 308 -11.30 -27.27 -16.77
N LYS F 309 -11.94 -26.39 -17.54
CA LYS F 309 -12.12 -24.99 -17.18
C LYS F 309 -13.60 -24.69 -17.01
N ASN F 310 -13.91 -23.74 -16.13
CA ASN F 310 -15.26 -23.22 -15.99
C ASN F 310 -15.27 -21.75 -16.39
N TYR F 311 -16.30 -21.34 -17.12
CA TYR F 311 -16.39 -19.97 -17.59
C TYR F 311 -17.79 -19.42 -17.36
N PHE F 312 -17.85 -18.12 -17.14
CA PHE F 312 -19.09 -17.37 -17.17
C PHE F 312 -19.18 -16.76 -18.57
N ILE F 313 -20.09 -17.28 -19.38
CA ILE F 313 -20.15 -16.96 -20.80
C ILE F 313 -21.40 -16.14 -21.06
N THR F 314 -21.27 -15.08 -21.85
CA THR F 314 -22.37 -14.19 -22.21
C THR F 314 -22.33 -13.99 -23.72
N ASP F 315 -23.32 -14.54 -24.42
CA ASP F 315 -23.36 -14.46 -25.88
C ASP F 315 -23.90 -13.12 -26.32
N ALA F 316 -23.13 -12.38 -27.11
CA ALA F 316 -23.45 -10.98 -27.39
C ALA F 316 -24.57 -10.83 -28.41
N GLN F 317 -24.76 -11.80 -29.31
CA GLN F 317 -25.77 -11.64 -30.34
C GLN F 317 -27.17 -11.96 -29.83
N THR F 318 -27.29 -13.00 -29.00
CA THR F 318 -28.58 -13.44 -28.51
C THR F 318 -28.88 -13.03 -27.08
N GLY F 319 -27.86 -12.85 -26.25
CA GLY F 319 -28.08 -12.65 -24.85
C GLY F 319 -28.21 -13.92 -24.06
N SER F 320 -28.08 -15.08 -24.69
CA SER F 320 -28.00 -16.34 -23.98
C SER F 320 -26.69 -16.38 -23.20
N SER F 321 -26.74 -16.90 -21.98
CA SER F 321 -25.57 -16.88 -21.11
C SER F 321 -25.67 -18.02 -20.12
N LYS F 322 -24.54 -18.32 -19.49
CA LYS F 322 -24.47 -19.39 -18.48
C LYS F 322 -23.38 -19.09 -17.47
N CYS F 323 -23.74 -19.10 -16.19
CA CYS F 323 -22.80 -18.77 -15.13
C CYS F 323 -21.61 -19.71 -15.11
N VAL F 324 -21.88 -21.01 -15.18
CA VAL F 324 -20.85 -22.04 -15.09
C VAL F 324 -20.97 -22.91 -16.32
N CYS F 325 -20.05 -22.74 -17.26
CA CYS F 325 -19.96 -23.57 -18.45
C CYS F 325 -18.61 -24.27 -18.42
N SER F 326 -18.63 -25.60 -18.39
CA SER F 326 -17.42 -26.39 -18.26
C SER F 326 -16.92 -26.77 -19.65
N VAL F 327 -15.71 -26.34 -19.99
CA VAL F 327 -15.13 -26.49 -21.31
C VAL F 327 -13.90 -27.36 -21.22
N ILE F 328 -13.76 -28.31 -22.14
CA ILE F 328 -12.56 -29.14 -22.24
C ILE F 328 -12.10 -29.16 -23.68
N ASP F 329 -10.78 -29.12 -23.88
CA ASP F 329 -10.18 -28.98 -25.21
C ASP F 329 -9.54 -30.30 -25.61
N LEU F 330 -10.38 -31.25 -26.00
CA LEU F 330 -9.88 -32.49 -26.58
C LEU F 330 -9.80 -32.38 -28.09
N LEU F 331 -8.95 -33.22 -28.67
CA LEU F 331 -9.02 -33.45 -30.11
C LEU F 331 -10.40 -33.99 -30.44
N LEU F 332 -11.07 -33.33 -31.39
CA LEU F 332 -12.44 -33.69 -31.76
C LEU F 332 -12.59 -35.17 -32.05
N ASP F 333 -11.60 -35.77 -32.72
CA ASP F 333 -11.65 -37.21 -32.99
C ASP F 333 -11.51 -38.01 -31.70
N ASP F 334 -10.74 -37.51 -30.74
CA ASP F 334 -10.64 -38.19 -29.45
C ASP F 334 -11.98 -38.16 -28.71
N PHE F 335 -12.70 -37.04 -28.80
CA PHE F 335 -13.97 -36.89 -28.09
C PHE F 335 -15.09 -37.67 -28.74
N VAL F 336 -15.07 -37.83 -30.06
CA VAL F 336 -16.01 -38.72 -30.72
C VAL F 336 -15.78 -40.17 -30.29
N GLU F 337 -14.51 -40.58 -30.25
CA GLU F 337 -14.15 -41.91 -29.78
C GLU F 337 -14.58 -42.16 -28.33
N ILE F 338 -14.82 -41.11 -27.56
CA ILE F 338 -15.20 -41.27 -26.15
C ILE F 338 -16.71 -41.46 -26.01
N ILE F 339 -17.51 -40.54 -26.55
CA ILE F 339 -18.95 -40.61 -26.37
C ILE F 339 -19.60 -41.73 -27.17
N LYS F 340 -18.85 -42.37 -28.07
CA LYS F 340 -19.33 -43.57 -28.77
C LYS F 340 -19.00 -44.85 -28.02
N SER F 341 -18.24 -44.77 -26.94
CA SER F 341 -17.97 -45.90 -26.07
C SER F 341 -18.89 -45.92 -24.86
N GLN F 342 -20.08 -45.35 -24.99
CA GLN F 342 -21.00 -45.15 -23.88
C GLN F 342 -22.23 -46.02 -24.05
N ASP F 343 -22.77 -46.45 -22.90
CA ASP F 343 -24.03 -47.19 -22.85
C ASP F 343 -25.16 -46.18 -22.70
N LEU F 344 -26.04 -46.11 -23.69
CA LEU F 344 -27.08 -45.08 -23.75
C LEU F 344 -28.37 -45.48 -23.06
N SER F 345 -28.32 -46.44 -22.14
CA SER F 345 -29.53 -46.92 -21.49
C SER F 345 -29.53 -46.60 -20.00
N VAL F 346 -29.24 -45.34 -19.67
CA VAL F 346 -29.23 -44.88 -18.28
C VAL F 346 -29.64 -43.41 -18.27
N VAL F 347 -30.53 -43.07 -17.35
CA VAL F 347 -31.01 -41.69 -17.24
C VAL F 347 -29.94 -40.71 -16.79
N SER F 348 -28.94 -41.18 -16.03
CA SER F 348 -27.82 -40.33 -15.61
C SER F 348 -26.71 -41.18 -15.03
N LYS F 349 -25.48 -41.00 -15.51
CA LYS F 349 -24.36 -41.74 -14.99
C LYS F 349 -23.09 -40.90 -15.09
N VAL F 350 -22.10 -41.26 -14.30
CA VAL F 350 -20.84 -40.53 -14.21
C VAL F 350 -19.76 -41.38 -14.86
N VAL F 351 -19.28 -40.93 -15.99
CA VAL F 351 -18.23 -41.64 -16.72
C VAL F 351 -16.87 -41.16 -16.25
N LYS F 352 -15.89 -42.05 -16.32
CA LYS F 352 -14.52 -41.75 -15.96
C LYS F 352 -13.62 -41.94 -17.17
N VAL F 353 -12.91 -40.88 -17.55
CA VAL F 353 -11.95 -40.92 -18.65
C VAL F 353 -10.60 -40.48 -18.10
N THR F 354 -9.55 -41.20 -18.46
CA THR F 354 -8.20 -40.78 -18.08
C THR F 354 -7.74 -39.72 -19.07
N ILE F 355 -7.66 -38.48 -18.61
CA ILE F 355 -7.27 -37.34 -19.44
C ILE F 355 -6.18 -36.59 -18.70
N ASP F 356 -5.05 -36.36 -19.36
CA ASP F 356 -3.89 -35.70 -18.76
C ASP F 356 -3.44 -36.41 -17.50
N TYR F 357 -3.41 -37.74 -17.54
CA TYR F 357 -3.01 -38.64 -16.45
C TYR F 357 -3.97 -38.63 -15.27
N THR F 358 -5.12 -37.98 -15.36
CA THR F 358 -6.05 -37.94 -14.23
C THR F 358 -7.45 -38.31 -14.70
N GLU F 359 -8.30 -38.65 -13.74
CA GLU F 359 -9.65 -39.10 -14.02
C GLU F 359 -10.60 -37.90 -14.07
N ILE F 360 -11.42 -37.83 -15.12
CA ILE F 360 -12.35 -36.73 -15.32
C ILE F 360 -13.76 -37.29 -15.28
N SER F 361 -14.62 -36.68 -14.46
CA SER F 361 -16.01 -37.08 -14.35
C SER F 361 -16.84 -36.35 -15.41
N PHE F 362 -17.43 -37.12 -16.31
CA PHE F 362 -18.40 -36.61 -17.27
C PHE F 362 -19.79 -37.05 -16.84
N MET F 363 -20.73 -36.11 -16.84
CA MET F 363 -22.12 -36.41 -16.58
C MET F 363 -22.82 -36.68 -17.91
N LEU F 364 -23.46 -37.84 -18.02
CA LEU F 364 -24.12 -38.27 -19.26
C LEU F 364 -25.61 -38.40 -19.01
N TRP F 365 -26.39 -37.43 -19.50
CA TRP F 365 -27.82 -37.55 -19.51
C TRP F 365 -28.29 -38.25 -20.78
N CYS F 366 -29.29 -39.11 -20.64
CA CYS F 366 -29.83 -39.82 -21.79
C CYS F 366 -31.34 -39.91 -21.65
N LYS F 367 -32.00 -40.12 -22.78
CA LYS F 367 -33.45 -40.22 -22.82
C LYS F 367 -33.86 -40.89 -24.12
N ASP F 368 -34.67 -41.93 -24.03
CA ASP F 368 -35.09 -42.73 -25.19
C ASP F 368 -33.89 -43.27 -25.96
N GLY F 369 -32.88 -43.72 -25.23
CA GLY F 369 -31.73 -44.34 -25.84
C GLY F 369 -30.85 -43.42 -26.65
N HIS F 370 -30.98 -42.11 -26.46
CA HIS F 370 -30.14 -41.14 -27.15
C HIS F 370 -29.61 -40.13 -26.14
N VAL F 371 -28.48 -39.50 -26.48
CA VAL F 371 -27.86 -38.54 -25.59
C VAL F 371 -28.67 -37.26 -25.55
N GLU F 372 -28.79 -36.68 -24.36
CA GLU F 372 -29.28 -35.33 -24.18
C GLU F 372 -28.15 -34.33 -24.04
N THR F 373 -27.21 -34.60 -23.14
CA THR F 373 -26.03 -33.78 -22.98
C THR F 373 -24.94 -34.64 -22.37
N PHE F 374 -23.73 -34.10 -22.39
CA PHE F 374 -22.54 -34.84 -21.94
C PHE F 374 -21.44 -33.81 -21.75
N TYR F 375 -21.12 -33.51 -20.50
CA TYR F 375 -20.24 -32.39 -20.18
C TYR F 375 -19.30 -32.79 -19.06
N PRO F 376 -18.12 -32.18 -19.01
CA PRO F 376 -17.15 -32.55 -17.97
C PRO F 376 -17.41 -31.82 -16.67
N LYS F 377 -16.77 -32.33 -15.62
CA LYS F 377 -16.76 -31.70 -14.31
C LYS F 377 -15.39 -31.12 -14.03
N LEU F 378 -15.35 -29.91 -13.48
CA LEU F 378 -14.10 -29.25 -13.12
C LEU F 378 -13.28 -30.10 -12.16
#